data_6CEC
# 
_entry.id   6CEC 
# 
_audit_conform.dict_name       mmcif_pdbx.dic 
_audit_conform.dict_version    5.379 
_audit_conform.dict_location   http://mmcif.pdb.org/dictionaries/ascii/mmcif_pdbx.dic 
# 
loop_
_database_2.database_id 
_database_2.database_code 
_database_2.pdbx_database_accession 
_database_2.pdbx_DOI 
PDB   6CEC         pdb_00006cec 10.2210/pdb6cec/pdb 
WWPDB D_1000232613 ?            ?                   
# 
_pdbx_database_status.status_code                     REL 
_pdbx_database_status.status_code_sf                  REL 
_pdbx_database_status.status_code_mr                  ? 
_pdbx_database_status.entry_id                        6CEC 
_pdbx_database_status.recvd_initial_deposition_date   2018-02-11 
_pdbx_database_status.SG_entry                        Y 
_pdbx_database_status.deposit_site                    RCSB 
_pdbx_database_status.process_site                    RCSB 
_pdbx_database_status.status_code_cs                  ? 
_pdbx_database_status.methods_development_category    ? 
_pdbx_database_status.pdb_format_compatible           Y 
_pdbx_database_status.status_code_nmr_data            ? 
# 
loop_
_audit_author.name 
_audit_author.pdbx_ordinal 
_audit_author.identifier_ORCID 
'Harding, R.J.'                        1  ? 
'Halabelian, L.'                       2  ? 
'Ferreira de Freitas, R.'              3  ? 
'Franzoni, I.'                         4  ? 
'Ravichandran, M.'                     5  ? 
'Lautens, M.'                          6  ? 
'Santhakumar, V.'                      7  ? 
'Schapira, M.'                         8  ? 
'Bountra, C.'                          9  ? 
'Edwards, A.M.'                        10 ? 
'Arrowsmith, C.M.'                     11 ? 
'Structural Genomics Consortium (SGC)' 12 ? 
# 
_citation.abstract                  ? 
_citation.abstract_id_CAS           ? 
_citation.book_id_ISBN              ? 
_citation.book_publisher            ? 
_citation.book_publisher_city       ? 
_citation.book_title                ? 
_citation.coordinate_linkage        ? 
_citation.country                   US 
_citation.database_id_Medline       ? 
_citation.details                   ? 
_citation.id                        primary 
_citation.journal_abbrev            'J. Med. Chem.' 
_citation.journal_id_ASTM           JMCMAR 
_citation.journal_id_CSD            0151 
_citation.journal_id_ISSN           1520-4804 
_citation.journal_full              ? 
_citation.journal_issue             ? 
_citation.journal_volume            61 
_citation.language                  ? 
_citation.page_first                4517 
_citation.page_last                 4527 
_citation.title                     
'Identification and Structure-Activity Relationship of HDAC6 Zinc-Finger Ubiquitin Binding Domain Inhibitors.' 
_citation.year                      2018 
_citation.database_id_CSD           ? 
_citation.pdbx_database_id_DOI      10.1021/acs.jmedchem.8b00258 
_citation.pdbx_database_id_PubMed   29741882 
_citation.unpublished_flag          ? 
# 
loop_
_citation_author.citation_id 
_citation_author.name 
_citation_author.ordinal 
_citation_author.identifier_ORCID 
primary 'Ferreira de Freitas, R.' 1  ? 
primary 'Harding, R.J.'           2  ? 
primary 'Franzoni, I.'            3  ? 
primary 'Ravichandran, M.'        4  ? 
primary 'Mann, M.K.'              5  ? 
primary 'Ouyang, H.'              6  ? 
primary 'Lautens, M.'             7  ? 
primary 'Santhakumar, V.'         8  ? 
primary 'Arrowsmith, C.H.'        9  ? 
primary 'Schapira, M.'            10 ? 
# 
_cell.length_a           40.780 
_cell.length_b           43.840 
_cell.length_c           55.800 
_cell.angle_alpha        90.000 
_cell.angle_beta         90.000 
_cell.angle_gamma        90.000 
_cell.entry_id           6CEC 
_cell.Z_PDB              4 
_cell.pdbx_unique_axis   ? 
# 
_symmetry.space_group_name_H-M             'P 21 21 21' 
_symmetry.entry_id                         6CEC 
_symmetry.Int_Tables_number                19 
_symmetry.pdbx_full_space_group_name_H-M   ? 
_symmetry.cell_setting                     ? 
# 
loop_
_entity.id 
_entity.type 
_entity.src_method 
_entity.pdbx_description 
_entity.formula_weight 
_entity.pdbx_number_of_molecules 
_entity.pdbx_ec 
_entity.pdbx_mutation 
_entity.pdbx_fragment 
_entity.details 
1 polymer     man 'Histone deacetylase 6'                      11932.607 1  3.5.1.98 ? ? ? 
2 non-polymer syn 'ZINC ION'                                   65.409    3  ?        ? ? ? 
3 non-polymer syn 'UNKNOWN ATOM OR ION'                        ?         5  ?        ? ? ? 
4 non-polymer syn '3-(3-methoxyquinoxalin-2-yl)propanoic acid' 232.235   1  ?        ? ? ? 
5 water       nat water                                        18.015    69 ?        ? ? ? 
# 
_entity_name_com.entity_id   1 
_entity_name_com.name        HD6 
# 
_entity_poly.entity_id                      1 
_entity_poly.type                           'polypeptide(L)' 
_entity_poly.nstd_linkage                   no 
_entity_poly.nstd_monomer                   no 
_entity_poly.pdbx_seq_one_letter_code       
;GSPLPWCPHLVAVCPIPAAGLDVTQPCGDCGTIQENWVCLSCYQVYCGRYINGHMLQHHGNSGHPLVLSYIDLSAWCYYC
QAYVHHQALLDVKNIAHQNKFGEDMPH
;
_entity_poly.pdbx_seq_one_letter_code_can   
;GSPLPWCPHLVAVCPIPAAGLDVTQPCGDCGTIQENWVCLSCYQVYCGRYINGHMLQHHGNSGHPLVLSYIDLSAWCYYC
QAYVHHQALLDVKNIAHQNKFGEDMPH
;
_entity_poly.pdbx_strand_id                 A 
_entity_poly.pdbx_target_identifier         ? 
# 
loop_
_entity_poly_seq.entity_id 
_entity_poly_seq.num 
_entity_poly_seq.mon_id 
_entity_poly_seq.hetero 
1 1   GLY n 
1 2   SER n 
1 3   PRO n 
1 4   LEU n 
1 5   PRO n 
1 6   TRP n 
1 7   CYS n 
1 8   PRO n 
1 9   HIS n 
1 10  LEU n 
1 11  VAL n 
1 12  ALA n 
1 13  VAL n 
1 14  CYS n 
1 15  PRO n 
1 16  ILE n 
1 17  PRO n 
1 18  ALA n 
1 19  ALA n 
1 20  GLY n 
1 21  LEU n 
1 22  ASP n 
1 23  VAL n 
1 24  THR n 
1 25  GLN n 
1 26  PRO n 
1 27  CYS n 
1 28  GLY n 
1 29  ASP n 
1 30  CYS n 
1 31  GLY n 
1 32  THR n 
1 33  ILE n 
1 34  GLN n 
1 35  GLU n 
1 36  ASN n 
1 37  TRP n 
1 38  VAL n 
1 39  CYS n 
1 40  LEU n 
1 41  SER n 
1 42  CYS n 
1 43  TYR n 
1 44  GLN n 
1 45  VAL n 
1 46  TYR n 
1 47  CYS n 
1 48  GLY n 
1 49  ARG n 
1 50  TYR n 
1 51  ILE n 
1 52  ASN n 
1 53  GLY n 
1 54  HIS n 
1 55  MET n 
1 56  LEU n 
1 57  GLN n 
1 58  HIS n 
1 59  HIS n 
1 60  GLY n 
1 61  ASN n 
1 62  SER n 
1 63  GLY n 
1 64  HIS n 
1 65  PRO n 
1 66  LEU n 
1 67  VAL n 
1 68  LEU n 
1 69  SER n 
1 70  TYR n 
1 71  ILE n 
1 72  ASP n 
1 73  LEU n 
1 74  SER n 
1 75  ALA n 
1 76  TRP n 
1 77  CYS n 
1 78  TYR n 
1 79  TYR n 
1 80  CYS n 
1 81  GLN n 
1 82  ALA n 
1 83  TYR n 
1 84  VAL n 
1 85  HIS n 
1 86  HIS n 
1 87  GLN n 
1 88  ALA n 
1 89  LEU n 
1 90  LEU n 
1 91  ASP n 
1 92  VAL n 
1 93  LYS n 
1 94  ASN n 
1 95  ILE n 
1 96  ALA n 
1 97  HIS n 
1 98  GLN n 
1 99  ASN n 
1 100 LYS n 
1 101 PHE n 
1 102 GLY n 
1 103 GLU n 
1 104 ASP n 
1 105 MET n 
1 106 PRO n 
1 107 HIS n 
# 
_entity_src_gen.entity_id                          1 
_entity_src_gen.pdbx_src_id                        1 
_entity_src_gen.pdbx_alt_source_flag               sample 
_entity_src_gen.pdbx_seq_type                      'Biological sequence' 
_entity_src_gen.pdbx_beg_seq_num                   1 
_entity_src_gen.pdbx_end_seq_num                   107 
_entity_src_gen.gene_src_common_name               Human 
_entity_src_gen.gene_src_genus                     ? 
_entity_src_gen.pdbx_gene_src_gene                 'HDAC6, KIAA0901, JM21' 
_entity_src_gen.gene_src_species                   ? 
_entity_src_gen.gene_src_strain                    ? 
_entity_src_gen.gene_src_tissue                    ? 
_entity_src_gen.gene_src_tissue_fraction           ? 
_entity_src_gen.gene_src_details                   ? 
_entity_src_gen.pdbx_gene_src_fragment             ? 
_entity_src_gen.pdbx_gene_src_scientific_name      'Homo sapiens' 
_entity_src_gen.pdbx_gene_src_ncbi_taxonomy_id     9606 
_entity_src_gen.pdbx_gene_src_variant              ? 
_entity_src_gen.pdbx_gene_src_cell_line            ? 
_entity_src_gen.pdbx_gene_src_atcc                 ? 
_entity_src_gen.pdbx_gene_src_organ                ? 
_entity_src_gen.pdbx_gene_src_organelle            ? 
_entity_src_gen.pdbx_gene_src_cell                 ? 
_entity_src_gen.pdbx_gene_src_cellular_location    ? 
_entity_src_gen.host_org_common_name               ? 
_entity_src_gen.pdbx_host_org_scientific_name      'Escherichia coli' 
_entity_src_gen.pdbx_host_org_ncbi_taxonomy_id     469008 
_entity_src_gen.host_org_genus                     ? 
_entity_src_gen.pdbx_host_org_gene                 ? 
_entity_src_gen.pdbx_host_org_organ                ? 
_entity_src_gen.host_org_species                   ? 
_entity_src_gen.pdbx_host_org_tissue               ? 
_entity_src_gen.pdbx_host_org_tissue_fraction      ? 
_entity_src_gen.pdbx_host_org_strain               'BL21 (DE3) codon plus' 
_entity_src_gen.pdbx_host_org_variant              ? 
_entity_src_gen.pdbx_host_org_cell_line            ? 
_entity_src_gen.pdbx_host_org_atcc                 ? 
_entity_src_gen.pdbx_host_org_culture_collection   ? 
_entity_src_gen.pdbx_host_org_cell                 ? 
_entity_src_gen.pdbx_host_org_organelle            ? 
_entity_src_gen.pdbx_host_org_cellular_location    ? 
_entity_src_gen.pdbx_host_org_vector_type          ? 
_entity_src_gen.pdbx_host_org_vector               ? 
_entity_src_gen.host_org_details                   ? 
_entity_src_gen.expression_system_id               ? 
_entity_src_gen.plasmid_name                       pET28-lic 
_entity_src_gen.plasmid_details                    ? 
_entity_src_gen.pdbx_description                   ? 
# 
_struct_ref.id                         1 
_struct_ref.db_name                    UNP 
_struct_ref.db_code                    HDAC6_HUMAN 
_struct_ref.pdbx_db_accession          Q9UBN7 
_struct_ref.pdbx_db_isoform            ? 
_struct_ref.entity_id                  1 
_struct_ref.pdbx_seq_one_letter_code   
;PLPWCPHLVAVCPIPAAGLDVTQPCGDCGTIQENWVCLSCYQVYCGRYINGHMLQHHGNSGHPLVLSYIDLSAWCYYCQA
YVHHQALLDVKNIAHQNKFGEDMPH
;
_struct_ref.pdbx_align_begin           1109 
# 
_struct_ref_seq.align_id                      1 
_struct_ref_seq.ref_id                        1 
_struct_ref_seq.pdbx_PDB_id_code              6CEC 
_struct_ref_seq.pdbx_strand_id                A 
_struct_ref_seq.seq_align_beg                 3 
_struct_ref_seq.pdbx_seq_align_beg_ins_code   ? 
_struct_ref_seq.seq_align_end                 107 
_struct_ref_seq.pdbx_seq_align_end_ins_code   ? 
_struct_ref_seq.pdbx_db_accession             Q9UBN7 
_struct_ref_seq.db_align_beg                  1109 
_struct_ref_seq.pdbx_db_align_beg_ins_code    ? 
_struct_ref_seq.db_align_end                  1213 
_struct_ref_seq.pdbx_db_align_end_ins_code    ? 
_struct_ref_seq.pdbx_auth_seq_align_beg       1109 
_struct_ref_seq.pdbx_auth_seq_align_end       1213 
# 
loop_
_struct_ref_seq_dif.align_id 
_struct_ref_seq_dif.pdbx_pdb_id_code 
_struct_ref_seq_dif.mon_id 
_struct_ref_seq_dif.pdbx_pdb_strand_id 
_struct_ref_seq_dif.seq_num 
_struct_ref_seq_dif.pdbx_pdb_ins_code 
_struct_ref_seq_dif.pdbx_seq_db_name 
_struct_ref_seq_dif.pdbx_seq_db_accession_code 
_struct_ref_seq_dif.db_mon_id 
_struct_ref_seq_dif.pdbx_seq_db_seq_num 
_struct_ref_seq_dif.details 
_struct_ref_seq_dif.pdbx_auth_seq_num 
_struct_ref_seq_dif.pdbx_ordinal 
1 6CEC GLY A 1 ? UNP Q9UBN7 ? ? 'expression tag' 1107 1 
1 6CEC SER A 2 ? UNP Q9UBN7 ? ? 'expression tag' 1108 2 
# 
loop_
_chem_comp.id 
_chem_comp.type 
_chem_comp.mon_nstd_flag 
_chem_comp.name 
_chem_comp.pdbx_synonyms 
_chem_comp.formula 
_chem_comp.formula_weight 
ALA 'L-peptide linking' y ALANINE                                      ? 'C3 H7 N O2'     89.093  
ARG 'L-peptide linking' y ARGININE                                     ? 'C6 H15 N4 O2 1' 175.209 
ASN 'L-peptide linking' y ASPARAGINE                                   ? 'C4 H8 N2 O3'    132.118 
ASP 'L-peptide linking' y 'ASPARTIC ACID'                              ? 'C4 H7 N O4'     133.103 
CYS 'L-peptide linking' y CYSTEINE                                     ? 'C3 H7 N O2 S'   121.158 
EY7 non-polymer         . '3-(3-methoxyquinoxalin-2-yl)propanoic acid' ? 'C12 H12 N2 O3'  232.235 
GLN 'L-peptide linking' y GLUTAMINE                                    ? 'C5 H10 N2 O3'   146.144 
GLU 'L-peptide linking' y 'GLUTAMIC ACID'                              ? 'C5 H9 N O4'     147.129 
GLY 'peptide linking'   y GLYCINE                                      ? 'C2 H5 N O2'     75.067  
HIS 'L-peptide linking' y HISTIDINE                                    ? 'C6 H10 N3 O2 1' 156.162 
HOH non-polymer         . WATER                                        ? 'H2 O'           18.015  
ILE 'L-peptide linking' y ISOLEUCINE                                   ? 'C6 H13 N O2'    131.173 
LEU 'L-peptide linking' y LEUCINE                                      ? 'C6 H13 N O2'    131.173 
LYS 'L-peptide linking' y LYSINE                                       ? 'C6 H15 N2 O2 1' 147.195 
MET 'L-peptide linking' y METHIONINE                                   ? 'C5 H11 N O2 S'  149.211 
PHE 'L-peptide linking' y PHENYLALANINE                                ? 'C9 H11 N O2'    165.189 
PRO 'L-peptide linking' y PROLINE                                      ? 'C5 H9 N O2'     115.130 
SER 'L-peptide linking' y SERINE                                       ? 'C3 H7 N O3'     105.093 
THR 'L-peptide linking' y THREONINE                                    ? 'C4 H9 N O3'     119.119 
TRP 'L-peptide linking' y TRYPTOPHAN                                   ? 'C11 H12 N2 O2'  204.225 
TYR 'L-peptide linking' y TYROSINE                                     ? 'C9 H11 N O3'    181.189 
UNX non-polymer         . 'UNKNOWN ATOM OR ION'                        ? ?                ?       
VAL 'L-peptide linking' y VALINE                                       ? 'C5 H11 N O2'    117.146 
ZN  non-polymer         . 'ZINC ION'                                   ? 'Zn 2'           65.409  
# 
_exptl.absorpt_coefficient_mu     ? 
_exptl.absorpt_correction_T_max   ? 
_exptl.absorpt_correction_T_min   ? 
_exptl.absorpt_correction_type    ? 
_exptl.absorpt_process_details    ? 
_exptl.entry_id                   6CEC 
_exptl.crystals_number            1 
_exptl.details                    ? 
_exptl.method                     'X-RAY DIFFRACTION' 
_exptl.method_details             ? 
# 
_exptl_crystal.colour                      ? 
_exptl_crystal.density_diffrn              ? 
_exptl_crystal.density_Matthews            2.09 
_exptl_crystal.density_method              ? 
_exptl_crystal.density_percent_sol         41.07 
_exptl_crystal.description                 ? 
_exptl_crystal.F_000                       ? 
_exptl_crystal.id                          1 
_exptl_crystal.preparation                 ? 
_exptl_crystal.size_max                    ? 
_exptl_crystal.size_mid                    ? 
_exptl_crystal.size_min                    ? 
_exptl_crystal.size_rad                    ? 
_exptl_crystal.colour_lustre               ? 
_exptl_crystal.colour_modifier             ? 
_exptl_crystal.colour_primary              ? 
_exptl_crystal.density_meas                ? 
_exptl_crystal.density_meas_esd            ? 
_exptl_crystal.density_meas_gt             ? 
_exptl_crystal.density_meas_lt             ? 
_exptl_crystal.density_meas_temp           ? 
_exptl_crystal.density_meas_temp_esd       ? 
_exptl_crystal.density_meas_temp_gt        ? 
_exptl_crystal.density_meas_temp_lt        ? 
_exptl_crystal.pdbx_crystal_image_url      ? 
_exptl_crystal.pdbx_crystal_image_format   ? 
_exptl_crystal.pdbx_mosaicity              0.000 
_exptl_crystal.pdbx_mosaicity_esd          ? 
# 
_exptl_crystal_grow.apparatus       ? 
_exptl_crystal_grow.atmosphere      ? 
_exptl_crystal_grow.crystal_id      1 
_exptl_crystal_grow.details         ? 
_exptl_crystal_grow.method          'VAPOR DIFFUSION, SITTING DROP' 
_exptl_crystal_grow.method_ref      ? 
_exptl_crystal_grow.pH              4.6 
_exptl_crystal_grow.pressure        ? 
_exptl_crystal_grow.pressure_esd    ? 
_exptl_crystal_grow.seeding         ? 
_exptl_crystal_grow.seeding_ref     ? 
_exptl_crystal_grow.temp            291 
_exptl_crystal_grow.temp_details    ? 
_exptl_crystal_grow.temp_esd        ? 
_exptl_crystal_grow.time            ? 
_exptl_crystal_grow.pdbx_details    '2 M Na-formate, 0.2 M Na-acetate pH4.6, 5 % ethylene glycol' 
_exptl_crystal_grow.pdbx_pH_range   ? 
# 
_diffrn.ambient_environment    ? 
_diffrn.ambient_temp           100 
_diffrn.ambient_temp_details   ? 
_diffrn.ambient_temp_esd       ? 
_diffrn.crystal_id             1 
_diffrn.crystal_support        ? 
_diffrn.crystal_treatment      ? 
_diffrn.details                ? 
_diffrn.id                     1 
_diffrn.ambient_pressure       ? 
_diffrn.ambient_pressure_esd   ? 
_diffrn.ambient_pressure_gt    ? 
_diffrn.ambient_pressure_lt    ? 
_diffrn.ambient_temp_gt        ? 
_diffrn.ambient_temp_lt        ? 
# 
_diffrn_detector.details                      ? 
_diffrn_detector.detector                     CCD 
_diffrn_detector.diffrn_id                    1 
_diffrn_detector.type                         'RIGAKU SATURN A200' 
_diffrn_detector.area_resol_mean              ? 
_diffrn_detector.dtime                        ? 
_diffrn_detector.pdbx_frames_total            ? 
_diffrn_detector.pdbx_collection_time_total   ? 
_diffrn_detector.pdbx_collection_date         2018-02-06 
# 
_diffrn_radiation.collimation                      ? 
_diffrn_radiation.diffrn_id                        1 
_diffrn_radiation.filter_edge                      ? 
_diffrn_radiation.inhomogeneity                    ? 
_diffrn_radiation.monochromator                    ? 
_diffrn_radiation.polarisn_norm                    ? 
_diffrn_radiation.polarisn_ratio                   ? 
_diffrn_radiation.probe                            ? 
_diffrn_radiation.type                             ? 
_diffrn_radiation.xray_symbol                      ? 
_diffrn_radiation.wavelength_id                    1 
_diffrn_radiation.pdbx_monochromatic_or_laue_m_l   M 
_diffrn_radiation.pdbx_wavelength_list             ? 
_diffrn_radiation.pdbx_wavelength                  ? 
_diffrn_radiation.pdbx_diffrn_protocol             'SINGLE WAVELENGTH' 
_diffrn_radiation.pdbx_analyzer                    ? 
_diffrn_radiation.pdbx_scattering_type             x-ray 
# 
_diffrn_radiation_wavelength.id           1 
_diffrn_radiation_wavelength.wavelength   1.54178 
_diffrn_radiation_wavelength.wt           1.0 
# 
_diffrn_source.current                     ? 
_diffrn_source.details                     ? 
_diffrn_source.diffrn_id                   1 
_diffrn_source.power                       ? 
_diffrn_source.size                        ? 
_diffrn_source.source                      'ROTATING ANODE' 
_diffrn_source.target                      ? 
_diffrn_source.type                        'RIGAKU FR-E SUPERBRIGHT' 
_diffrn_source.voltage                     ? 
_diffrn_source.take-off_angle              ? 
_diffrn_source.pdbx_wavelength_list        1.54178 
_diffrn_source.pdbx_wavelength             ? 
_diffrn_source.pdbx_synchrotron_beamline   ? 
_diffrn_source.pdbx_synchrotron_site       ? 
# 
_reflns.entry_id                     6CEC 
_reflns.pdbx_diffrn_id               1 
_reflns.pdbx_ordinal                 1 
_reflns.observed_criterion_sigma_I   ? 
_reflns.observed_criterion_sigma_F   ? 
_reflns.d_resolution_low             32.920 
_reflns.d_resolution_high            1.550 
_reflns.number_obs                   15017 
_reflns.number_all                   ? 
_reflns.percent_possible_obs         99.600 
_reflns.pdbx_Rmerge_I_obs            0.036 
_reflns.pdbx_Rsym_value              ? 
_reflns.pdbx_netI_over_sigmaI        29.300 
_reflns.B_iso_Wilson_estimate        ? 
_reflns.pdbx_redundancy              6.700 
_reflns.pdbx_Rrim_I_all              0.039 
_reflns.pdbx_Rpim_I_all              0.015 
_reflns.pdbx_CC_half                 1.000 
_reflns.pdbx_netI_over_av_sigmaI     ? 
_reflns.pdbx_number_measured_all     100667 
_reflns.pdbx_scaling_rejects         1 
_reflns.pdbx_chi_squared             ? 
_reflns.Rmerge_F_all                 ? 
_reflns.Rmerge_F_obs                 ? 
_reflns.observed_criterion_F_max     ? 
_reflns.observed_criterion_F_min     ? 
_reflns.observed_criterion_I_max     ? 
_reflns.observed_criterion_I_min     ? 
_reflns.pdbx_d_res_high_opt          ? 
_reflns.pdbx_d_res_low_opt           ? 
_reflns.details                      ? 
# 
loop_
_reflns_shell.pdbx_diffrn_id 
_reflns_shell.pdbx_ordinal 
_reflns_shell.d_res_high 
_reflns_shell.d_res_low 
_reflns_shell.number_measured_obs 
_reflns_shell.number_measured_all 
_reflns_shell.number_unique_obs 
_reflns_shell.pdbx_rejects 
_reflns_shell.Rmerge_I_obs 
_reflns_shell.meanI_over_sigI_obs 
_reflns_shell.pdbx_Rsym_value 
_reflns_shell.pdbx_chi_squared 
_reflns_shell.pdbx_redundancy 
_reflns_shell.percent_possible_obs 
_reflns_shell.pdbx_netI_over_sigmaI_obs 
_reflns_shell.number_possible 
_reflns_shell.number_unique_all 
_reflns_shell.Rmerge_F_all 
_reflns_shell.Rmerge_F_obs 
_reflns_shell.Rmerge_I_all 
_reflns_shell.meanI_over_sigI_all 
_reflns_shell.percent_possible_all 
_reflns_shell.pdbx_Rrim_I_all 
_reflns_shell.pdbx_Rpim_I_all 
_reflns_shell.pdbx_CC_half 
1 1 1.550 1.580  ? 4512 731 ? 0.226 ? ? ? 6.200 ? 8.100  ? ? ? ? ? ? 98.700 0.247 0.098 0.984 
1 2 8.490 32.920 ? 588  119 ? 0.023 ? ? ? 4.900 ? 50.900 ? ? ? ? ? ? 99.100 0.026 0.011 1.000 
# 
_refine.entry_id                                 6CEC 
_refine.pdbx_refine_id                           'X-RAY DIFFRACTION' 
_refine.ls_d_res_high                            1.5500 
_refine.ls_d_res_low                             32.9000 
_refine.pdbx_ls_sigma_F                          0.000 
_refine.pdbx_data_cutoff_high_absF               ? 
_refine.pdbx_data_cutoff_low_absF                ? 
_refine.ls_percent_reflns_obs                    99.3600 
_refine.ls_number_reflns_obs                     14256 
_refine.ls_number_reflns_all                     ? 
_refine.pdbx_ls_cross_valid_method               THROUGHOUT 
_refine.ls_matrix_type                           ? 
_refine.pdbx_R_Free_selection_details            RANDOM 
_refine.details                                  
;Users of this crystal structure: verify our intepretion of the electron density. Amplitudes and unmerged intensities are included with this deposition. Diffraction images will be deposited at a later date in a public repository. Geometry restraints for the ligand were prepared with GRADE.
;
_refine.ls_R_factor_all                          ? 
_refine.ls_R_factor_obs                          0.1631 
_refine.ls_R_factor_R_work                       0.1619 
_refine.ls_wR_factor_R_work                      ? 
_refine.ls_R_factor_R_free                       0.1860 
_refine.ls_wR_factor_R_free                      ? 
_refine.ls_percent_reflns_R_free                 4.8000 
_refine.ls_number_reflns_R_free                  723 
_refine.ls_number_reflns_R_work                  ? 
_refine.ls_R_factor_R_free_error                 ? 
_refine.B_iso_mean                               15.8390 
_refine.solvent_model_param_bsol                 ? 
_refine.solvent_model_param_ksol                 ? 
_refine.pdbx_isotropic_thermal_model             ? 
_refine.aniso_B[1][1]                            -0.4100 
_refine.aniso_B[2][2]                            2.0100 
_refine.aniso_B[3][3]                            -1.6000 
_refine.aniso_B[1][2]                            0.0000 
_refine.aniso_B[1][3]                            0.0000 
_refine.aniso_B[2][3]                            -0.0000 
_refine.correlation_coeff_Fo_to_Fc               0.9650 
_refine.correlation_coeff_Fo_to_Fc_free          0.9590 
_refine.overall_SU_R_Cruickshank_DPI             ? 
_refine.pdbx_overall_SU_R_free_Cruickshank_DPI   ? 
_refine.pdbx_overall_SU_R_Blow_DPI               ? 
_refine.pdbx_overall_SU_R_free_Blow_DPI          ? 
_refine.overall_SU_R_free                        ? 
_refine.pdbx_overall_ESU_R                       0.0740 
_refine.pdbx_overall_ESU_R_Free                  0.0730 
_refine.overall_SU_ML                            0.0450 
_refine.overall_SU_B                             1.2320 
_refine.solvent_model_details                    MASK 
_refine.pdbx_solvent_vdw_probe_radii             1.2000 
_refine.pdbx_solvent_ion_probe_radii             0.8000 
_refine.pdbx_solvent_shrinkage_radii             0.8000 
_refine.ls_number_parameters                     ? 
_refine.ls_number_restraints                     ? 
_refine.pdbx_starting_model                      'pdbid 5KH3' 
_refine.pdbx_method_to_determine_struct          ? 
_refine.pdbx_stereochemistry_target_values       'MAXIMUM LIKELIHOOD' 
_refine.pdbx_stereochem_target_val_spec_case     ? 
_refine.overall_FOM_work_R_set                   ? 
_refine.B_iso_max                                40.420 
_refine.B_iso_min                                8.720 
_refine.pdbx_overall_phase_error                 ? 
_refine.occupancy_max                            ? 
_refine.occupancy_min                            ? 
_refine.pdbx_diffrn_id                           1 
_refine.pdbx_TLS_residual_ADP_flag               ? 
_refine.pdbx_ls_sigma_I                          ? 
_refine.pdbx_data_cutoff_high_rms_absF           ? 
_refine.ls_R_factor_R_free_error_details         ? 
# 
_refine_hist.cycle_id                         final 
_refine_hist.pdbx_refine_id                   'X-RAY DIFFRACTION' 
_refine_hist.d_res_high                       1.5500 
_refine_hist.d_res_low                        32.9000 
_refine_hist.pdbx_number_atoms_ligand         25 
_refine_hist.number_atoms_solvent             69 
_refine_hist.number_atoms_total               872 
_refine_hist.pdbx_number_residues_total       100 
_refine_hist.pdbx_B_iso_mean_ligand           21.10 
_refine_hist.pdbx_B_iso_mean_solvent          25.80 
_refine_hist.pdbx_number_atoms_protein        778 
_refine_hist.pdbx_number_atoms_nucleic_acid   0 
# 
loop_
_refine_ls_restr.pdbx_refine_id 
_refine_ls_restr.type 
_refine_ls_restr.number 
_refine_ls_restr.dev_ideal 
_refine_ls_restr.dev_ideal_target 
_refine_ls_restr.weight 
_refine_ls_restr.pdbx_restraint_function 
'X-RAY DIFFRACTION' r_bond_refined_d       854  0.024  0.019  ? ? 
'X-RAY DIFFRACTION' r_bond_other_d         705  0.002  0.020  ? ? 
'X-RAY DIFFRACTION' r_angle_refined_deg    1174 1.742  1.916  ? ? 
'X-RAY DIFFRACTION' r_angle_other_deg      1635 1.188  3.010  ? ? 
'X-RAY DIFFRACTION' r_dihedral_angle_1_deg 103  6.449  5.000  ? ? 
'X-RAY DIFFRACTION' r_dihedral_angle_2_deg 38   34.413 24.474 ? ? 
'X-RAY DIFFRACTION' r_dihedral_angle_3_deg 111  11.835 15.000 ? ? 
'X-RAY DIFFRACTION' r_dihedral_angle_4_deg 1    16.330 15.000 ? ? 
'X-RAY DIFFRACTION' r_chiral_restr         119  0.107  0.200  ? ? 
'X-RAY DIFFRACTION' r_gen_planes_refined   1026 0.010  0.021  ? ? 
'X-RAY DIFFRACTION' r_gen_planes_other     171  0.002  0.020  ? ? 
# 
_refine_ls_shell.d_res_high                       1.5500 
_refine_ls_shell.d_res_low                        1.5900 
_refine_ls_shell.pdbx_total_number_of_bins_used   20 
_refine_ls_shell.percent_reflns_obs               97.6100 
_refine_ls_shell.number_reflns_R_work             1008 
_refine_ls_shell.R_factor_all                     ? 
_refine_ls_shell.R_factor_R_work                  0.1740 
_refine_ls_shell.R_factor_R_free                  0.1780 
_refine_ls_shell.percent_reflns_R_free            ? 
_refine_ls_shell.number_reflns_R_free             53 
_refine_ls_shell.R_factor_R_free_error            0.0000 
_refine_ls_shell.number_reflns_all                1061 
_refine_ls_shell.number_reflns_obs                ? 
_refine_ls_shell.pdbx_refine_id                   'X-RAY DIFFRACTION' 
# 
_struct.entry_id                     6CEC 
_struct.title                        
;Crystal structure of fragment 3-(3-Methoxy-2-quinoxalinyl)propanoic acid bound in the ubiquitin binding pocket of the HDAC6 zinc-finger domain
;
_struct.pdbx_model_details           ? 
_struct.pdbx_formula_weight          ? 
_struct.pdbx_formula_weight_method   ? 
_struct.pdbx_model_type_details      ? 
_struct.pdbx_CASP_flag               N 
# 
_struct_keywords.entry_id        6CEC 
_struct_keywords.text            'HISTONE DEACETYLASE, HDAC, HDAC6, UBIQUITIN, STRUCTURAL GENOMICS CONSORTIUM, SGC, HYDROLASE' 
_struct_keywords.pdbx_keywords   HYDROLASE 
# 
loop_
_struct_asym.id 
_struct_asym.pdbx_blank_PDB_chainid_flag 
_struct_asym.pdbx_modified 
_struct_asym.entity_id 
_struct_asym.details 
A N N 1 ? 
B N N 2 ? 
C N N 2 ? 
D N N 2 ? 
E N N 3 ? 
F N N 3 ? 
G N N 3 ? 
H N N 3 ? 
I N N 3 ? 
J N N 4 ? 
K N N 5 ? 
# 
loop_
_struct_conf.conf_type_id 
_struct_conf.id 
_struct_conf.pdbx_PDB_helix_id 
_struct_conf.beg_label_comp_id 
_struct_conf.beg_label_asym_id 
_struct_conf.beg_label_seq_id 
_struct_conf.pdbx_beg_PDB_ins_code 
_struct_conf.end_label_comp_id 
_struct_conf.end_label_asym_id 
_struct_conf.end_label_seq_id 
_struct_conf.pdbx_end_PDB_ins_code 
_struct_conf.beg_auth_comp_id 
_struct_conf.beg_auth_asym_id 
_struct_conf.beg_auth_seq_id 
_struct_conf.end_auth_comp_id 
_struct_conf.end_auth_asym_id 
_struct_conf.end_auth_seq_id 
_struct_conf.pdbx_PDB_helix_class 
_struct_conf.details 
_struct_conf.pdbx_PDB_helix_length 
HELX_P HELX_P1 AA1 HIS A 9  ? VAL A 13  ? HIS A 1115 VAL A 1119 5 ? 5  
HELX_P HELX_P2 AA2 GLY A 53 ? GLY A 63  ? GLY A 1159 GLY A 1169 1 ? 11 
HELX_P HELX_P3 AA3 HIS A 86 ? ALA A 88  ? HIS A 1192 ALA A 1194 5 ? 3  
HELX_P HELX_P4 AA4 LEU A 89 ? PHE A 101 ? LEU A 1195 PHE A 1207 1 ? 13 
# 
_struct_conf_type.id          HELX_P 
_struct_conf_type.criteria    ? 
_struct_conf_type.reference   ? 
# 
loop_
_struct_conn.id 
_struct_conn.conn_type_id 
_struct_conn.pdbx_leaving_atom_flag 
_struct_conn.pdbx_PDB_id 
_struct_conn.ptnr1_label_asym_id 
_struct_conn.ptnr1_label_comp_id 
_struct_conn.ptnr1_label_seq_id 
_struct_conn.ptnr1_label_atom_id 
_struct_conn.pdbx_ptnr1_label_alt_id 
_struct_conn.pdbx_ptnr1_PDB_ins_code 
_struct_conn.pdbx_ptnr1_standard_comp_id 
_struct_conn.ptnr1_symmetry 
_struct_conn.ptnr2_label_asym_id 
_struct_conn.ptnr2_label_comp_id 
_struct_conn.ptnr2_label_seq_id 
_struct_conn.ptnr2_label_atom_id 
_struct_conn.pdbx_ptnr2_label_alt_id 
_struct_conn.pdbx_ptnr2_PDB_ins_code 
_struct_conn.ptnr1_auth_asym_id 
_struct_conn.ptnr1_auth_comp_id 
_struct_conn.ptnr1_auth_seq_id 
_struct_conn.ptnr2_auth_asym_id 
_struct_conn.ptnr2_auth_comp_id 
_struct_conn.ptnr2_auth_seq_id 
_struct_conn.ptnr2_symmetry 
_struct_conn.pdbx_ptnr3_label_atom_id 
_struct_conn.pdbx_ptnr3_label_seq_id 
_struct_conn.pdbx_ptnr3_label_comp_id 
_struct_conn.pdbx_ptnr3_label_asym_id 
_struct_conn.pdbx_ptnr3_label_alt_id 
_struct_conn.pdbx_ptnr3_PDB_ins_code 
_struct_conn.details 
_struct_conn.pdbx_dist_value 
_struct_conn.pdbx_value_order 
_struct_conn.pdbx_role 
metalc1  metalc ? ? A CYS 7  SG  ? ? ? 1_555 D ZN . ZN ? ? A CYS 1113 A ZN 1303 1_555 ? ? ? ? ? ? ? 2.295 ? ? 
metalc2  metalc ? ? A HIS 9  ND1 ? ? ? 1_555 D ZN . ZN ? ? A HIS 1115 A ZN 1303 1_555 ? ? ? ? ? ? ? 2.095 ? ? 
metalc3  metalc ? ? A CYS 27 SG  ? ? ? 1_555 C ZN . ZN ? ? A CYS 1133 A ZN 1302 1_555 ? ? ? ? ? ? ? 2.324 ? ? 
metalc4  metalc ? ? A CYS 30 SG  ? ? ? 1_555 C ZN . ZN ? ? A CYS 1136 A ZN 1302 1_555 ? ? ? ? ? ? ? 2.307 ? ? 
metalc5  metalc ? ? A CYS 39 SG  ? ? ? 1_555 B ZN . ZN ? ? A CYS 1145 A ZN 1301 1_555 ? ? ? ? ? ? ? 2.352 ? ? 
metalc6  metalc ? ? A CYS 42 SG  ? ? ? 1_555 B ZN . ZN ? ? A CYS 1148 A ZN 1301 1_555 ? ? ? ? ? ? ? 2.899 ? ? 
metalc7  metalc ? ? A CYS 47 SG  ? ? ? 1_555 C ZN . ZN ? ? A CYS 1153 A ZN 1302 1_555 ? ? ? ? ? ? ? 2.354 ? ? 
metalc8  metalc ? ? A HIS 54 ND1 ? ? ? 1_555 C ZN . ZN ? ? A HIS 1160 A ZN 1302 1_555 ? ? ? ? ? ? ? 2.052 ? ? 
metalc9  metalc ? ? A HIS 58 NE2 ? ? ? 1_555 B ZN . ZN ? ? A HIS 1164 A ZN 1301 1_555 ? ? ? ? ? ? ? 2.015 ? ? 
metalc10 metalc ? ? A HIS 64 ND1 ? ? ? 1_555 B ZN . ZN ? ? A HIS 1170 A ZN 1301 1_555 ? ? ? ? ? ? ? 2.025 ? ? 
metalc11 metalc ? ? A CYS 77 SG  ? ? ? 1_555 D ZN . ZN ? ? A CYS 1183 A ZN 1303 1_555 ? ? ? ? ? ? ? 2.321 ? ? 
metalc12 metalc ? ? A CYS 80 SG  ? ? ? 1_555 D ZN . ZN ? ? A CYS 1186 A ZN 1303 1_555 ? ? ? ? ? ? ? 2.390 ? ? 
# 
_struct_conn_type.id          metalc 
_struct_conn_type.criteria    ? 
_struct_conn_type.reference   ? 
# 
_struct_sheet.id               AA1 
_struct_sheet.type             ? 
_struct_sheet.number_strands   5 
_struct_sheet.details          ? 
# 
loop_
_struct_sheet_order.sheet_id 
_struct_sheet_order.range_id_1 
_struct_sheet_order.range_id_2 
_struct_sheet_order.offset 
_struct_sheet_order.sense 
AA1 1 2 ? anti-parallel 
AA1 2 3 ? anti-parallel 
AA1 3 4 ? anti-parallel 
AA1 4 5 ? anti-parallel 
# 
loop_
_struct_sheet_range.sheet_id 
_struct_sheet_range.id 
_struct_sheet_range.beg_label_comp_id 
_struct_sheet_range.beg_label_asym_id 
_struct_sheet_range.beg_label_seq_id 
_struct_sheet_range.pdbx_beg_PDB_ins_code 
_struct_sheet_range.end_label_comp_id 
_struct_sheet_range.end_label_asym_id 
_struct_sheet_range.end_label_seq_id 
_struct_sheet_range.pdbx_end_PDB_ins_code 
_struct_sheet_range.beg_auth_comp_id 
_struct_sheet_range.beg_auth_asym_id 
_struct_sheet_range.beg_auth_seq_id 
_struct_sheet_range.end_auth_comp_id 
_struct_sheet_range.end_auth_asym_id 
_struct_sheet_range.end_auth_seq_id 
AA1 1 VAL A 45 ? CYS A 47 ? VAL A 1151 CYS A 1153 
AA1 2 ASN A 36 ? CYS A 39 ? ASN A 1142 CYS A 1145 
AA1 3 LEU A 66 ? SER A 69 ? LEU A 1172 SER A 1175 
AA1 4 ALA A 75 ? CYS A 77 ? ALA A 1181 CYS A 1183 
AA1 5 ALA A 82 ? TYR A 83 ? ALA A 1188 TYR A 1189 
# 
loop_
_pdbx_struct_sheet_hbond.sheet_id 
_pdbx_struct_sheet_hbond.range_id_1 
_pdbx_struct_sheet_hbond.range_id_2 
_pdbx_struct_sheet_hbond.range_1_label_atom_id 
_pdbx_struct_sheet_hbond.range_1_label_comp_id 
_pdbx_struct_sheet_hbond.range_1_label_asym_id 
_pdbx_struct_sheet_hbond.range_1_label_seq_id 
_pdbx_struct_sheet_hbond.range_1_PDB_ins_code 
_pdbx_struct_sheet_hbond.range_1_auth_atom_id 
_pdbx_struct_sheet_hbond.range_1_auth_comp_id 
_pdbx_struct_sheet_hbond.range_1_auth_asym_id 
_pdbx_struct_sheet_hbond.range_1_auth_seq_id 
_pdbx_struct_sheet_hbond.range_2_label_atom_id 
_pdbx_struct_sheet_hbond.range_2_label_comp_id 
_pdbx_struct_sheet_hbond.range_2_label_asym_id 
_pdbx_struct_sheet_hbond.range_2_label_seq_id 
_pdbx_struct_sheet_hbond.range_2_PDB_ins_code 
_pdbx_struct_sheet_hbond.range_2_auth_atom_id 
_pdbx_struct_sheet_hbond.range_2_auth_comp_id 
_pdbx_struct_sheet_hbond.range_2_auth_asym_id 
_pdbx_struct_sheet_hbond.range_2_auth_seq_id 
AA1 1 2 O TYR A 46 ? O TYR A 1152 N TRP A 37 ? N TRP A 1143 
AA1 2 3 N VAL A 38 ? N VAL A 1144 O LEU A 68 ? O LEU A 1174 
AA1 3 4 N VAL A 67 ? N VAL A 1173 O TRP A 76 ? O TRP A 1182 
AA1 4 5 N CYS A 77 ? N CYS A 1183 O ALA A 82 ? O ALA A 1188 
# 
loop_
_struct_site.id 
_struct_site.pdbx_evidence_code 
_struct_site.pdbx_auth_asym_id 
_struct_site.pdbx_auth_comp_id 
_struct_site.pdbx_auth_seq_id 
_struct_site.pdbx_auth_ins_code 
_struct_site.pdbx_num_residues 
_struct_site.details 
AC1 Software A ZN  1301 ? 4 'binding site for residue ZN A 1301'  
AC2 Software A ZN  1302 ? 4 'binding site for residue ZN A 1302'  
AC3 Software A ZN  1303 ? 4 'binding site for residue ZN A 1303'  
AC4 Software A EY7 1309 ? 9 'binding site for residue EY7 A 1309' 
# 
loop_
_struct_site_gen.id 
_struct_site_gen.site_id 
_struct_site_gen.pdbx_num_res 
_struct_site_gen.label_comp_id 
_struct_site_gen.label_asym_id 
_struct_site_gen.label_seq_id 
_struct_site_gen.pdbx_auth_ins_code 
_struct_site_gen.auth_comp_id 
_struct_site_gen.auth_asym_id 
_struct_site_gen.auth_seq_id 
_struct_site_gen.label_atom_id 
_struct_site_gen.label_alt_id 
_struct_site_gen.symmetry 
_struct_site_gen.details 
1  AC1 4 CYS A 39 ? CYS A 1145 . ? 1_555 ? 
2  AC1 4 CYS A 42 ? CYS A 1148 . ? 1_555 ? 
3  AC1 4 HIS A 58 ? HIS A 1164 . ? 1_555 ? 
4  AC1 4 HIS A 64 ? HIS A 1170 . ? 1_555 ? 
5  AC2 4 CYS A 27 ? CYS A 1133 . ? 1_555 ? 
6  AC2 4 CYS A 30 ? CYS A 1136 . ? 1_555 ? 
7  AC2 4 CYS A 47 ? CYS A 1153 . ? 1_555 ? 
8  AC2 4 HIS A 54 ? HIS A 1160 . ? 1_555 ? 
9  AC3 4 CYS A 7  ? CYS A 1113 . ? 1_555 ? 
10 AC3 4 HIS A 9  ? HIS A 1115 . ? 1_555 ? 
11 AC3 4 CYS A 77 ? CYS A 1183 . ? 1_555 ? 
12 AC3 4 CYS A 80 ? CYS A 1186 . ? 1_555 ? 
13 AC4 9 TRP A 37 ? TRP A 1143 . ? 1_555 ? 
14 AC4 9 GLY A 48 ? GLY A 1154 . ? 1_555 ? 
15 AC4 9 ARG A 49 ? ARG A 1155 . ? 1_555 ? 
16 AC4 9 TRP A 76 ? TRP A 1182 . ? 1_555 ? 
17 AC4 9 TYR A 78 ? TYR A 1184 . ? 1_555 ? 
18 AC4 9 TYR A 83 ? TYR A 1189 . ? 1_555 ? 
19 AC4 9 HIS A 97 ? HIS A 1203 . ? 3_555 ? 
20 AC4 9 HOH K .  ? HOH A 1415 . ? 1_555 ? 
21 AC4 9 HOH K .  ? HOH A 1448 . ? 1_555 ? 
# 
_atom_sites.entry_id                    6CEC 
_atom_sites.fract_transf_matrix[1][1]   -0.00907933 
_atom_sites.fract_transf_matrix[1][2]   0.01753417 
_atom_sites.fract_transf_matrix[1][3]   -0.01454122 
_atom_sites.fract_transf_matrix[2][1]   0.00738368 
_atom_sites.fract_transf_matrix[2][2]   -0.01138285 
_atom_sites.fract_transf_matrix[2][3]   -0.01833598 
_atom_sites.fract_transf_matrix[3][1]   -0.01560393 
_atom_sites.fract_transf_matrix[3][2]   -0.00877379 
_atom_sites.fract_transf_matrix[3][3]   -0.00083680 
_atom_sites.fract_transf_vector[1]      0.187241 
_atom_sites.fract_transf_vector[2]      -0.093728 
_atom_sites.fract_transf_vector[3]      0.155415 
# 
loop_
_atom_type.symbol 
C  
N  
O  
S  
X  
ZN 
# 
loop_
_atom_site.group_PDB 
_atom_site.id 
_atom_site.type_symbol 
_atom_site.label_atom_id 
_atom_site.label_alt_id 
_atom_site.label_comp_id 
_atom_site.label_asym_id 
_atom_site.label_entity_id 
_atom_site.label_seq_id 
_atom_site.pdbx_PDB_ins_code 
_atom_site.Cartn_x 
_atom_site.Cartn_y 
_atom_site.Cartn_z 
_atom_site.occupancy 
_atom_site.B_iso_or_equiv 
_atom_site.pdbx_formal_charge 
_atom_site.auth_seq_id 
_atom_site.auth_comp_id 
_atom_site.auth_asym_id 
_atom_site.auth_atom_id 
_atom_site.pdbx_PDB_model_num 
ATOM   1   N  N   . SER A 1 2   ? 4.522   -12.151 13.655  1.00 27.66 ? 1108 SER A N   1 
ATOM   2   C  CA  . SER A 1 2   ? 3.884   -10.816 13.735  1.00 26.06 ? 1108 SER A CA  1 
ATOM   3   C  C   . SER A 1 2   ? 4.670   -9.801  12.885  1.00 24.28 ? 1108 SER A C   1 
ATOM   4   O  O   . SER A 1 2   ? 5.839   -10.037 12.548  1.00 24.06 ? 1108 SER A O   1 
ATOM   5   C  CB  . SER A 1 2   ? 3.857   -10.348 15.184  1.00 28.60 ? 1108 SER A CB  1 
ATOM   6   O  OG  . SER A 1 2   ? 5.179   -10.319 15.704  1.00 30.98 ? 1108 SER A OG  1 
ATOM   7   N  N   . PRO A 1 3   ? 4.036   -8.664  12.548  1.00 21.21 ? 1109 PRO A N   1 
ATOM   8   C  CA  . PRO A 1 3   ? 4.775   -7.652  11.798  1.00 18.55 ? 1109 PRO A CA  1 
ATOM   9   C  C   . PRO A 1 3   ? 5.822   -6.948  12.716  1.00 17.78 ? 1109 PRO A C   1 
ATOM   10  O  O   . PRO A 1 3   ? 5.820   -7.120  13.935  1.00 19.15 ? 1109 PRO A O   1 
ATOM   11  C  CB  . PRO A 1 3   ? 3.648   -6.722  11.355  1.00 19.58 ? 1109 PRO A CB  1 
ATOM   12  C  CG  . PRO A 1 3   ? 2.705   -6.769  12.524  1.00 22.13 ? 1109 PRO A CG  1 
ATOM   13  C  CD  . PRO A 1 3   ? 2.647   -8.238  12.774  1.00 20.47 ? 1109 PRO A CD  1 
ATOM   14  N  N   . LEU A 1 4   ? 6.700   -6.158  12.140  1.00 16.08 ? 1110 LEU A N   1 
ATOM   15  C  CA  . LEU A 1 4   ? 7.526   -5.257  12.942  1.00 15.02 ? 1110 LEU A CA  1 
ATOM   16  C  C   . LEU A 1 4   ? 6.641   -4.212  13.576  1.00 16.13 ? 1110 LEU A C   1 
ATOM   17  O  O   . LEU A 1 4   ? 5.691   -3.735  12.950  1.00 14.17 ? 1110 LEU A O   1 
ATOM   18  C  CB  . LEU A 1 4   ? 8.530   -4.546  12.055  1.00 15.88 ? 1110 LEU A CB  1 
ATOM   19  C  CG  . LEU A 1 4   ? 9.572   -5.363  11.295  1.00 16.45 ? 1110 LEU A CG  1 
ATOM   20  C  CD1 . LEU A 1 4   ? 10.333  -4.459  10.326  1.00 18.89 ? 1110 LEU A CD1 1 
ATOM   21  C  CD2 . LEU A 1 4   ? 10.485  -6.122  12.267  1.00 18.54 ? 1110 LEU A CD2 1 
ATOM   22  N  N   . PRO A 1 5   ? 6.940   -3.794  14.816  1.00 15.29 ? 1111 PRO A N   1 
ATOM   23  C  CA  . PRO A 1 5   ? 6.114   -2.773  15.455  1.00 15.01 ? 1111 PRO A CA  1 
ATOM   24  C  C   . PRO A 1 5   ? 6.430   -1.358  15.062  1.00 13.17 ? 1111 PRO A C   1 
ATOM   25  O  O   . PRO A 1 5   ? 5.758   -0.415  15.485  1.00 15.78 ? 1111 PRO A O   1 
ATOM   26  C  CB  . PRO A 1 5   ? 6.399   -3.017  16.945  1.00 16.05 ? 1111 PRO A CB  1 
ATOM   27  C  CG  . PRO A 1 5   ? 7.809   -3.500  16.973  1.00 15.46 ? 1111 PRO A CG  1 
ATOM   28  C  CD  . PRO A 1 5   ? 7.863   -4.444  15.781  1.00 15.79 ? 1111 PRO A CD  1 
ATOM   29  N  N   . TRP A 1 6   ? 7.439   -1.172  14.214  1.00 13.40 ? 1112 TRP A N   1 
ATOM   30  C  CA  . TRP A 1 6   ? 7.913   0.147   13.796  1.00 12.69 ? 1112 TRP A CA  1 
ATOM   31  C  C   . TRP A 1 6   ? 8.855   -0.069  12.640  1.00 12.04 ? 1112 TRP A C   1 
ATOM   32  O  O   . TRP A 1 6   ? 9.474   -1.099  12.485  1.00 13.49 ? 1112 TRP A O   1 
ATOM   33  C  CB  . TRP A 1 6   ? 8.695   0.850   14.929  1.00 13.70 ? 1112 TRP A CB  1 
ATOM   34  C  CG  . TRP A 1 6   ? 9.118   2.233   14.655  1.00 13.13 ? 1112 TRP A CG  1 
ATOM   35  C  CD1 . TRP A 1 6   ? 8.358   3.362   14.777  1.00 13.05 ? 1112 TRP A CD1 1 
ATOM   36  C  CD2 . TRP A 1 6   ? 10.410  2.675   14.153  1.00 12.94 ? 1112 TRP A CD2 1 
ATOM   37  N  NE1 . TRP A 1 6   ? 9.086   4.470   14.395  1.00 14.31 ? 1112 TRP A NE1 1 
ATOM   38  C  CE2 . TRP A 1 6   ? 10.350  4.086   14.005  1.00 13.11 ? 1112 TRP A CE2 1 
ATOM   39  C  CE3 . TRP A 1 6   ? 11.596  2.015   13.810  1.00 13.19 ? 1112 TRP A CE3 1 
ATOM   40  C  CZ2 . TRP A 1 6   ? 11.449  4.834   13.593  1.00 12.91 ? 1112 TRP A CZ2 1 
ATOM   41  C  CZ3 . TRP A 1 6   ? 12.702  2.781   13.368  1.00 12.98 ? 1112 TRP A CZ3 1 
ATOM   42  C  CH2 . TRP A 1 6   ? 12.621  4.156   13.291  1.00 12.81 ? 1112 TRP A CH2 1 
ATOM   43  N  N   . CYS A 1 7   ? 8.993   0.926   11.773  1.00 11.97 ? 1113 CYS A N   1 
ATOM   44  C  CA  . CYS A 1 7   ? 10.153  0.942   10.882  1.00 12.40 ? 1113 CYS A CA  1 
ATOM   45  C  C   . CYS A 1 7   ? 10.527  2.391   10.566  1.00 12.01 ? 1113 CYS A C   1 
ATOM   46  O  O   . CYS A 1 7   ? 9.731   3.293   10.794  1.00 13.02 ? 1113 CYS A O   1 
ATOM   47  C  CB  . CYS A 1 7   ? 9.905   0.103   9.621   1.00 11.91 ? 1113 CYS A CB  1 
ATOM   48  S  SG  . CYS A 1 7   ? 9.391   0.981   8.094   1.00 11.14 ? 1113 CYS A SG  1 
ATOM   49  N  N   . PRO A 1 8   ? 11.774  2.612   10.099  1.00 14.05 ? 1114 PRO A N   1 
ATOM   50  C  CA  . PRO A 1 8   ? 12.279  3.953   9.909   1.00 13.57 ? 1114 PRO A CA  1 
ATOM   51  C  C   . PRO A 1 8   ? 11.689  4.661   8.674   1.00 14.44 ? 1114 PRO A C   1 
ATOM   52  O  O   . PRO A 1 8   ? 12.010  5.836   8.388   1.00 16.07 ? 1114 PRO A O   1 
ATOM   53  C  CB  . PRO A 1 8   ? 13.767  3.727   9.722   1.00 15.44 ? 1114 PRO A CB  1 
ATOM   54  C  CG  . PRO A 1 8   ? 13.928  2.314   9.326   1.00 15.61 ? 1114 PRO A CG  1 
ATOM   55  C  CD  . PRO A 1 8   ? 12.800  1.572   9.868   1.00 14.30 ? 1114 PRO A CD  1 
ATOM   56  N  N   . HIS A 1 9   ? 10.778  3.974   7.979   1.00 12.89 ? 1115 HIS A N   1 
ATOM   57  C  CA  . HIS A 1 9   ? 10.098  4.603   6.835   1.00 13.57 ? 1115 HIS A CA  1 
ATOM   58  C  C   . HIS A 1 9   ? 8.699   5.074   7.122   1.00 14.14 ? 1115 HIS A C   1 
ATOM   59  O  O   . HIS A 1 9   ? 8.075   5.653   6.241   1.00 14.72 ? 1115 HIS A O   1 
ATOM   60  C  CB  . HIS A 1 9   ? 10.137  3.678   5.619   1.00 11.94 ? 1115 HIS A CB  1 
ATOM   61  C  CG  . HIS A 1 9   ? 11.514  3.181   5.339   1.00 12.27 ? 1115 HIS A CG  1 
ATOM   62  N  ND1 . HIS A 1 9   ? 12.021  1.965   5.791   1.00 12.59 ? 1115 HIS A ND1 1 
ATOM   63  C  CD2 . HIS A 1 9   ? 12.539  3.806   4.704   1.00 14.06 ? 1115 HIS A CD2 1 
ATOM   64  C  CE1 . HIS A 1 9   ? 13.306  1.896   5.466   1.00 13.86 ? 1115 HIS A CE1 1 
ATOM   65  N  NE2 . HIS A 1 9   ? 13.649  3.002   4.811   1.00 13.77 ? 1115 HIS A NE2 1 
ATOM   66  N  N   . LEU A 1 10  ? 8.178   4.855   8.328   1.00 13.05 ? 1116 LEU A N   1 
ATOM   67  C  CA  . LEU A 1 10  ? 6.861   5.368   8.663   1.00 13.95 ? 1116 LEU A CA  1 
ATOM   68  C  C   . LEU A 1 10  ? 6.723   6.883   8.520   1.00 15.33 ? 1116 LEU A C   1 
ATOM   69  O  O   . LEU A 1 10  ? 5.642   7.374   8.250   1.00 14.37 ? 1116 LEU A O   1 
ATOM   70  C  CB  . LEU A 1 10  ? 6.463   4.927   10.051  1.00 13.82 ? 1116 LEU A CB  1 
ATOM   71  C  CG  . LEU A 1 10  ? 6.228   3.416   10.249  1.00 14.87 ? 1116 LEU A CG  1 
ATOM   72  C  CD1 . LEU A 1 10  ? 6.164   3.108   11.745  1.00 16.46 ? 1116 LEU A CD1 1 
ATOM   73  C  CD2 . LEU A 1 10  ? 4.936   2.902   9.621   1.00 14.88 ? 1116 LEU A CD2 1 
ATOM   74  N  N   . VAL A 1 11  ? 7.831   7.605   8.618   1.00 16.49 ? 1117 VAL A N   1 
ATOM   75  C  CA  . VAL A 1 11  ? 7.862   9.050   8.359   1.00 17.42 ? 1117 VAL A CA  1 
ATOM   76  C  C   . VAL A 1 11  ? 7.404   9.462   6.955   1.00 18.27 ? 1117 VAL A C   1 
ATOM   77  O  O   . VAL A 1 11  ? 7.024   10.614  6.746   1.00 18.82 ? 1117 VAL A O   1 
ATOM   78  C  CB  . VAL A 1 11  ? 9.243   9.658   8.691   1.00 18.37 ? 1117 VAL A CB  1 
ATOM   79  C  CG1 . VAL A 1 11  ? 9.401   9.661   10.207  1.00 20.41 ? 1117 VAL A CG1 1 
ATOM   80  C  CG2 . VAL A 1 11  ? 10.367  8.908   7.986   1.00 18.13 ? 1117 VAL A CG2 1 
ATOM   81  N  N   . ALA A 1 12  ? 7.471   8.526   5.987   1.00 16.87 ? 1118 ALA A N   1 
ATOM   82  C  CA  . ALA A 1 12  ? 7.075   8.749   4.613   1.00 15.37 ? 1118 ALA A CA  1 
ATOM   83  C  C   . ALA A 1 12  ? 5.599   8.459   4.375   1.00 15.47 ? 1118 ALA A C   1 
ATOM   84  O  O   . ALA A 1 12  ? 5.121   8.642   3.241   1.00 14.70 ? 1118 ALA A O   1 
ATOM   85  C  CB  . ALA A 1 12  ? 7.922   7.895   3.683   1.00 15.71 ? 1118 ALA A CB  1 
ATOM   86  N  N   . VAL A 1 13  ? 4.884   7.968   5.394   1.00 14.45 ? 1119 VAL A N   1 
ATOM   87  C  CA  . VAL A 1 13  ? 3.425   7.705   5.226   1.00 14.89 ? 1119 VAL A CA  1 
ATOM   88  C  C   . VAL A 1 13  ? 2.716   9.055   5.252   1.00 15.46 ? 1119 VAL A C   1 
ATOM   89  O  O   . VAL A 1 13  ? 2.901   9.889   6.202   1.00 16.69 ? 1119 VAL A O   1 
ATOM   90  C  CB  . VAL A 1 13  ? 2.868   6.772   6.297   1.00 15.99 ? 1119 VAL A CB  1 
ATOM   91  C  CG1 . VAL A 1 13  ? 1.345   6.654   6.215   1.00 17.33 ? 1119 VAL A CG1 1 
ATOM   92  C  CG2 . VAL A 1 13  ? 3.568   5.420   6.179   1.00 15.19 ? 1119 VAL A CG2 1 
ATOM   93  N  N   . CYS A 1 14  ? 1.961   9.305   4.169   1.00 14.20 ? 1120 CYS A N   1 
ATOM   94  C  CA  . CYS A 1 14  ? 1.344   10.642  3.959   1.00 14.57 ? 1120 CYS A CA  1 
ATOM   95  C  C   . CYS A 1 14  ? -0.150  10.626  4.331   1.00 14.15 ? 1120 CYS A C   1 
ATOM   96  O  O   . CYS A 1 14  ? -0.782  9.589   4.450   1.00 14.96 ? 1120 CYS A O   1 
ATOM   97  C  CB  . CYS A 1 14  ? 1.615   11.155  2.525   1.00 14.24 ? 1120 CYS A CB  1 
ATOM   98  S  SG  . CYS A 1 14  ? 3.366   11.405  2.243   1.00 15.19 ? 1120 CYS A SG  1 
ATOM   99  N  N   . PRO A 1 15  ? -0.736  11.820  4.543   1.00 16.42 ? 1121 PRO A N   1 
ATOM   100 C  CA  . PRO A 1 15  ? -2.123  11.867  4.942   1.00 16.52 ? 1121 PRO A CA  1 
ATOM   101 C  C   . PRO A 1 15  ? -3.064  11.284  3.895   1.00 16.69 ? 1121 PRO A C   1 
ATOM   102 O  O   . PRO A 1 15  ? -2.852  11.407  2.678   1.00 16.88 ? 1121 PRO A O   1 
ATOM   103 C  CB  . PRO A 1 15  ? -2.348  13.376  5.202   1.00 16.91 ? 1121 PRO A CB  1 
ATOM   104 C  CG  . PRO A 1 15  ? -1.007  13.881  5.540   1.00 16.32 ? 1121 PRO A CG  1 
ATOM   105 C  CD  . PRO A 1 15  ? -0.112  13.144  4.600   1.00 16.99 ? 1121 PRO A CD  1 
ATOM   106 N  N   . ILE A 1 16  ? -4.091  10.645  4.411   1.00 18.56 ? 1122 ILE A N   1 
ATOM   107 C  CA  . ILE A 1 16  ? -5.027  9.933   3.600   1.00 19.07 ? 1122 ILE A CA  1 
ATOM   108 C  C   . ILE A 1 16  ? -5.857  10.924  2.798   1.00 18.40 ? 1122 ILE A C   1 
ATOM   109 O  O   . ILE A 1 16  ? -6.331  11.916  3.373   1.00 22.10 ? 1122 ILE A O   1 
ATOM   110 C  CB  . ILE A 1 16  ? -6.000  9.105   4.453   1.00 20.22 ? 1122 ILE A CB  1 
ATOM   111 C  CG1 . ILE A 1 16  ? -5.252  8.086   5.335   1.00 21.78 ? 1122 ILE A CG1 1 
ATOM   112 C  CG2 . ILE A 1 16  ? -6.962  8.356   3.565   1.00 21.03 ? 1122 ILE A CG2 1 
ATOM   113 C  CD1 . ILE A 1 16  ? -5.971  7.845   6.657   1.00 23.65 ? 1122 ILE A CD1 1 
ATOM   114 N  N   . PRO A 1 17  ? -6.026  10.682  1.497   1.00 17.36 ? 1123 PRO A N   1 
ATOM   115 C  CA  . PRO A 1 17  ? -6.898  11.578  0.758   1.00 17.45 ? 1123 PRO A CA  1 
ATOM   116 C  C   . PRO A 1 17  ? -8.304  11.687  1.357   1.00 16.83 ? 1123 PRO A C   1 
ATOM   117 O  O   . PRO A 1 17  ? -8.894  10.690  1.832   1.00 18.45 ? 1123 PRO A O   1 
ATOM   118 C  CB  . PRO A 1 17  ? -6.969  10.954  -0.625  1.00 18.44 ? 1123 PRO A CB  1 
ATOM   119 C  CG  . PRO A 1 17  ? -5.750  10.104  -0.740  1.00 18.99 ? 1123 PRO A CG  1 
ATOM   120 C  CD  . PRO A 1 17  ? -5.385  9.687   0.621   1.00 19.05 ? 1123 PRO A CD  1 
ATOM   121 N  N   . ALA A 1 18  ? -8.867  12.888  1.326   1.00 19.90 ? 1124 ALA A N   1 
ATOM   122 C  CA  . ALA A 1 18  ? -10.272 13.066  1.761   1.00 19.32 ? 1124 ALA A CA  1 
ATOM   123 C  C   . ALA A 1 18  ? -11.267 12.275  0.890   1.00 20.64 ? 1124 ALA A C   1 
ATOM   124 O  O   . ALA A 1 18  ? -12.347 11.967  1.365   1.00 24.45 ? 1124 ALA A O   1 
ATOM   125 C  CB  . ALA A 1 18  ? -10.639 14.552  1.786   1.00 19.98 ? 1124 ALA A CB  1 
ATOM   126 N  N   . ALA A 1 19  ? -10.909 11.902  -0.337  1.00 20.53 ? 1125 ALA A N   1 
ATOM   127 C  CA  . ALA A 1 19  ? -11.734 10.963  -1.122  1.00 24.01 ? 1125 ALA A CA  1 
ATOM   128 C  C   . ALA A 1 19  ? -11.799 9.552   -0.484  1.00 24.71 ? 1125 ALA A C   1 
ATOM   129 O  O   . ALA A 1 19  ? -12.728 8.778   -0.761  1.00 25.69 ? 1125 ALA A O   1 
ATOM   130 C  CB  . ALA A 1 19  ? -11.203 10.868  -2.529  1.00 26.02 ? 1125 ALA A CB  1 
ATOM   131 N  N   . GLY A 1 20  ? -10.858 9.235   0.407   1.00 21.55 ? 1126 GLY A N   1 
ATOM   132 C  CA  . GLY A 1 20  ? -10.820 7.938   1.062   1.00 21.69 ? 1126 GLY A CA  1 
ATOM   133 C  C   . GLY A 1 20  ? -10.095 6.989   0.095   1.00 20.07 ? 1126 GLY A C   1 
ATOM   134 O  O   . GLY A 1 20  ? -9.368  7.401   -0.814  1.00 21.44 ? 1126 GLY A O   1 
ATOM   135 N  N   . LEU A 1 21  ? -10.344 5.717   0.294   1.00 18.73 ? 1127 LEU A N   1 
ATOM   136 C  CA  . LEU A 1 21  ? -9.689  4.678   -0.502  1.00 18.61 ? 1127 LEU A CA  1 
ATOM   137 C  C   . LEU A 1 21  ? -10.747 3.871   -1.196  1.00 18.00 ? 1127 LEU A C   1 
ATOM   138 O  O   . LEU A 1 21  ? -11.840 3.727   -0.674  1.00 20.02 ? 1127 LEU A O   1 
ATOM   139 C  CB  . LEU A 1 21  ? -8.941  3.768   0.432   1.00 19.38 ? 1127 LEU A CB  1 
ATOM   140 C  CG  . LEU A 1 21  ? -7.793  4.399   1.219   1.00 20.08 ? 1127 LEU A CG  1 
ATOM   141 C  CD1 . LEU A 1 21  ? -7.252  3.411   2.224   1.00 20.28 ? 1127 LEU A CD1 1 
ATOM   142 C  CD2 . LEU A 1 21  ? -6.715  4.869   0.269   1.00 22.12 ? 1127 LEU A CD2 1 
ATOM   143 N  N   . ASP A 1 22  ? -10.416 3.280   -2.337  1.00 16.24 ? 1128 ASP A N   1 
ATOM   144 C  CA  . ASP A 1 22  ? -11.306 2.386   -3.033  1.00 16.78 ? 1128 ASP A CA  1 
ATOM   145 C  C   . ASP A 1 22  ? -10.576 1.069   -3.180  1.00 15.02 ? 1128 ASP A C   1 
ATOM   146 O  O   . ASP A 1 22  ? -9.658  0.913   -4.006  1.00 14.50 ? 1128 ASP A O   1 
ATOM   147 C  CB  . ASP A 1 22  ? -11.656 2.936   -4.398  1.00 19.56 ? 1128 ASP A CB  1 
ATOM   148 C  CG  . ASP A 1 22  ? -12.527 1.995   -5.201  1.00 21.30 ? 1128 ASP A CG  1 
ATOM   149 O  OD1 . ASP A 1 22  ? -12.864 0.859   -4.797  1.00 20.64 ? 1128 ASP A OD1 1 
ATOM   150 O  OD2 . ASP A 1 22  ? -12.852 2.440   -6.326  1.00 27.42 ? 1128 ASP A OD2 1 
ATOM   151 N  N   . VAL A 1 23  ? -10.949 0.119   -2.332  1.00 13.15 ? 1129 VAL A N   1 
ATOM   152 C  CA  . VAL A 1 23  ? -10.247 -1.149  -2.356  1.00 14.16 ? 1129 VAL A CA  1 
ATOM   153 C  C   . VAL A 1 23  ? -10.440 -2.004  -3.623  1.00 13.81 ? 1129 VAL A C   1 
ATOM   154 O  O   . VAL A 1 23  ? -9.700  -2.990  -3.787  1.00 14.04 ? 1129 VAL A O   1 
ATOM   155 C  CB  . VAL A 1 23  ? -10.534 -2.050  -1.142  1.00 15.69 ? 1129 VAL A CB  1 
ATOM   156 C  CG1 . VAL A 1 23  ? -10.257 -1.320  0.166   1.00 15.85 ? 1129 VAL A CG1 1 
ATOM   157 C  CG2 . VAL A 1 23  ? -11.965 -2.542  -1.226  1.00 16.63 ? 1129 VAL A CG2 1 
ATOM   158 N  N   . THR A 1 24  ? -11.398 -1.603  -4.464  1.00 12.79 ? 1130 THR A N   1 
ATOM   159 C  CA  . THR A 1 24  ? -11.618 -2.259  -5.735  1.00 14.32 ? 1130 THR A CA  1 
ATOM   160 C  C   . THR A 1 24  ? -10.954 -1.519  -6.887  1.00 13.95 ? 1130 THR A C   1 
ATOM   161 O  O   . THR A 1 24  ? -11.119 -1.919  -8.053  1.00 15.12 ? 1130 THR A O   1 
ATOM   162 C  CB  . THR A 1 24  ? -13.122 -2.456  -6.038  1.00 14.63 ? 1130 THR A CB  1 
ATOM   163 O  OG1 . THR A 1 24  ? -13.758 -1.217  -6.325  1.00 15.36 ? 1130 THR A OG1 1 
ATOM   164 C  CG2 . THR A 1 24  ? -13.807 -3.184  -4.931  1.00 15.13 ? 1130 THR A CG2 1 
ATOM   165 N  N   . GLN A 1 25  ? -10.149 -0.490  -6.610  1.00 12.48 ? 1131 GLN A N   1 
ATOM   166 C  CA  . GLN A 1 25  ? -9.501  0.273   -7.664  1.00 13.29 ? 1131 GLN A CA  1 
ATOM   167 C  C   . GLN A 1 25  ? -8.509  -0.619  -8.382  1.00 13.44 ? 1131 GLN A C   1 
ATOM   168 O  O   . GLN A 1 25  ? -7.728  -1.317  -7.717  1.00 13.05 ? 1131 GLN A O   1 
ATOM   169 C  CB  . GLN A 1 25  ? -8.773  1.466   -7.034  1.00 13.96 ? 1131 GLN A CB  1 
ATOM   170 C  CG  . GLN A 1 25  ? -8.071  2.360   -8.049  1.00 14.31 ? 1131 GLN A CG  1 
ATOM   171 C  CD  . GLN A 1 25  ? -7.554  3.632   -7.433  1.00 15.17 ? 1131 GLN A CD  1 
ATOM   172 O  OE1 . GLN A 1 25  ? -8.107  4.116   -6.427  1.00 16.04 ? 1131 GLN A OE1 1 
ATOM   173 N  NE2 . GLN A 1 25  ? -6.521  4.190   -8.007  1.00 15.23 ? 1131 GLN A NE2 1 
ATOM   174 N  N   . PRO A 1 26  ? -8.488  -0.613  -9.720  1.00 12.57 ? 1132 PRO A N   1 
ATOM   175 C  CA  . PRO A 1 26  ? -7.548  -1.479  -10.429 1.00 12.38 ? 1132 PRO A CA  1 
ATOM   176 C  C   . PRO A 1 26  ? -6.129  -0.942  -10.465 1.00 11.68 ? 1132 PRO A C   1 
ATOM   177 O  O   . PRO A 1 26  ? -5.878  0.244   -10.179 1.00 11.52 ? 1132 PRO A O   1 
ATOM   178 C  CB  . PRO A 1 26  ? -8.146  -1.552  -11.830 1.00 13.83 ? 1132 PRO A CB  1 
ATOM   179 C  CG  . PRO A 1 26  ? -8.777  -0.250  -11.993 1.00 14.45 ? 1132 PRO A CG  1 
ATOM   180 C  CD  . PRO A 1 26  ? -9.362  0.100   -10.648 1.00 13.35 ? 1132 PRO A CD  1 
ATOM   181 N  N   . CYS A 1 27  ? -5.210  -1.799  -10.934 1.00 11.49 ? 1133 CYS A N   1 
ATOM   182 C  CA  . CYS A 1 27  ? -3.846  -1.375  -11.137 1.00 11.30 ? 1133 CYS A CA  1 
ATOM   183 C  C   . CYS A 1 27  ? -3.741  -0.250  -12.101 1.00 12.79 ? 1133 CYS A C   1 
ATOM   184 O  O   . CYS A 1 27  ? -4.330  -0.315  -13.193 1.00 13.75 ? 1133 CYS A O   1 
ATOM   185 C  CB  . CYS A 1 27  ? -2.988  -2.546  -11.672 1.00 11.67 ? 1133 CYS A CB  1 
ATOM   186 S  SG  . CYS A 1 27  ? -1.289  -2.142  -11.965 1.00 12.14 ? 1133 CYS A SG  1 
ATOM   187 N  N   . GLY A 1 28  ? -3.051  0.824   -11.715 1.00 12.38 ? 1134 GLY A N   1 
ATOM   188 C  CA  . GLY A 1 28  ? -2.937  1.993   -12.591 1.00 14.75 ? 1134 GLY A CA  1 
ATOM   189 C  C   . GLY A 1 28  ? -2.189  1.753   -13.897 1.00 17.02 ? 1134 GLY A C   1 
ATOM   190 O  O   . GLY A 1 28  ? -2.324  2.571   -14.844 1.00 18.42 ? 1134 GLY A O   1 
ATOM   191 N  N   A ASP A 1 29  ? -1.446  0.657   -13.977 0.50 16.03 ? 1135 ASP A N   1 
ATOM   192 N  N   B ASP A 1 29  ? -1.347  0.724   -13.941 0.50 16.18 ? 1135 ASP A N   1 
ATOM   193 C  CA  A ASP A 1 29  ? -0.631  0.357   -15.151 0.50 16.52 ? 1135 ASP A CA  1 
ATOM   194 C  CA  B ASP A 1 29  ? -0.644  0.353   -15.179 0.50 16.73 ? 1135 ASP A CA  1 
ATOM   195 C  C   A ASP A 1 29  ? -1.266  -0.706  -16.045 0.50 16.30 ? 1135 ASP A C   1 
ATOM   196 C  C   B ASP A 1 29  ? -1.512  -0.610  -15.972 0.50 16.18 ? 1135 ASP A C   1 
ATOM   197 O  O   A ASP A 1 29  ? -1.419  -0.470  -17.262 0.50 16.11 ? 1135 ASP A O   1 
ATOM   198 O  O   B ASP A 1 29  ? -2.117  -0.183  -17.004 0.50 14.98 ? 1135 ASP A O   1 
ATOM   199 C  CB  A ASP A 1 29  ? 0.757   -0.065  -14.688 0.50 16.78 ? 1135 ASP A CB  1 
ATOM   200 C  CB  B ASP A 1 29  ? 0.730   -0.250  -14.877 0.50 17.50 ? 1135 ASP A CB  1 
ATOM   201 C  CG  A ASP A 1 29  ? 1.686   -0.268  -15.820 0.50 17.50 ? 1135 ASP A CG  1 
ATOM   202 C  CG  B ASP A 1 29  ? 1.717   0.774   -14.360 0.50 18.88 ? 1135 ASP A CG  1 
ATOM   203 O  OD1 A ASP A 1 29  ? 1.256   -0.837  -16.833 0.50 20.56 ? 1135 ASP A OD1 1 
ATOM   204 O  OD1 B ASP A 1 29  ? 1.604   1.964   -14.732 0.50 20.06 ? 1135 ASP A OD1 1 
ATOM   205 O  OD2 A ASP A 1 29  ? 2.842   0.136   -15.696 0.50 18.18 ? 1135 ASP A OD2 1 
ATOM   206 O  OD2 B ASP A 1 29  ? 2.644   0.366   -13.609 0.50 20.97 ? 1135 ASP A OD2 1 
ATOM   207 N  N   . CYS A 1 30  ? -1.639  -1.862  -15.488 1.00 14.78 ? 1136 CYS A N   1 
ATOM   208 C  CA  . CYS A 1 30  ? -2.216  -2.961  -16.351 1.00 15.26 ? 1136 CYS A CA  1 
ATOM   209 C  C   . CYS A 1 30  ? -3.713  -3.093  -16.208 1.00 15.16 ? 1136 CYS A C   1 
ATOM   210 O  O   . CYS A 1 30  ? -4.307  -3.872  -16.927 1.00 16.25 ? 1136 CYS A O   1 
ATOM   211 C  CB  . CYS A 1 30  ? -1.521  -4.289  -16.043 1.00 14.90 ? 1136 CYS A CB  1 
ATOM   212 S  SG  . CYS A 1 30  ? -1.802  -4.984  -14.422 1.00 13.38 ? 1136 CYS A SG  1 
ATOM   213 N  N   . GLY A 1 31  ? -4.356  -2.370  -15.267 1.00 15.69 ? 1137 GLY A N   1 
ATOM   214 C  CA  . GLY A 1 31  ? -5.811  -2.506  -15.081 1.00 15.19 ? 1137 GLY A CA  1 
ATOM   215 C  C   . GLY A 1 31  ? -6.320  -3.744  -14.366 1.00 14.28 ? 1137 GLY A C   1 
ATOM   216 O  O   . GLY A 1 31  ? -7.528  -3.933  -14.235 1.00 16.19 ? 1137 GLY A O   1 
ATOM   217 N  N   . THR A 1 32  ? -5.435  -4.632  -13.886 1.00 14.53 ? 1138 THR A N   1 
ATOM   218 C  CA  . THR A 1 32  ? -5.904  -5.837  -13.169 1.00 14.78 ? 1138 THR A CA  1 
ATOM   219 C  C   . THR A 1 32  ? -6.669  -5.489  -11.931 1.00 15.64 ? 1138 THR A C   1 
ATOM   220 O  O   . THR A 1 32  ? -6.316  -4.512  -11.230 1.00 13.56 ? 1138 THR A O   1 
ATOM   221 C  CB  . THR A 1 32  ? -4.773  -6.826  -12.782 1.00 15.49 ? 1138 THR A CB  1 
ATOM   222 O  OG1 . THR A 1 32  ? -5.335  -8.045  -12.301 1.00 16.86 ? 1138 THR A OG1 1 
ATOM   223 C  CG2 . THR A 1 32  ? -3.834  -6.238  -11.705 1.00 15.65 ? 1138 THR A CG2 1 
ATOM   224 N  N   . ILE A 1 33  ? -7.691  -6.283  -11.637 1.00 16.59 ? 1139 ILE A N   1 
ATOM   225 C  CA  . ILE A 1 33  ? -8.426  -6.212  -10.367 1.00 16.80 ? 1139 ILE A CA  1 
ATOM   226 C  C   . ILE A 1 33  ? -7.826  -7.080  -9.258  1.00 17.89 ? 1139 ILE A C   1 
ATOM   227 O  O   . ILE A 1 33  ? -8.273  -6.999  -8.123  1.00 19.83 ? 1139 ILE A O   1 
ATOM   228 C  CB  . ILE A 1 33  ? -9.888  -6.636  -10.528 1.00 19.92 ? 1139 ILE A CB  1 
ATOM   229 C  CG1 . ILE A 1 33  ? -9.988  -8.150  -10.853 1.00 20.23 ? 1139 ILE A CG1 1 
ATOM   230 C  CG2 . ILE A 1 33  ? -10.558 -5.757  -11.566 1.00 21.72 ? 1139 ILE A CG2 1 
ATOM   231 C  CD1 . ILE A 1 33  ? -11.379 -8.735  -10.808 1.00 21.88 ? 1139 ILE A CD1 1 
ATOM   232 N  N   . GLN A 1 34  ? -6.785  -7.845  -9.581  1.00 16.29 ? 1140 GLN A N   1 
ATOM   233 C  CA  . GLN A 1 34  ? -6.158  -8.778  -8.649  1.00 17.02 ? 1140 GLN A CA  1 
ATOM   234 C  C   . GLN A 1 34  ? -4.937  -8.259  -7.859  1.00 16.54 ? 1140 GLN A C   1 
ATOM   235 O  O   . GLN A 1 34  ? -4.088  -7.569  -8.389  1.00 18.08 ? 1140 GLN A O   1 
ATOM   236 C  CB  . GLN A 1 34  ? -5.700  -9.958  -9.448  1.00 16.09 ? 1140 GLN A CB  1 
ATOM   237 C  CG  . GLN A 1 34  ? -6.801  -10.684 -10.140 1.00 17.50 ? 1140 GLN A CG  1 
ATOM   238 C  CD  . GLN A 1 34  ? -6.244  -11.870 -10.898 1.00 18.88 ? 1140 GLN A CD  1 
ATOM   239 O  OE1 . GLN A 1 34  ? -5.716  -12.810 -10.269 1.00 19.44 ? 1140 GLN A OE1 1 
ATOM   240 N  NE2 . GLN A 1 34  ? -6.381  -11.858 -12.199 1.00 19.18 ? 1140 GLN A NE2 1 
ATOM   241 N  N   . GLU A 1 35  ? -4.897  -8.621  -6.595  1.00 16.49 ? 1141 GLU A N   1 
ATOM   242 C  CA  . GLU A 1 35  ? -3.768  -8.401  -5.717  1.00 16.86 ? 1141 GLU A CA  1 
ATOM   243 C  C   . GLU A 1 35  ? -3.215  -6.980  -5.783  1.00 13.81 ? 1141 GLU A C   1 
ATOM   244 O  O   . GLU A 1 35  ? -2.000  -6.779  -5.773  1.00 16.02 ? 1141 GLU A O   1 
ATOM   245 C  CB  . GLU A 1 35  ? -2.616  -9.361  -6.059  1.00 20.06 ? 1141 GLU A CB  1 
ATOM   246 C  CG  . GLU A 1 35  ? -3.000  -10.811 -6.049  1.00 23.89 ? 1141 GLU A CG  1 
ATOM   247 C  CD  . GLU A 1 35  ? -2.618  -11.492 -4.756  1.00 24.15 ? 1141 GLU A CD  1 
ATOM   248 O  OE1 . GLU A 1 35  ? -1.442  -11.329 -4.344  1.00 22.42 ? 1141 GLU A OE1 1 
ATOM   249 O  OE2 . GLU A 1 35  ? -3.479  -12.223 -4.219  1.00 25.82 ? 1141 GLU A OE2 1 
ATOM   250 N  N   . ASN A 1 36  ? -4.116  -5.995  -5.777  1.00 11.97 ? 1142 ASN A N   1 
ATOM   251 C  CA  . ASN A 1 36  ? -3.639  -4.631  -5.719  1.00 10.81 ? 1142 ASN A CA  1 
ATOM   252 C  C   . ASN A 1 36  ? -3.212  -4.158  -4.305  1.00 10.41 ? 1142 ASN A C   1 
ATOM   253 O  O   . ASN A 1 36  ? -3.706  -4.604  -3.279  1.00 11.22 ? 1142 ASN A O   1 
ATOM   254 C  CB  . ASN A 1 36  ? -4.635  -3.666  -6.374  1.00 11.88 ? 1142 ASN A CB  1 
ATOM   255 C  CG  . ASN A 1 36  ? -4.728  -3.908  -7.884  1.00 12.24 ? 1142 ASN A CG  1 
ATOM   256 O  OD1 . ASN A 1 36  ? -3.711  -3.835  -8.569  1.00 13.10 ? 1142 ASN A OD1 1 
ATOM   257 N  ND2 . ASN A 1 36  ? -5.911  -4.199  -8.392  1.00 13.50 ? 1142 ASN A ND2 1 
ATOM   258 N  N   . TRP A 1 37  ? -2.353  -3.174  -4.331  1.00 10.07 ? 1143 TRP A N   1 
ATOM   259 C  CA  . TRP A 1 37  ? -1.808  -2.471  -3.172  1.00 10.07 ? 1143 TRP A CA  1 
ATOM   260 C  C   . TRP A 1 37  ? -1.942  -0.978  -3.432  1.00 9.59  ? 1143 TRP A C   1 
ATOM   261 O  O   . TRP A 1 37  ? -2.000  -0.537  -4.588  1.00 9.86  ? 1143 TRP A O   1 
ATOM   262 C  CB  . TRP A 1 37  ? -0.335  -2.789  -2.975  1.00 9.88  ? 1143 TRP A CB  1 
ATOM   263 C  CG  . TRP A 1 37  ? 0.001   -4.202  -2.710  1.00 10.60 ? 1143 TRP A CG  1 
ATOM   264 C  CD1 . TRP A 1 37  ? -0.057  -5.245  -3.590  1.00 11.46 ? 1143 TRP A CD1 1 
ATOM   265 C  CD2 . TRP A 1 37  ? 0.441   -4.771  -1.459  1.00 10.69 ? 1143 TRP A CD2 1 
ATOM   266 N  NE1 . TRP A 1 37  ? 0.323   -6.409  -2.978  1.00 12.53 ? 1143 TRP A NE1 1 
ATOM   267 C  CE2 . TRP A 1 37  ? 0.649   -6.144  -1.682  1.00 11.46 ? 1143 TRP A CE2 1 
ATOM   268 C  CE3 . TRP A 1 37  ? 0.711   -4.261  -0.177  1.00 10.77 ? 1143 TRP A CE3 1 
ATOM   269 C  CZ2 . TRP A 1 37  ? 1.121   -6.999  -0.676  1.00 11.50 ? 1143 TRP A CZ2 1 
ATOM   270 C  CZ3 . TRP A 1 37  ? 1.206   -5.105  0.791   1.00 11.95 ? 1143 TRP A CZ3 1 
ATOM   271 C  CH2 . TRP A 1 37  ? 1.388   -6.439  0.556   1.00 11.62 ? 1143 TRP A CH2 1 
ATOM   272 N  N   . VAL A 1 38  ? -2.064  -0.199  -2.350  1.00 9.91  ? 1144 VAL A N   1 
ATOM   273 C  CA  . VAL A 1 38  ? -2.092  1.279   -2.489  1.00 10.41 ? 1144 VAL A CA  1 
ATOM   274 C  C   . VAL A 1 38  ? -0.814  1.787   -1.798  1.00 9.67  ? 1144 VAL A C   1 
ATOM   275 O  O   . VAL A 1 38  ? -0.432  1.355   -0.691  1.00 9.54  ? 1144 VAL A O   1 
ATOM   276 C  CB  . VAL A 1 38  ? -3.342  1.911   -1.856  1.00 10.67 ? 1144 VAL A CB  1 
ATOM   277 C  CG1 . VAL A 1 38  ? -3.514  1.587   -0.367  1.00 11.30 ? 1144 VAL A CG1 1 
ATOM   278 C  CG2 . VAL A 1 38  ? -3.362  3.409   -2.092  1.00 11.02 ? 1144 VAL A CG2 1 
ATOM   279 N  N   . CYS A 1 39  ? -0.156  2.749   -2.419  1.00 9.24  ? 1145 CYS A N   1 
ATOM   280 C  CA  . CYS A 1 39  ? 1.061   3.301   -1.853  1.00 9.89  ? 1145 CYS A CA  1 
ATOM   281 C  C   . CYS A 1 39  ? 0.704   4.318   -0.779  1.00 10.13 ? 1145 CYS A C   1 
ATOM   282 O  O   . CYS A 1 39  ? -0.067  5.211   -0.998  1.00 9.70  ? 1145 CYS A O   1 
ATOM   283 C  CB  . CYS A 1 39  ? 1.854   3.972   -2.946  1.00 9.89  ? 1145 CYS A CB  1 
ATOM   284 S  SG  . CYS A 1 39  ? 3.391   4.693   -2.373  1.00 10.38 ? 1145 CYS A SG  1 
ATOM   285 N  N   . LEU A 1 40  ? 1.281   4.155   0.388   1.00 10.06 ? 1146 LEU A N   1 
ATOM   286 C  CA  . LEU A 1 40  ? 0.990   5.027   1.542   1.00 10.70 ? 1146 LEU A CA  1 
ATOM   287 C  C   . LEU A 1 40  ? 1.729   6.346   1.498   1.00 11.64 ? 1146 LEU A C   1 
ATOM   288 O  O   . LEU A 1 40  ? 1.520   7.156   2.399   1.00 11.85 ? 1146 LEU A O   1 
ATOM   289 C  CB  . LEU A 1 40  ? 1.250   4.277   2.817   1.00 12.08 ? 1146 LEU A CB  1 
ATOM   290 C  CG  . LEU A 1 40  ? 0.357   3.058   2.996   1.00 12.48 ? 1146 LEU A CG  1 
ATOM   291 C  CD1 . LEU A 1 40  ? 0.666   2.409   4.340   1.00 13.38 ? 1146 LEU A CD1 1 
ATOM   292 C  CD2 . LEU A 1 40  ? -1.113  3.385   2.897   1.00 13.25 ? 1146 LEU A CD2 1 
ATOM   293 N  N   . SER A 1 41  ? 2.517   6.592   0.463   1.00 10.86 ? 1147 SER A N   1 
ATOM   294 C  CA  . SER A 1 41  ? 3.058   7.949   0.216   1.00 12.00 ? 1147 SER A CA  1 
ATOM   295 C  C   . SER A 1 41  ? 2.152   8.737   -0.745  1.00 12.61 ? 1147 SER A C   1 
ATOM   296 O  O   . SER A 1 41  ? 1.748   9.844   -0.413  1.00 13.76 ? 1147 SER A O   1 
ATOM   297 C  CB  . SER A 1 41  ? 4.490   7.905   -0.268  1.00 11.95 ? 1147 SER A CB  1 
ATOM   298 O  OG  . SER A 1 41  ? 5.314   7.283   0.696   1.00 12.88 ? 1147 SER A OG  1 
ATOM   299 N  N   . CYS A 1 42  ? 1.885   8.230   -1.968  1.00 12.20 ? 1148 CYS A N   1 
ATOM   300 C  CA  . CYS A 1 42  ? 1.168   9.010   -2.974  1.00 12.53 ? 1148 CYS A CA  1 
ATOM   301 C  C   . CYS A 1 42  ? -0.192  8.416   -3.389  1.00 12.35 ? 1148 CYS A C   1 
ATOM   302 O  O   . CYS A 1 42  ? -0.881  8.963   -4.250  1.00 12.14 ? 1148 CYS A O   1 
ATOM   303 C  CB  . CYS A 1 42  ? 2.044   9.304   -4.158  1.00 12.80 ? 1148 CYS A CB  1 
ATOM   304 S  SG  . CYS A 1 42  ? 2.212   7.930   -5.354  1.00 15.85 ? 1148 CYS A SG  1 
ATOM   305 N  N   . TYR A 1 43  ? -0.610  7.320   -2.761  1.00 11.03 ? 1149 TYR A N   1 
ATOM   306 C  CA  . TYR A 1 43  ? -1.967  6.760   -2.931  1.00 11.19 ? 1149 TYR A CA  1 
ATOM   307 C  C   . TYR A 1 43  ? -2.345  6.308   -4.349  1.00 11.86 ? 1149 TYR A C   1 
ATOM   308 O  O   . TYR A 1 43  ? -3.535  6.174   -4.676  1.00 13.03 ? 1149 TYR A O   1 
ATOM   309 C  CB  . TYR A 1 43  ? -3.020  7.654   -2.225  1.00 12.62 ? 1149 TYR A CB  1 
ATOM   310 C  CG  . TYR A 1 43  ? -2.793  7.610   -0.726  1.00 12.65 ? 1149 TYR A CG  1 
ATOM   311 C  CD1 . TYR A 1 43  ? -1.888  8.480   -0.116  1.00 13.22 ? 1149 TYR A CD1 1 
ATOM   312 C  CD2 . TYR A 1 43  ? -3.395  6.651   0.086   1.00 13.24 ? 1149 TYR A CD2 1 
ATOM   313 C  CE1 . TYR A 1 43  ? -1.643  8.430   1.249   1.00 13.23 ? 1149 TYR A CE1 1 
ATOM   314 C  CE2 . TYR A 1 43  ? -3.162  6.596   1.445   1.00 13.28 ? 1149 TYR A CE2 1 
ATOM   315 C  CZ  . TYR A 1 43  ? -2.288  7.492   2.040   1.00 13.70 ? 1149 TYR A CZ  1 
ATOM   316 O  OH  . TYR A 1 43  ? -2.057  7.381   3.362   1.00 14.64 ? 1149 TYR A OH  1 
ATOM   317 N  N   . GLN A 1 44  ? -1.315  5.986   -5.135  1.00 10.74 ? 1150 GLN A N   1 
ATOM   318 C  CA  . GLN A 1 44  ? -1.526  5.286   -6.405  1.00 11.89 ? 1150 GLN A CA  1 
ATOM   319 C  C   . GLN A 1 44  ? -1.663  3.802   -6.088  1.00 10.80 ? 1150 GLN A C   1 
ATOM   320 O  O   . GLN A 1 44  ? -1.109  3.290   -5.083  1.00 11.91 ? 1150 GLN A O   1 
ATOM   321 C  CB  . GLN A 1 44  ? -0.399  5.564   -7.359  1.00 12.18 ? 1150 GLN A CB  1 
ATOM   322 C  CG  . GLN A 1 44  ? -0.437  7.036   -7.821  1.00 14.11 ? 1150 GLN A CG  1 
ATOM   323 C  CD  . GLN A 1 44  ? 0.782   7.446   -8.644  1.00 16.41 ? 1150 GLN A CD  1 
ATOM   324 O  OE1 . GLN A 1 44  ? 1.563   6.631   -9.119  1.00 17.69 ? 1150 GLN A OE1 1 
ATOM   325 N  NE2 . GLN A 1 44  ? 0.973   8.772   -8.772  1.00 17.70 ? 1150 GLN A NE2 1 
ATOM   326 N  N   . VAL A 1 45  ? -2.415  3.117   -6.948  1.00 9.83  ? 1151 VAL A N   1 
ATOM   327 C  CA  . VAL A 1 45  ? -2.746  1.720   -6.775  1.00 9.48  ? 1151 VAL A CA  1 
ATOM   328 C  C   . VAL A 1 45  ? -2.094  0.908   -7.876  1.00 10.15 ? 1151 VAL A C   1 
ATOM   329 O  O   . VAL A 1 45  ? -2.242  1.223   -9.043  1.00 11.26 ? 1151 VAL A O   1 
ATOM   330 C  CB  . VAL A 1 45  ? -4.292  1.501   -6.785  1.00 9.27  ? 1151 VAL A CB  1 
ATOM   331 C  CG1 . VAL A 1 45  ? -4.687  0.014   -6.755  1.00 10.19 ? 1151 VAL A CG1 1 
ATOM   332 C  CG2 . VAL A 1 45  ? -4.942  2.236   -5.612  1.00 9.36  ? 1151 VAL A CG2 1 
ATOM   333 N  N   . TYR A 1 46  ? -1.363  -0.143  -7.492  1.00 8.72  ? 1152 TYR A N   1 
ATOM   334 C  CA  . TYR A 1 46  ? -0.658  -0.970  -8.472  1.00 8.82  ? 1152 TYR A CA  1 
ATOM   335 C  C   . TYR A 1 46  ? -0.659  -2.410  -7.959  1.00 8.83  ? 1152 TYR A C   1 
ATOM   336 O  O   . TYR A 1 46  ? -0.760  -2.648  -6.757  1.00 8.81  ? 1152 TYR A O   1 
ATOM   337 C  CB  . TYR A 1 46  ? 0.778   -0.510  -8.689  1.00 9.24  ? 1152 TYR A CB  1 
ATOM   338 C  CG  . TYR A 1 46  ? 0.954   0.871   -9.294  1.00 10.56 ? 1152 TYR A CG  1 
ATOM   339 C  CD1 . TYR A 1 46  ? 0.614   1.111   -10.618 1.00 12.11 ? 1152 TYR A CD1 1 
ATOM   340 C  CD2 . TYR A 1 46  ? 1.452   1.914   -8.532  1.00 10.93 ? 1152 TYR A CD2 1 
ATOM   341 C  CE1 . TYR A 1 46  ? 0.784   2.349   -11.172 1.00 14.48 ? 1152 TYR A CE1 1 
ATOM   342 C  CE2 . TYR A 1 46  ? 1.581   3.215   -9.089  1.00 12.63 ? 1152 TYR A CE2 1 
ATOM   343 C  CZ  . TYR A 1 46  ? 1.243   3.391   -10.403 1.00 14.68 ? 1152 TYR A CZ  1 
ATOM   344 O  OH  . TYR A 1 46  ? 1.372   4.652   -10.973 1.00 16.91 ? 1152 TYR A OH  1 
ATOM   345 N  N   . CYS A 1 47  ? -0.491  -3.336  -8.899  1.00 9.53  ? 1153 CYS A N   1 
ATOM   346 C  CA  . CYS A 1 47  ? -0.589  -4.756  -8.568  1.00 10.56 ? 1153 CYS A CA  1 
ATOM   347 C  C   . CYS A 1 47  ? 0.631   -5.357  -7.909  1.00 10.91 ? 1153 CYS A C   1 
ATOM   348 O  O   . CYS A 1 47  ? 1.753   -4.877  -8.015  1.00 10.95 ? 1153 CYS A O   1 
ATOM   349 C  CB  . CYS A 1 47  ? -1.003  -5.574  -9.787  1.00 12.11 ? 1153 CYS A CB  1 
ATOM   350 S  SG  . CYS A 1 47  ? 0.229   -5.626  -11.114 1.00 12.52 ? 1153 CYS A SG  1 
ATOM   351 N  N   . GLY A 1 48  ? 0.337   -6.442  -7.212  1.00 11.05 ? 1154 GLY A N   1 
ATOM   352 C  CA  . GLY A 1 48  ? 1.368   -7.192  -6.503  1.00 11.73 ? 1154 GLY A CA  1 
ATOM   353 C  C   . GLY A 1 48  ? 2.317   -8.029  -7.346  1.00 13.15 ? 1154 GLY A C   1 
ATOM   354 O  O   . GLY A 1 48  ? 2.116   -8.257  -8.535  1.00 13.97 ? 1154 GLY A O   1 
ATOM   355 N  N   . ARG A 1 49  ? 3.346   -8.546  -6.656  1.00 13.74 ? 1155 ARG A N   1 
ATOM   356 C  CA  . ARG A 1 49  ? 4.421   -9.284  -7.317  1.00 15.66 ? 1155 ARG A CA  1 
ATOM   357 C  C   . ARG A 1 49  ? 3.957   -10.545 -8.055  1.00 15.87 ? 1155 ARG A C   1 
ATOM   358 O  O   . ARG A 1 49  ? 4.536   -10.885 -9.087  1.00 17.22 ? 1155 ARG A O   1 
ATOM   359 C  CB  . ARG A 1 49  ? 5.536   -9.660  -6.280  1.00 18.75 ? 1155 ARG A CB  1 
ATOM   360 C  CG  . ARG A 1 49  ? 5.154   -10.692 -5.226  1.00 23.09 ? 1155 ARG A CG  1 
ATOM   361 C  CD  . ARG A 1 49  ? 5.964   -10.599 -3.906  1.00 25.55 ? 1155 ARG A CD  1 
ATOM   362 N  NE  . ARG A 1 49  ? 5.462   -11.466 -2.824  1.00 30.00 ? 1155 ARG A NE  1 
ATOM   363 C  CZ  . ARG A 1 49  ? 4.347   -11.275 -2.088  1.00 34.47 ? 1155 ARG A CZ  1 
ATOM   364 N  NH1 . ARG A 1 49  ? 4.000   -12.124 -1.121  1.00 39.50 ? 1155 ARG A NH1 1 
ATOM   365 N  NH2 . ARG A 1 49  ? 3.559   -10.234 -2.291  1.00 35.01 ? 1155 ARG A NH2 1 
ATOM   366 N  N   . TYR A 1 50  ? 2.889   -11.178 -7.596  1.00 15.09 ? 1156 TYR A N   1 
ATOM   367 C  CA  . TYR A 1 50  ? 2.369   -12.386 -8.274  1.00 16.33 ? 1156 TYR A CA  1 
ATOM   368 C  C   . TYR A 1 50  ? 1.493   -12.138 -9.475  1.00 18.16 ? 1156 TYR A C   1 
ATOM   369 O  O   . TYR A 1 50  ? 1.133   -13.095 -10.178 1.00 17.74 ? 1156 TYR A O   1 
ATOM   370 C  CB  . TYR A 1 50  ? 1.679   -13.279 -7.251  1.00 15.47 ? 1156 TYR A CB  1 
ATOM   371 C  CG  . TYR A 1 50  ? 2.644   -13.815 -6.175  1.00 15.79 ? 1156 TYR A CG  1 
ATOM   372 C  CD1 . TYR A 1 50  ? 3.850   -14.440 -6.550  1.00 16.16 ? 1156 TYR A CD1 1 
ATOM   373 C  CD2 . TYR A 1 50  ? 2.434   -13.614 -4.820  1.00 16.72 ? 1156 TYR A CD2 1 
ATOM   374 C  CE1 . TYR A 1 50  ? 4.743   -14.944 -5.577  1.00 16.67 ? 1156 TYR A CE1 1 
ATOM   375 C  CE2 . TYR A 1 50  ? 3.310   -14.106 -3.850  1.00 16.31 ? 1156 TYR A CE2 1 
ATOM   376 C  CZ  . TYR A 1 50  ? 4.507   -14.749 -4.245  1.00 17.12 ? 1156 TYR A CZ  1 
ATOM   377 O  OH  . TYR A 1 50  ? 5.428   -15.261 -3.327  1.00 20.37 ? 1156 TYR A OH  1 
ATOM   378 N  N   . ILE A 1 51  ? 1.121   -10.882 -9.749  1.00 15.26 ? 1157 ILE A N   1 
ATOM   379 C  CA  . ILE A 1 51  ? 0.410   -10.511 -10.945 1.00 16.18 ? 1157 ILE A CA  1 
ATOM   380 C  C   . ILE A 1 51  ? 1.431   -9.934  -11.895 1.00 16.64 ? 1157 ILE A C   1 
ATOM   381 O  O   . ILE A 1 51  ? 2.152   -10.709 -12.545 1.00 18.10 ? 1157 ILE A O   1 
ATOM   382 C  CB  . ILE A 1 51  ? -0.795  -9.577  -10.643 1.00 15.80 ? 1157 ILE A CB  1 
ATOM   383 C  CG1 . ILE A 1 51  ? -1.622  -10.114 -9.490  1.00 15.91 ? 1157 ILE A CG1 1 
ATOM   384 C  CG2 . ILE A 1 51  ? -1.597  -9.361  -11.958 1.00 17.53 ? 1157 ILE A CG2 1 
ATOM   385 C  CD1 . ILE A 1 51  ? -2.267  -11.466 -9.755  1.00 16.93 ? 1157 ILE A CD1 1 
ATOM   386 N  N   . ASN A 1 52  ? 1.575   -8.624  -12.025 1.00 15.54 ? 1158 ASN A N   1 
ATOM   387 C  CA  . ASN A 1 52  ? 2.551   -8.049  -12.958 1.00 16.31 ? 1158 ASN A CA  1 
ATOM   388 C  C   . ASN A 1 52  ? 3.637   -7.194  -12.260 1.00 15.88 ? 1158 ASN A C   1 
ATOM   389 O  O   . ASN A 1 52  ? 4.466   -6.646  -12.914 1.00 16.13 ? 1158 ASN A O   1 
ATOM   390 C  CB  . ASN A 1 52  ? 1.842   -7.261  -14.053 1.00 16.82 ? 1158 ASN A CB  1 
ATOM   391 C  CG  . ASN A 1 52  ? 1.057   -8.172  -14.985 1.00 19.85 ? 1158 ASN A CG  1 
ATOM   392 O  OD1 . ASN A 1 52  ? 1.610   -9.192  -15.382 1.00 19.81 ? 1158 ASN A OD1 1 
ATOM   393 N  ND2 . ASN A 1 52  ? -0.204  -7.856  -15.277 1.00 19.09 ? 1158 ASN A ND2 1 
ATOM   394 N  N   . GLY A 1 53  ? 3.610   -7.144  -10.940 1.00 14.39 ? 1159 GLY A N   1 
ATOM   395 C  CA  . GLY A 1 53  ? 4.636   -6.470  -10.166 1.00 13.82 ? 1159 GLY A CA  1 
ATOM   396 C  C   . GLY A 1 53  ? 4.733   -4.980  -10.336 1.00 13.23 ? 1159 GLY A C   1 
ATOM   397 O  O   . GLY A 1 53  ? 5.814   -4.381  -10.204 1.00 13.66 ? 1159 GLY A O   1 
ATOM   398 N  N   . HIS A 1 54  ? 3.619   -4.331  -10.619 1.00 12.44 ? 1160 HIS A N   1 
ATOM   399 C  CA  . HIS A 1 54  ? 3.634   -2.905  -10.833 1.00 12.81 ? 1160 HIS A CA  1 
ATOM   400 C  C   . HIS A 1 54  ? 3.878   -2.111  -9.572  1.00 12.22 ? 1160 HIS A C   1 
ATOM   401 O  O   . HIS A 1 54  ? 4.495   -1.046  -9.676  1.00 12.23 ? 1160 HIS A O   1 
ATOM   402 C  CB  . HIS A 1 54  ? 2.400   -2.456  -11.612 1.00 12.56 ? 1160 HIS A CB  1 
ATOM   403 C  CG  . HIS A 1 54  ? 2.456   -2.953  -13.019 1.00 13.48 ? 1160 HIS A CG  1 
ATOM   404 N  ND1 . HIS A 1 54  ? 1.413   -3.638  -13.638 1.00 16.25 ? 1160 HIS A ND1 1 
ATOM   405 C  CD2 . HIS A 1 54  ? 3.459   -2.875  -13.921 1.00 17.12 ? 1160 HIS A CD2 1 
ATOM   406 C  CE1 . HIS A 1 54  ? 1.806   -3.950  -14.873 1.00 15.02 ? 1160 HIS A CE1 1 
ATOM   407 N  NE2 . HIS A 1 54  ? 3.036   -3.507  -15.065 1.00 16.81 ? 1160 HIS A NE2 1 
ATOM   408 N  N   . MET A 1 55  ? 3.471   -2.611  -8.403  1.00 11.85 ? 1161 MET A N   1 
ATOM   409 C  CA  . MET A 1 55  ? 3.804   -1.855  -7.187  1.00 10.90 ? 1161 MET A CA  1 
ATOM   410 C  C   . MET A 1 55  ? 5.300   -1.918  -6.889  1.00 10.46 ? 1161 MET A C   1 
ATOM   411 O  O   . MET A 1 55  ? 5.898   -0.912  -6.488  1.00 11.39 ? 1161 MET A O   1 
ATOM   412 C  CB  . MET A 1 55  ? 2.970   -2.239  -5.949  1.00 10.13 ? 1161 MET A CB  1 
ATOM   413 C  CG  . MET A 1 55  ? 3.182   -1.315  -4.733  1.00 9.69  ? 1161 MET A CG  1 
ATOM   414 S  SD  . MET A 1 55  ? 2.742   0.401   -5.128  1.00 9.79  ? 1161 MET A SD  1 
ATOM   415 C  CE  . MET A 1 55  ? 0.989   0.385   -4.830  1.00 9.95  ? 1161 MET A CE  1 
ATOM   416 N  N   . LEU A 1 56  ? 5.935   -3.079  -7.139  1.00 12.16 ? 1162 LEU A N   1 
ATOM   417 C  CA  . LEU A 1 56  ? 7.381   -3.174  -6.988  1.00 13.67 ? 1162 LEU A CA  1 
ATOM   418 C  C   . LEU A 1 56  ? 8.078   -2.220  -7.966  1.00 14.15 ? 1162 LEU A C   1 
ATOM   419 O  O   . LEU A 1 56  ? 9.015   -1.503  -7.592  1.00 14.64 ? 1162 LEU A O   1 
ATOM   420 C  CB  . LEU A 1 56  ? 7.819   -4.651  -7.158  1.00 14.84 ? 1162 LEU A CB  1 
ATOM   421 C  CG  . LEU A 1 56  ? 9.311   -4.929  -7.041  1.00 19.07 ? 1162 LEU A CG  1 
ATOM   422 C  CD1 . LEU A 1 56  ? 9.922   -4.566  -5.717  1.00 18.11 ? 1162 LEU A CD1 1 
ATOM   423 C  CD2 . LEU A 1 56  ? 9.492   -6.422  -7.313  1.00 19.99 ? 1162 LEU A CD2 1 
ATOM   424 N  N   . GLN A 1 57  ? 7.592   -2.119  -9.206  1.00 13.45 ? 1163 GLN A N   1 
ATOM   425 C  CA  . GLN A 1 57  ? 8.146   -1.194  -10.148 1.00 14.62 ? 1163 GLN A CA  1 
ATOM   426 C  C   . GLN A 1 57  ? 7.985   0.253   -9.660  1.00 12.85 ? 1163 GLN A C   1 
ATOM   427 O  O   . GLN A 1 57  ? 8.910   1.077   -9.767  1.00 14.14 ? 1163 GLN A O   1 
ATOM   428 C  CB  . GLN A 1 57  ? 7.506   -1.392  -11.526 1.00 17.73 ? 1163 GLN A CB  1 
ATOM   429 C  CG  . GLN A 1 57  ? 7.980   -0.477  -12.625 1.00 22.21 ? 1163 GLN A CG  1 
ATOM   430 C  CD  . GLN A 1 57  ? 7.334   -0.834  -13.967 1.00 26.56 ? 1163 GLN A CD  1 
ATOM   431 O  OE1 . GLN A 1 57  ? 6.751   -1.908  -14.112 1.00 27.81 ? 1163 GLN A OE1 1 
ATOM   432 N  NE2 . GLN A 1 57  ? 7.426   0.077   -14.946 1.00 33.80 ? 1163 GLN A NE2 1 
ATOM   433 N  N   . HIS A 1 58  ? 6.816   0.572   -9.116  1.00 12.17 ? 1164 HIS A N   1 
ATOM   434 C  CA  . HIS A 1 58  ? 6.555   1.895   -8.576  1.00 11.31 ? 1164 HIS A CA  1 
ATOM   435 C  C   . HIS A 1 58  ? 7.531   2.213   -7.448  1.00 11.34 ? 1164 HIS A C   1 
ATOM   436 O  O   . HIS A 1 58  ? 8.057   3.317   -7.364  1.00 11.47 ? 1164 HIS A O   1 
ATOM   437 C  CB  . HIS A 1 58  ? 5.115   2.026   -8.114  1.00 10.93 ? 1164 HIS A CB  1 
ATOM   438 C  CG  . HIS A 1 58  ? 4.834   3.323   -7.382  1.00 9.92  ? 1164 HIS A CG  1 
ATOM   439 N  ND1 . HIS A 1 58  ? 4.785   4.550   -8.045  1.00 11.93 ? 1164 HIS A ND1 1 
ATOM   440 C  CD2 . HIS A 1 58  ? 4.617   3.594   -6.076  1.00 10.72 ? 1164 HIS A CD2 1 
ATOM   441 C  CE1 . HIS A 1 58  ? 4.471   5.491   -7.159  1.00 11.05 ? 1164 HIS A CE1 1 
ATOM   442 N  NE2 . HIS A 1 58  ? 4.430   4.956   -5.948  1.00 10.28 ? 1164 HIS A NE2 1 
ATOM   443 N  N   . HIS A 1 59  ? 7.757   1.265   -6.573  1.00 11.40 ? 1165 HIS A N   1 
ATOM   444 C  CA  . HIS A 1 59  ? 8.776   1.442   -5.536  1.00 10.69 ? 1165 HIS A CA  1 
ATOM   445 C  C   . HIS A 1 59  ? 10.112  1.786   -6.182  1.00 10.95 ? 1165 HIS A C   1 
ATOM   446 O  O   . HIS A 1 59  ? 10.802  2.686   -5.722  1.00 12.08 ? 1165 HIS A O   1 
ATOM   447 C  CB  . HIS A 1 59  ? 8.931   0.205   -4.659  1.00 12.08 ? 1165 HIS A CB  1 
ATOM   448 C  CG  . HIS A 1 59  ? 10.169  0.238   -3.813  1.00 11.62 ? 1165 HIS A CG  1 
ATOM   449 N  ND1 . HIS A 1 59  ? 10.317  1.068   -2.722  1.00 11.42 ? 1165 HIS A ND1 1 
ATOM   450 C  CD2 . HIS A 1 59  ? 11.350  -0.407  -3.963  1.00 12.34 ? 1165 HIS A CD2 1 
ATOM   451 C  CE1 . HIS A 1 59  ? 11.548  0.922   -2.241  1.00 12.43 ? 1165 HIS A CE1 1 
ATOM   452 N  NE2 . HIS A 1 59  ? 12.190  0.028   -2.968  1.00 13.70 ? 1165 HIS A NE2 1 
ATOM   453 N  N   . GLY A 1 60  ? 10.475  1.039   -7.211  1.00 11.88 ? 1166 GLY A N   1 
ATOM   454 C  CA  . GLY A 1 60  ? 11.776  1.272   -7.799  1.00 13.08 ? 1166 GLY A CA  1 
ATOM   455 C  C   . GLY A 1 60  ? 11.906  2.643   -8.413  1.00 12.64 ? 1166 GLY A C   1 
ATOM   456 O  O   . GLY A 1 60  ? 12.991  3.246   -8.343  1.00 14.67 ? 1166 GLY A O   1 
ATOM   457 N  N   A ASN A 1 61  ? 10.868  3.194   -9.024  0.50 13.35 ? 1167 ASN A N   1 
ATOM   458 N  N   B ASN A 1 61  ? 10.814  3.083   -9.055  0.50 14.69 ? 1167 ASN A N   1 
ATOM   459 C  CA  A ASN A 1 61  ? 11.000  4.453   -9.732  0.50 14.02 ? 1167 ASN A CA  1 
ATOM   460 C  CA  B ASN A 1 61  ? 10.661  4.332   -9.796  0.50 15.67 ? 1167 ASN A CA  1 
ATOM   461 C  C   A ASN A 1 61  ? 10.506  5.664   -8.957  0.50 13.37 ? 1167 ASN A C   1 
ATOM   462 C  C   B ASN A 1 61  ? 10.644  5.573   -8.898  0.50 14.54 ? 1167 ASN A C   1 
ATOM   463 O  O   A ASN A 1 61  ? 10.564  6.817   -9.473  0.50 13.31 ? 1167 ASN A O   1 
ATOM   464 O  O   B ASN A 1 61  ? 11.149  6.650   -9.272  0.50 14.93 ? 1167 ASN A O   1 
ATOM   465 C  CB  A ASN A 1 61  ? 10.317  4.374   -11.108 0.50 14.29 ? 1167 ASN A CB  1 
ATOM   466 C  CB  B ASN A 1 61  ? 9.314   4.346   -10.573 0.50 18.01 ? 1167 ASN A CB  1 
ATOM   467 C  CG  A ASN A 1 61  ? 8.780   4.334   -11.029 0.50 14.91 ? 1167 ASN A CG  1 
ATOM   468 C  CG  B ASN A 1 61  ? 9.256   3.362   -11.750 0.50 18.71 ? 1167 ASN A CG  1 
ATOM   469 O  OD1 A ASN A 1 61  ? 8.162   5.099   -10.286 0.50 15.44 ? 1167 ASN A OD1 1 
ATOM   470 O  OD1 B ASN A 1 61  ? 8.187   3.119   -12.301 0.50 20.54 ? 1167 ASN A OD1 1 
ATOM   471 N  ND2 A ASN A 1 61  ? 8.165   3.472   -11.839 0.50 17.37 ? 1167 ASN A ND2 1 
ATOM   472 N  ND2 B ASN A 1 61  ? 10.387  2.774   -12.106 0.50 21.39 ? 1167 ASN A ND2 1 
ATOM   473 N  N   . SER A 1 62  ? 10.031  5.416   -7.723  1.00 12.49 ? 1168 SER A N   1 
ATOM   474 C  CA  . SER A 1 62  ? 9.670   6.504   -6.813  1.00 11.70 ? 1168 SER A CA  1 
ATOM   475 C  C   . SER A 1 62  ? 10.480  6.558   -5.508  1.00 11.89 ? 1168 SER A C   1 
ATOM   476 O  O   . SER A 1 62  ? 10.557  7.612   -4.881  1.00 12.81 ? 1168 SER A O   1 
ATOM   477 C  CB  . SER A 1 62  ? 8.161   6.465   -6.432  1.00 11.92 ? 1168 SER A CB  1 
ATOM   478 O  OG  . SER A 1 62  ? 7.916   5.331   -5.584  1.00 12.72 ? 1168 SER A OG  1 
ATOM   479 N  N   . GLY A 1 63  ? 10.928  5.373   -5.058  1.00 11.99 ? 1169 GLY A N   1 
ATOM   480 C  CA  . GLY A 1 63  ? 11.512  5.147   -3.751  1.00 11.91 ? 1169 GLY A CA  1 
ATOM   481 C  C   . GLY A 1 63  ? 10.515  5.101   -2.604  1.00 11.97 ? 1169 GLY A C   1 
ATOM   482 O  O   . GLY A 1 63  ? 10.907  5.028   -1.440  1.00 12.06 ? 1169 GLY A O   1 
ATOM   483 N  N   . HIS A 1 64  ? 9.213   5.153   -2.917  1.00 10.95 ? 1170 HIS A N   1 
ATOM   484 C  CA  . HIS A 1 64  ? 8.214   5.160   -1.847  1.00 10.74 ? 1170 HIS A CA  1 
ATOM   485 C  C   . HIS A 1 64  ? 8.249   3.814   -1.104  1.00 10.18 ? 1170 HIS A C   1 
ATOM   486 O  O   . HIS A 1 64  ? 8.292   2.766   -1.751  1.00 11.77 ? 1170 HIS A O   1 
ATOM   487 C  CB  . HIS A 1 64  ? 6.795   5.432   -2.369  1.00 10.61 ? 1170 HIS A CB  1 
ATOM   488 C  CG  . HIS A 1 64  ? 6.615   6.804   -2.928  1.00 10.04 ? 1170 HIS A CG  1 
ATOM   489 N  ND1 . HIS A 1 64  ? 5.593   7.162   -3.783  1.00 11.04 ? 1170 HIS A ND1 1 
ATOM   490 C  CD2 . HIS A 1 64  ? 7.441   7.882   -2.844  1.00 10.47 ? 1170 HIS A CD2 1 
ATOM   491 C  CE1 . HIS A 1 64  ? 5.743   8.449   -4.107  1.00 10.35 ? 1170 HIS A CE1 1 
ATOM   492 N  NE2 . HIS A 1 64  ? 6.872   8.895   -3.579  1.00 10.65 ? 1170 HIS A NE2 1 
ATOM   493 N  N   . PRO A 1 65  ? 8.247   3.846   0.243   1.00 10.19 ? 1171 PRO A N   1 
ATOM   494 C  CA  . PRO A 1 65  ? 8.608   2.660   1.030   1.00 9.90  ? 1171 PRO A CA  1 
ATOM   495 C  C   . PRO A 1 65  ? 7.496   1.624   1.356   1.00 9.11  ? 1171 PRO A C   1 
ATOM   496 O  O   . PRO A 1 65  ? 7.756   0.418   1.305   1.00 9.69  ? 1171 PRO A O   1 
ATOM   497 C  CB  . PRO A 1 65  ? 9.089   3.267   2.341   1.00 9.69  ? 1171 PRO A CB  1 
ATOM   498 C  CG  . PRO A 1 65  ? 8.362   4.581   2.470   1.00 10.12 ? 1171 PRO A CG  1 
ATOM   499 C  CD  . PRO A 1 65  ? 8.276   5.076   1.061   1.00 10.33 ? 1171 PRO A CD  1 
ATOM   500 N  N   . LEU A 1 66  ? 6.334   2.151   1.731   1.00 9.50  ? 1172 LEU A N   1 
ATOM   501 C  CA  . LEU A 1 66  ? 5.299   1.394   2.413   1.00 9.42  ? 1172 LEU A CA  1 
ATOM   502 C  C   . LEU A 1 66  ? 4.022   1.361   1.578   1.00 8.96  ? 1172 LEU A C   1 
ATOM   503 O  O   . LEU A 1 66  ? 3.540   2.401   1.078   1.00 10.36 ? 1172 LEU A O   1 
ATOM   504 C  CB  . LEU A 1 66  ? 4.993   2.011   3.776   1.00 10.16 ? 1172 LEU A CB  1 
ATOM   505 C  CG  . LEU A 1 66  ? 5.951   1.631   4.869   1.00 11.09 ? 1172 LEU A CG  1 
ATOM   506 C  CD1 . LEU A 1 66  ? 6.120   2.715   5.919   1.00 12.88 ? 1172 LEU A CD1 1 
ATOM   507 C  CD2 . LEU A 1 66  ? 5.457   0.326   5.482   1.00 11.63 ? 1172 LEU A CD2 1 
ATOM   508 N  N   . VAL A 1 67  ? 3.469   0.146   1.472   1.00 9.15  ? 1173 VAL A N   1 
ATOM   509 C  CA  . VAL A 1 67  ? 2.302   -0.127  0.638   1.00 9.11  ? 1173 VAL A CA  1 
ATOM   510 C  C   . VAL A 1 67  ? 1.321   -1.015  1.435   1.00 10.48 ? 1173 VAL A C   1 
ATOM   511 O  O   . VAL A 1 67  ? 1.747   -1.839  2.249   1.00 11.07 ? 1173 VAL A O   1 
ATOM   512 C  CB  . VAL A 1 67  ? 2.734   -0.752  -0.731  1.00 9.21  ? 1173 VAL A CB  1 
ATOM   513 C  CG1 . VAL A 1 67  ? 3.600   0.220   -1.540  1.00 9.81  ? 1173 VAL A CG1 1 
ATOM   514 C  CG2 . VAL A 1 67  ? 3.450   -2.073  -0.616  1.00 9.99  ? 1173 VAL A CG2 1 
ATOM   515 N  N   . LEU A 1 68  ? 0.031   -0.787  1.221   1.00 10.12 ? 1174 LEU A N   1 
ATOM   516 C  CA  . LEU A 1 68  ? -1.057  -1.450  1.914   1.00 10.47 ? 1174 LEU A CA  1 
ATOM   517 C  C   . LEU A 1 68  ? -1.815  -2.383  0.987   1.00 10.73 ? 1174 LEU A C   1 
ATOM   518 O  O   . LEU A 1 68  ? -2.218  -1.995  -0.089  1.00 9.81  ? 1174 LEU A O   1 
ATOM   519 C  CB  . LEU A 1 68  ? -1.998  -0.410  2.522   1.00 11.98 ? 1174 LEU A CB  1 
ATOM   520 C  CG  . LEU A 1 68  ? -3.279  -0.852  3.250   1.00 12.95 ? 1174 LEU A CG  1 
ATOM   521 C  CD1 . LEU A 1 68  ? -2.833  -1.588  4.501   1.00 15.03 ? 1174 LEU A CD1 1 
ATOM   522 C  CD2 . LEU A 1 68  ? -4.256  0.261   3.620   1.00 15.53 ? 1174 LEU A CD2 1 
ATOM   523 N  N   . SER A 1 69  ? -2.011  -3.630  1.438   1.00 10.70 ? 1175 SER A N   1 
ATOM   524 C  CA  . SER A 1 69  ? -2.690  -4.631  0.616   1.00 10.88 ? 1175 SER A CA  1 
ATOM   525 C  C   . SER A 1 69  ? -4.170  -4.500  0.698   1.00 12.64 ? 1175 SER A C   1 
ATOM   526 O  O   . SER A 1 69  ? -4.759  -4.456  1.803   1.00 12.49 ? 1175 SER A O   1 
ATOM   527 C  CB  . SER A 1 69  ? -2.336  -6.015  1.155   1.00 11.02 ? 1175 SER A CB  1 
ATOM   528 O  OG  . SER A 1 69  ? -3.143  -6.979  0.478   1.00 11.94 ? 1175 SER A OG  1 
ATOM   529 N  N   . TYR A 1 70  ? -4.815  -4.420  -0.485  1.00 12.66 ? 1176 TYR A N   1 
ATOM   530 C  CA  . TYR A 1 70  ? -6.267  -4.473  -0.537  1.00 12.19 ? 1176 TYR A CA  1 
ATOM   531 C  C   . TYR A 1 70  ? -6.840  -5.884  -0.394  1.00 14.28 ? 1176 TYR A C   1 
ATOM   532 O  O   . TYR A 1 70  ? -8.079  -6.043  -0.401  1.00 16.11 ? 1176 TYR A O   1 
ATOM   533 C  CB  . TYR A 1 70  ? -6.707  -3.781  -1.832  1.00 12.07 ? 1176 TYR A CB  1 
ATOM   534 C  CG  . TYR A 1 70  ? -6.649  -2.275  -1.814  1.00 11.86 ? 1176 TYR A CG  1 
ATOM   535 C  CD1 . TYR A 1 70  ? -6.638  -1.533  -0.634  1.00 12.79 ? 1176 TYR A CD1 1 
ATOM   536 C  CD2 . TYR A 1 70  ? -6.631  -1.569  -3.042  1.00 12.03 ? 1176 TYR A CD2 1 
ATOM   537 C  CE1 . TYR A 1 70  ? -6.679  -0.167  -0.671  1.00 13.07 ? 1176 TYR A CE1 1 
ATOM   538 C  CE2 . TYR A 1 70  ? -6.699  -0.201  -3.085  1.00 12.92 ? 1176 TYR A CE2 1 
ATOM   539 C  CZ  . TYR A 1 70  ? -6.713  0.501   -1.881  1.00 13.89 ? 1176 TYR A CZ  1 
ATOM   540 O  OH  . TYR A 1 70  ? -6.762  1.852   -1.866  1.00 14.87 ? 1176 TYR A OH  1 
ATOM   541 N  N   . ILE A 1 71  ? -5.984  -6.897  -0.230  1.00 13.89 ? 1177 ILE A N   1 
ATOM   542 C  CA  . ILE A 1 71  ? -6.459  -8.249  0.108   1.00 15.84 ? 1177 ILE A CA  1 
ATOM   543 C  C   . ILE A 1 71  ? -6.671  -8.377  1.623   1.00 16.96 ? 1177 ILE A C   1 
ATOM   544 O  O   . ILE A 1 71  ? -7.753  -8.789  2.070   1.00 17.33 ? 1177 ILE A O   1 
ATOM   545 C  CB  . ILE A 1 71  ? -5.549  -9.321  -0.449  1.00 18.08 ? 1177 ILE A CB  1 
ATOM   546 C  CG1 . ILE A 1 71  ? -5.669  -9.283  -1.969  1.00 21.99 ? 1177 ILE A CG1 1 
ATOM   547 C  CG2 . ILE A 1 71  ? -5.916  -10.709 0.081   1.00 17.57 ? 1177 ILE A CG2 1 
ATOM   548 C  CD1 . ILE A 1 71  ? -4.894  -10.286 -2.734  1.00 24.78 ? 1177 ILE A CD1 1 
ATOM   549 N  N   . ASP A 1 72  ? -5.666  -8.069  2.403   1.00 16.13 ? 1178 ASP A N   1 
ATOM   550 C  CA  . ASP A 1 72  ? -5.723  -8.354  3.848   1.00 16.55 ? 1178 ASP A CA  1 
ATOM   551 C  C   . ASP A 1 72  ? -5.363  -7.183  4.761   1.00 16.52 ? 1178 ASP A C   1 
ATOM   552 O  O   . ASP A 1 72  ? -5.290  -7.358  5.978   1.00 17.05 ? 1178 ASP A O   1 
ATOM   553 C  CB  . ASP A 1 72  ? -4.869  -9.594  4.192   1.00 17.83 ? 1178 ASP A CB  1 
ATOM   554 C  CG  . ASP A 1 72  ? -3.386  -9.334  4.127   1.00 20.19 ? 1178 ASP A CG  1 
ATOM   555 O  OD1 . ASP A 1 72  ? -2.940  -8.259  3.684   1.00 17.17 ? 1178 ASP A OD1 1 
ATOM   556 O  OD2 . ASP A 1 72  ? -2.637  -10.230 4.516   1.00 25.59 ? 1178 ASP A OD2 1 
ATOM   557 N  N   . LEU A 1 73  ? -5.141  -5.991  4.188   1.00 14.24 ? 1179 LEU A N   1 
ATOM   558 C  CA  . LEU A 1 73  ? -4.828  -4.780  4.942   1.00 14.81 ? 1179 LEU A CA  1 
ATOM   559 C  C   . LEU A 1 73  ? -3.509  -4.862  5.725   1.00 14.58 ? 1179 LEU A C   1 
ATOM   560 O  O   . LEU A 1 73  ? -3.326  -4.064  6.651   1.00 16.48 ? 1179 LEU A O   1 
ATOM   561 C  CB  . LEU A 1 73  ? -5.992  -4.386  5.863   1.00 16.03 ? 1179 LEU A CB  1 
ATOM   562 C  CG  . LEU A 1 73  ? -7.393  -4.482  5.272   1.00 18.09 ? 1179 LEU A CG  1 
ATOM   563 C  CD1 . LEU A 1 73  ? -8.467  -4.109  6.283   1.00 19.47 ? 1179 LEU A CD1 1 
ATOM   564 C  CD2 . LEU A 1 73  ? -7.490  -3.605  4.040   1.00 18.36 ? 1179 LEU A CD2 1 
ATOM   565 N  N   . SER A 1 74  ? -2.604  -5.724  5.308   1.00 14.74 ? 1180 SER A N   1 
ATOM   566 C  CA  . SER A 1 74  ? -1.241  -5.673  5.797   1.00 15.02 ? 1180 SER A CA  1 
ATOM   567 C  C   . SER A 1 74  ? -0.459  -4.575  5.058   1.00 14.69 ? 1180 SER A C   1 
ATOM   568 O  O   . SER A 1 74  ? -0.760  -4.236  3.915   1.00 14.68 ? 1180 SER A O   1 
ATOM   569 C  CB  . SER A 1 74  ? -0.548  -6.977  5.571   1.00 15.57 ? 1180 SER A CB  1 
ATOM   570 O  OG  . SER A 1 74  ? -0.480  -7.298  4.218   1.00 20.08 ? 1180 SER A OG  1 
ATOM   571 N  N   . ALA A 1 75  ? 0.579   -4.069  5.693   1.00 12.93 ? 1181 ALA A N   1 
ATOM   572 C  CA  . ALA A 1 75  ? 1.444   -3.024  5.165   1.00 12.69 ? 1181 ALA A CA  1 
ATOM   573 C  C   . ALA A 1 75  ? 2.848   -3.587  5.068   1.00 13.22 ? 1181 ALA A C   1 
ATOM   574 O  O   . ALA A 1 75  ? 3.361   -4.203  6.013   1.00 13.07 ? 1181 ALA A O   1 
ATOM   575 C  CB  . ALA A 1 75  ? 1.419   -1.808  6.062   1.00 12.64 ? 1181 ALA A CB  1 
ATOM   576 N  N   . TRP A 1 76  ? 3.438   -3.496  3.870   1.00 11.56 ? 1182 TRP A N   1 
ATOM   577 C  CA  . TRP A 1 76  ? 4.751   -3.989  3.537   1.00 11.76 ? 1182 TRP A CA  1 
ATOM   578 C  C   . TRP A 1 76  ? 5.696   -2.840  3.319   1.00 11.38 ? 1182 TRP A C   1 
ATOM   579 O  O   . TRP A 1 76  ? 5.352   -1.868  2.626   1.00 11.12 ? 1182 TRP A O   1 
ATOM   580 C  CB  . TRP A 1 76  ? 4.731   -4.860  2.248   1.00 11.59 ? 1182 TRP A CB  1 
ATOM   581 C  CG  . TRP A 1 76  ? 6.010   -5.436  1.792   1.00 12.44 ? 1182 TRP A CG  1 
ATOM   582 C  CD1 . TRP A 1 76  ? 6.802   -5.004  0.754   1.00 14.18 ? 1182 TRP A CD1 1 
ATOM   583 C  CD2 . TRP A 1 76  ? 6.701   -6.558  2.370   1.00 12.59 ? 1182 TRP A CD2 1 
ATOM   584 N  NE1 . TRP A 1 76  ? 7.917   -5.781  0.637   1.00 13.80 ? 1182 TRP A NE1 1 
ATOM   585 C  CE2 . TRP A 1 76  ? 7.870   -6.778  1.581   1.00 12.78 ? 1182 TRP A CE2 1 
ATOM   586 C  CE3 . TRP A 1 76  ? 6.410   -7.459  3.416   1.00 12.70 ? 1182 TRP A CE3 1 
ATOM   587 C  CZ2 . TRP A 1 76  ? 8.797   -7.814  1.866   1.00 14.44 ? 1182 TRP A CZ2 1 
ATOM   588 C  CZ3 . TRP A 1 76  ? 7.324   -8.498  3.677   1.00 14.59 ? 1182 TRP A CZ3 1 
ATOM   589 C  CH2 . TRP A 1 76  ? 8.490   -8.661  2.898   1.00 13.82 ? 1182 TRP A CH2 1 
ATOM   590 N  N   . CYS A 1 77  ? 6.897   -2.929  3.899   1.00 10.80 ? 1183 CYS A N   1 
ATOM   591 C  CA  . CYS A 1 77  ? 7.955   -1.992  3.595   1.00 11.01 ? 1183 CYS A CA  1 
ATOM   592 C  C   . CYS A 1 77  ? 8.952   -2.635  2.672   1.00 11.35 ? 1183 CYS A C   1 
ATOM   593 O  O   . CYS A 1 77  ? 9.588   -3.612  3.029   1.00 10.59 ? 1183 CYS A O   1 
ATOM   594 C  CB  . CYS A 1 77  ? 8.690   -1.509  4.842   1.00 11.76 ? 1183 CYS A CB  1 
ATOM   595 S  SG  . CYS A 1 77  ? 9.996   -0.313  4.452   1.00 10.41 ? 1183 CYS A SG  1 
ATOM   596 N  N   . TYR A 1 78  ? 9.175   -2.036  1.524   1.00 10.90 ? 1184 TYR A N   1 
ATOM   597 C  CA  . TYR A 1 78  ? 10.103  -2.623  0.534   1.00 11.25 ? 1184 TYR A CA  1 
ATOM   598 C  C   . TYR A 1 78  ? 11.566  -2.513  0.952   1.00 13.07 ? 1184 TYR A C   1 
ATOM   599 O  O   . TYR A 1 78  ? 12.393  -3.284  0.471   1.00 15.28 ? 1184 TYR A O   1 
ATOM   600 C  CB  . TYR A 1 78  ? 9.950   -1.968  -0.845  1.00 11.44 ? 1184 TYR A CB  1 
ATOM   601 C  CG  . TYR A 1 78  ? 8.701   -2.351  -1.604  1.00 10.86 ? 1184 TYR A CG  1 
ATOM   602 C  CD1 . TYR A 1 78  ? 8.569   -3.611  -2.216  1.00 11.44 ? 1184 TYR A CD1 1 
ATOM   603 C  CD2 . TYR A 1 78  ? 7.638   -1.459  -1.740  1.00 11.40 ? 1184 TYR A CD2 1 
ATOM   604 C  CE1 . TYR A 1 78  ? 7.400   -3.974  -2.910  1.00 11.22 ? 1184 TYR A CE1 1 
ATOM   605 C  CE2 . TYR A 1 78  ? 6.463   -1.815  -2.398  1.00 11.81 ? 1184 TYR A CE2 1 
ATOM   606 C  CZ  . TYR A 1 78  ? 6.362   -3.056  -3.009  1.00 12.98 ? 1184 TYR A CZ  1 
ATOM   607 O  OH  . TYR A 1 78  ? 5.227   -3.384  -3.671  1.00 13.40 ? 1184 TYR A OH  1 
ATOM   608 N  N   . TYR A 1 79  ? 11.902  -1.530  1.762   1.00 11.33 ? 1185 TYR A N   1 
ATOM   609 C  CA  . TYR A 1 79  ? 13.277  -1.305  2.195   1.00 12.16 ? 1185 TYR A CA  1 
ATOM   610 C  C   . TYR A 1 79  ? 13.587  -2.331  3.279   1.00 12.91 ? 1185 TYR A C   1 
ATOM   611 O  O   . TYR A 1 79  ? 14.612  -2.991  3.226   1.00 14.56 ? 1185 TYR A O   1 
ATOM   612 C  CB  . TYR A 1 79  ? 13.467  0.091   2.760   1.00 12.83 ? 1185 TYR A CB  1 
ATOM   613 C  CG  . TYR A 1 79  ? 13.447  1.192   1.738   1.00 12.93 ? 1185 TYR A CG  1 
ATOM   614 C  CD1 . TYR A 1 79  ? 14.586  1.531   1.052   1.00 13.75 ? 1185 TYR A CD1 1 
ATOM   615 C  CD2 . TYR A 1 79  ? 12.318  1.947   1.538   1.00 11.79 ? 1185 TYR A CD2 1 
ATOM   616 C  CE1 . TYR A 1 79  ? 14.578  2.585   0.141   1.00 14.50 ? 1185 TYR A CE1 1 
ATOM   617 C  CE2 . TYR A 1 79  ? 12.284  2.982   0.624   1.00 11.90 ? 1185 TYR A CE2 1 
ATOM   618 C  CZ  . TYR A 1 79  ? 13.440  3.282   -0.062  1.00 13.45 ? 1185 TYR A CZ  1 
ATOM   619 O  OH  . TYR A 1 79  ? 13.412  4.309   -0.930  1.00 13.88 ? 1185 TYR A OH  1 
ATOM   620 N  N   . CYS A 1 80  ? 12.702  -2.405  4.282   1.00 13.36 ? 1186 CYS A N   1 
ATOM   621 C  CA  . CYS A 1 80  ? 12.948  -3.331  5.435   1.00 13.72 ? 1186 CYS A CA  1 
ATOM   622 C  C   . CYS A 1 80  ? 12.624  -4.742  5.065   1.00 14.85 ? 1186 CYS A C   1 
ATOM   623 O  O   . CYS A 1 80  ? 13.051  -5.662  5.808   1.00 16.02 ? 1186 CYS A O   1 
ATOM   624 C  CB  . CYS A 1 80  ? 12.139  -2.866  6.640   1.00 14.36 ? 1186 CYS A CB  1 
ATOM   625 S  SG  . CYS A 1 80  ? 12.546  -1.202  7.281   1.00 14.95 ? 1186 CYS A SG  1 
ATOM   626 N  N   . GLN A 1 81  ? 11.909  -4.964  3.960   1.00 14.77 ? 1187 GLN A N   1 
ATOM   627 C  CA  . GLN A 1 81  ? 11.511  -6.306  3.469   1.00 16.42 ? 1187 GLN A CA  1 
ATOM   628 C  C   . GLN A 1 81  ? 10.789  -7.052  4.567   1.00 14.88 ? 1187 GLN A C   1 
ATOM   629 O  O   . GLN A 1 81  ? 11.128  -8.169  4.967   1.00 16.21 ? 1187 GLN A O   1 
ATOM   630 C  CB  . GLN A 1 81  ? 12.682  -7.100  2.903   1.00 19.71 ? 1187 GLN A CB  1 
ATOM   631 C  CG  . GLN A 1 81  ? 13.481  -6.327  1.880   1.00 24.62 ? 1187 GLN A CG  1 
ATOM   632 C  CD  . GLN A 1 81  ? 14.437  -7.219  1.087   1.00 29.70 ? 1187 GLN A CD  1 
ATOM   633 O  OE1 . GLN A 1 81  ? 15.638  -7.199  1.315   1.00 36.27 ? 1187 GLN A OE1 1 
ATOM   634 N  NE2 . GLN A 1 81  ? 13.891  -7.996  0.168   1.00 34.86 ? 1187 GLN A NE2 1 
ATOM   635 N  N   . ALA A 1 82  ? 9.800   -6.363  5.104   1.00 13.96 ? 1188 ALA A N   1 
ATOM   636 C  CA  . ALA A 1 82  ? 8.983   -6.832  6.222   1.00 13.93 ? 1188 ALA A CA  1 
ATOM   637 C  C   . ALA A 1 82  ? 7.613   -6.181  6.243   1.00 13.28 ? 1188 ALA A C   1 
ATOM   638 O  O   . ALA A 1 82  ? 7.449   -5.023  5.788   1.00 12.08 ? 1188 ALA A O   1 
ATOM   639 C  CB  . ALA A 1 82  ? 9.655   -6.530  7.560   1.00 14.25 ? 1188 ALA A CB  1 
ATOM   640 N  N   . TYR A 1 83  ? 6.646   -6.870  6.869   1.00 13.12 ? 1189 TYR A N   1 
ATOM   641 C  CA  . TYR A 1 83  ? 5.424   -6.261  7.261   1.00 13.87 ? 1189 TYR A CA  1 
ATOM   642 C  C   . TYR A 1 83  ? 5.606   -5.393  8.486   1.00 13.13 ? 1189 TYR A C   1 
ATOM   643 O  O   . TYR A 1 83  ? 6.411   -5.716  9.392   1.00 12.80 ? 1189 TYR A O   1 
ATOM   644 C  CB  . TYR A 1 83  ? 4.373   -7.328  7.533   1.00 13.93 ? 1189 TYR A CB  1 
ATOM   645 C  CG  . TYR A 1 83  ? 3.913   -8.054  6.319   1.00 16.91 ? 1189 TYR A CG  1 
ATOM   646 C  CD1 . TYR A 1 83  ? 3.049   -7.456  5.411   1.00 17.11 ? 1189 TYR A CD1 1 
ATOM   647 C  CD2 . TYR A 1 83  ? 4.309   -9.336  6.095   1.00 18.25 ? 1189 TYR A CD2 1 
ATOM   648 C  CE1 . TYR A 1 83  ? 2.603   -8.143  4.297   1.00 20.61 ? 1189 TYR A CE1 1 
ATOM   649 C  CE2 . TYR A 1 83  ? 3.878   -10.011 4.957   1.00 21.71 ? 1189 TYR A CE2 1 
ATOM   650 C  CZ  . TYR A 1 83  ? 3.038   -9.396  4.098   1.00 20.66 ? 1189 TYR A CZ  1 
ATOM   651 O  OH  . TYR A 1 83  ? 2.587   -10.089 2.982   1.00 27.08 ? 1189 TYR A OH  1 
ATOM   652 N  N   . VAL A 1 84  ? 4.921   -4.272  8.528   1.00 13.10 ? 1190 VAL A N   1 
ATOM   653 C  CA  . VAL A 1 84  ? 5.007   -3.301  9.605   1.00 13.48 ? 1190 VAL A CA  1 
ATOM   654 C  C   . VAL A 1 84  ? 3.600   -2.995  10.096  1.00 14.64 ? 1190 VAL A C   1 
ATOM   655 O  O   . VAL A 1 84  ? 2.678   -2.826  9.284   1.00 13.72 ? 1190 VAL A O   1 
ATOM   656 C  CB  . VAL A 1 84  ? 5.708   -2.022  9.106   1.00 13.08 ? 1190 VAL A CB  1 
ATOM   657 C  CG1 . VAL A 1 84  ? 5.827   -1.010  10.217  1.00 14.31 ? 1190 VAL A CG1 1 
ATOM   658 C  CG2 . VAL A 1 84  ? 7.045   -2.348  8.478   1.00 13.99 ? 1190 VAL A CG2 1 
ATOM   659 N  N   . HIS A 1 85  ? 3.402   -2.875  11.411  1.00 14.30 ? 1191 HIS A N   1 
ATOM   660 C  CA  . HIS A 1 85  ? 2.175   -2.349  11.937  1.00 14.75 ? 1191 HIS A CA  1 
ATOM   661 C  C   . HIS A 1 85  ? 2.517   -1.390  13.050  1.00 15.74 ? 1191 HIS A C   1 
ATOM   662 O  O   . HIS A 1 85  ? 3.365   -1.724  13.872  1.00 16.06 ? 1191 HIS A O   1 
ATOM   663 C  CB  . HIS A 1 85  ? 1.224   -3.438  12.435  1.00 15.54 ? 1191 HIS A CB  1 
ATOM   664 C  CG  . HIS A 1 85  ? -0.073  -2.877  12.914  1.00 16.89 ? 1191 HIS A CG  1 
ATOM   665 N  ND1 . HIS A 1 85  ? -1.049  -2.441  12.047  1.00 15.95 ? 1191 HIS A ND1 1 
ATOM   666 C  CD2 . HIS A 1 85  ? -0.503  -2.554  14.151  1.00 18.69 ? 1191 HIS A CD2 1 
ATOM   667 C  CE1 . HIS A 1 85  ? -2.024  -1.864  12.725  1.00 19.07 ? 1191 HIS A CE1 1 
ATOM   668 N  NE2 . HIS A 1 85  ? -1.718  -1.922  14.008  1.00 20.31 ? 1191 HIS A NE2 1 
ATOM   669 N  N   . HIS A 1 86  ? 1.858   -0.264  13.057  1.00 15.91 ? 1192 HIS A N   1 
ATOM   670 C  CA  . HIS A 1 86  ? 2.066   0.770   14.049  1.00 17.99 ? 1192 HIS A CA  1 
ATOM   671 C  C   . HIS A 1 86  ? 0.819   1.654   14.105  1.00 18.19 ? 1192 HIS A C   1 
ATOM   672 O  O   . HIS A 1 86  ? 0.032   1.747   13.142  1.00 15.80 ? 1192 HIS A O   1 
ATOM   673 C  CB  . HIS A 1 86  ? 3.331   1.545   13.604  1.00 17.35 ? 1192 HIS A CB  1 
ATOM   674 C  CG  . HIS A 1 86  ? 3.784   2.605   14.541  1.00 18.14 ? 1192 HIS A CG  1 
ATOM   675 N  ND1 . HIS A 1 86  ? 3.205   3.850   14.570  1.00 19.31 ? 1192 HIS A ND1 1 
ATOM   676 C  CD2 . HIS A 1 86  ? 4.761   2.611   15.476  1.00 20.76 ? 1192 HIS A CD2 1 
ATOM   677 C  CE1 . HIS A 1 86  ? 3.813   4.586   15.483  1.00 20.25 ? 1192 HIS A CE1 1 
ATOM   678 N  NE2 . HIS A 1 86  ? 4.759   3.856   16.053  1.00 20.62 ? 1192 HIS A NE2 1 
ATOM   679 N  N   . GLN A 1 87  ? 0.584   2.320   15.244  1.00 21.97 ? 1193 GLN A N   1 
ATOM   680 C  CA  . GLN A 1 87  ? -0.495  3.327   15.350  1.00 24.96 ? 1193 GLN A CA  1 
ATOM   681 C  C   . GLN A 1 87  ? -0.610  4.303   14.175  1.00 24.28 ? 1193 GLN A C   1 
ATOM   682 O  O   . GLN A 1 87  ? -1.714  4.649   13.769  1.00 23.83 ? 1193 GLN A O   1 
ATOM   683 C  CB  . GLN A 1 87  ? -0.319  4.147   16.673  1.00 28.70 ? 1193 GLN A CB  1 
ATOM   684 C  CG  . GLN A 1 87  ? -1.549  4.247   17.565  1.00 31.86 ? 1193 GLN A CG  1 
ATOM   685 C  CD  . GLN A 1 87  ? -1.286  4.967   18.914  1.00 36.62 ? 1193 GLN A CD  1 
ATOM   686 O  OE1 . GLN A 1 87  ? -0.157  4.982   19.449  1.00 38.81 ? 1193 GLN A OE1 1 
ATOM   687 N  NE2 . GLN A 1 87  ? -2.340  5.538   19.478  1.00 37.05 ? 1193 GLN A NE2 1 
ATOM   688 N  N   . ALA A 1 88  ? 0.509   4.748   13.605  1.00 23.71 ? 1194 ALA A N   1 
ATOM   689 C  CA  . ALA A 1 88  ? 0.527   5.623   12.430  1.00 22.19 ? 1194 ALA A CA  1 
ATOM   690 C  C   . ALA A 1 88  ? -0.208  5.016   11.217  1.00 22.22 ? 1194 ALA A C   1 
ATOM   691 O  O   . ALA A 1 88  ? -0.553  5.739   10.288  1.00 24.40 ? 1194 ALA A O   1 
ATOM   692 C  CB  . ALA A 1 88  ? 1.957   5.949   12.043  1.00 23.31 ? 1194 ALA A CB  1 
ATOM   693 N  N   . LEU A 1 89  ? -0.355  3.682   11.212  1.00 18.11 ? 1195 LEU A N   1 
ATOM   694 C  CA  . LEU A 1 89  ? -1.086  2.970   10.119  1.00 19.27 ? 1195 LEU A CA  1 
ATOM   695 C  C   . LEU A 1 89  ? -2.549  2.635   10.423  1.00 20.20 ? 1195 LEU A C   1 
ATOM   696 O  O   . LEU A 1 89  ? -3.293  2.199   9.519   1.00 17.32 ? 1195 LEU A O   1 
ATOM   697 C  CB  . LEU A 1 89  ? -0.364  1.676   9.750   1.00 17.79 ? 1195 LEU A CB  1 
ATOM   698 C  CG  . LEU A 1 89  ? 1.104   1.854   9.364   1.00 17.71 ? 1195 LEU A CG  1 
ATOM   699 C  CD1 . LEU A 1 89  ? 1.748   0.548   8.977   1.00 17.17 ? 1195 LEU A CD1 1 
ATOM   700 C  CD2 . LEU A 1 89  ? 1.264   2.892   8.263   1.00 19.44 ? 1195 LEU A CD2 1 
ATOM   701 N  N   . LEU A 1 90  ? -2.996  2.858   11.662  1.00 19.38 ? 1196 LEU A N   1 
ATOM   702 C  CA  . LEU A 1 90  ? -4.350  2.486   12.027  1.00 19.94 ? 1196 LEU A CA  1 
ATOM   703 C  C   . LEU A 1 90  ? -5.439  3.226   11.218  1.00 19.61 ? 1196 LEU A C   1 
ATOM   704 O  O   . LEU A 1 90  ? -6.411  2.579   10.787  1.00 17.28 ? 1196 LEU A O   1 
ATOM   705 C  CB  . LEU A 1 90  ? -4.572  2.576   13.555  1.00 21.67 ? 1196 LEU A CB  1 
ATOM   706 N  N   . ASP A 1 91  ? -5.317  4.543   10.981  1.00 20.01 ? 1197 ASP A N   1 
ATOM   707 C  CA  . ASP A 1 91  ? -6.394  5.257   10.302  1.00 21.35 ? 1197 ASP A CA  1 
ATOM   708 C  C   . ASP A 1 91  ? -6.561  4.778   8.867   1.00 19.58 ? 1197 ASP A C   1 
ATOM   709 O  O   . ASP A 1 91  ? -7.669  4.626   8.392   1.00 19.83 ? 1197 ASP A O   1 
ATOM   710 C  CB  . ASP A 1 91  ? -6.194  6.776   10.269  1.00 23.95 ? 1197 ASP A CB  1 
ATOM   711 C  CG  . ASP A 1 91  ? -6.408  7.449   11.647  1.00 26.56 ? 1197 ASP A CG  1 
ATOM   712 O  OD1 . ASP A 1 91  ? -6.969  6.834   12.571  1.00 30.05 ? 1197 ASP A OD1 1 
ATOM   713 O  OD2 . ASP A 1 91  ? -5.987  8.613   11.764  1.00 29.78 ? 1197 ASP A OD2 1 
ATOM   714 N  N   . VAL A 1 92  ? -5.443  4.594   8.159   1.00 18.32 ? 1198 VAL A N   1 
ATOM   715 C  CA  . VAL A 1 92  ? -5.531  4.192   6.766   1.00 18.57 ? 1198 VAL A CA  1 
ATOM   716 C  C   . VAL A 1 92  ? -6.030  2.738   6.692   1.00 17.72 ? 1198 VAL A C   1 
ATOM   717 O  O   . VAL A 1 92  ? -6.823  2.416   5.814   1.00 18.36 ? 1198 VAL A O   1 
ATOM   718 C  CB  . VAL A 1 92  ? -4.230  4.416   5.981   1.00 19.26 ? 1198 VAL A CB  1 
ATOM   719 C  CG1 . VAL A 1 92  ? -3.103  3.479   6.418   1.00 17.66 ? 1198 VAL A CG1 1 
ATOM   720 C  CG2 . VAL A 1 92  ? -4.467  4.234   4.518   1.00 20.04 ? 1198 VAL A CG2 1 
ATOM   721 N  N   . LYS A 1 93  ? -5.581  1.852   7.577   1.00 16.53 ? 1199 LYS A N   1 
ATOM   722 C  CA  . LYS A 1 93  ? -6.111  0.479   7.594   1.00 15.19 ? 1199 LYS A CA  1 
ATOM   723 C  C   . LYS A 1 93  ? -7.611  0.483   7.865   1.00 15.65 ? 1199 LYS A C   1 
ATOM   724 O  O   . LYS A 1 93  ? -8.376  -0.265  7.221   1.00 15.87 ? 1199 LYS A O   1 
ATOM   725 C  CB  . LYS A 1 93  ? -5.396  -0.417  8.618   1.00 15.47 ? 1199 LYS A CB  1 
ATOM   726 C  CG  . LYS A 1 93  ? -3.973  -0.786  8.156   1.00 14.14 ? 1199 LYS A CG  1 
ATOM   727 C  CD  . LYS A 1 93  ? -3.283  -1.754  9.077   1.00 14.60 ? 1199 LYS A CD  1 
ATOM   728 C  CE  . LYS A 1 93  ? -1.927  -2.153  8.583   1.00 14.28 ? 1199 LYS A CE  1 
ATOM   729 N  NZ  . LYS A 1 93  ? -1.408  -3.319  9.340   1.00 13.48 ? 1199 LYS A NZ  1 
ATOM   730 N  N   . ASN A 1 94  ? -8.035  1.275   8.841   1.00 15.99 ? 1200 ASN A N   1 
ATOM   731 C  CA  . ASN A 1 94  ? -9.457  1.334   9.127   1.00 17.59 ? 1200 ASN A CA  1 
ATOM   732 C  C   . ASN A 1 94  ? -10.323 1.934   8.018   1.00 18.17 ? 1200 ASN A C   1 
ATOM   733 O  O   . ASN A 1 94  ? -11.429 1.459   7.807   1.00 19.14 ? 1200 ASN A O   1 
ATOM   734 C  CB  . ASN A 1 94  ? -9.720  2.088   10.436  1.00 19.32 ? 1200 ASN A CB  1 
ATOM   735 C  CG  . ASN A 1 94  ? -9.197  1.368   11.640  1.00 20.31 ? 1200 ASN A CG  1 
ATOM   736 O  OD1 . ASN A 1 94  ? -9.075  0.153   11.688  1.00 24.12 ? 1200 ASN A OD1 1 
ATOM   737 N  ND2 . ASN A 1 94  ? -8.885  2.157   12.679  1.00 25.84 ? 1200 ASN A ND2 1 
ATOM   738 N  N   . ILE A 1 95  ? -9.846  2.931   7.299   1.00 17.40 ? 1201 ILE A N   1 
ATOM   739 C  CA  . ILE A 1 95  ? -10.569 3.463   6.131   1.00 18.87 ? 1201 ILE A CA  1 
ATOM   740 C  C   . ILE A 1 95  ? -10.714 2.354   5.076   1.00 17.67 ? 1201 ILE A C   1 
ATOM   741 O  O   . ILE A 1 95  ? -11.767 2.169   4.421   1.00 17.52 ? 1201 ILE A O   1 
ATOM   742 C  CB  . ILE A 1 95  ? -9.886  4.736   5.561   1.00 20.00 ? 1201 ILE A CB  1 
ATOM   743 C  CG1 . ILE A 1 95  ? -9.983  5.901   6.547   1.00 23.38 ? 1201 ILE A CG1 1 
ATOM   744 C  CG2 . ILE A 1 95  ? -10.419 5.160   4.199   1.00 22.04 ? 1201 ILE A CG2 1 
ATOM   745 C  CD1 . ILE A 1 95  ? -11.389 6.342   6.857   1.00 25.09 ? 1201 ILE A CD1 1 
ATOM   746 N  N   . ALA A 1 96  ? -9.626  1.652   4.826   1.00 15.86 ? 1202 ALA A N   1 
ATOM   747 C  CA  . ALA A 1 96  ? -9.667  0.513   3.912   1.00 14.79 ? 1202 ALA A CA  1 
ATOM   748 C  C   . ALA A 1 96  ? -10.627 -0.576  4.360   1.00 15.74 ? 1202 ALA A C   1 
ATOM   749 O  O   . ALA A 1 96  ? -11.389 -1.116  3.579   1.00 16.83 ? 1202 ALA A O   1 
ATOM   750 C  CB  . ALA A 1 96  ? -8.268  -0.038  3.708   1.00 14.91 ? 1202 ALA A CB  1 
ATOM   751 N  N   . HIS A 1 97  ? -10.635 -0.858  5.651   1.00 15.97 ? 1203 HIS A N   1 
ATOM   752 C  CA  . HIS A 1 97  ? -11.499 -1.896  6.226   1.00 18.78 ? 1203 HIS A CA  1 
ATOM   753 C  C   . HIS A 1 97  ? -12.961 -1.491  6.028   1.00 19.30 ? 1203 HIS A C   1 
ATOM   754 O  O   . HIS A 1 97  ? -13.779 -2.334  5.622   1.00 17.67 ? 1203 HIS A O   1 
ATOM   755 C  CB  . HIS A 1 97  ? -11.168 -2.113  7.710   1.00 20.76 ? 1203 HIS A CB  1 
ATOM   756 C  CG  . HIS A 1 97  ? -11.821 -3.314  8.325   1.00 22.08 ? 1203 HIS A CG  1 
ATOM   757 N  ND1 . HIS A 1 97  ? -13.159 -3.339  8.657   1.00 26.37 ? 1203 HIS A ND1 1 
ATOM   758 C  CD2 . HIS A 1 97  ? -11.313 -4.506  8.715   1.00 24.91 ? 1203 HIS A CD2 1 
ATOM   759 C  CE1 . HIS A 1 97  ? -13.447 -4.502  9.204   1.00 25.26 ? 1203 HIS A CE1 1 
ATOM   760 N  NE2 . HIS A 1 97  ? -12.348 -5.228  9.254   1.00 27.12 ? 1203 HIS A NE2 1 
ATOM   761 N  N   . GLN A 1 98  ? -13.302 -0.225  6.300   1.00 21.25 ? 1204 GLN A N   1 
ATOM   762 C  CA  . GLN A 1 98  ? -14.689 0.249   6.138   1.00 21.30 ? 1204 GLN A CA  1 
ATOM   763 C  C   . GLN A 1 98  ? -15.129 0.158   4.675   1.00 22.73 ? 1204 GLN A C   1 
ATOM   764 O  O   . GLN A 1 98  ? -16.284 -0.174  4.374   1.00 21.66 ? 1204 GLN A O   1 
ATOM   765 C  CB  . GLN A 1 98  ? -14.849 1.683   6.589   1.00 23.48 ? 1204 GLN A CB  1 
ATOM   766 C  CG  . GLN A 1 98  ? -14.760 1.860   8.096   1.00 26.52 ? 1204 GLN A CG  1 
ATOM   767 N  N   . ASN A 1 99  ? -14.208 0.463   3.760   1.00 19.64 ? 1205 ASN A N   1 
ATOM   768 C  CA  . ASN A 1 99  ? -14.548 0.435   2.343   1.00 20.08 ? 1205 ASN A CA  1 
ATOM   769 C  C   . ASN A 1 99  ? -14.682 -0.995  1.859   1.00 19.48 ? 1205 ASN A C   1 
ATOM   770 O  O   . ASN A 1 99  ? -15.594 -1.283  1.051   1.00 18.96 ? 1205 ASN A O   1 
ATOM   771 C  CB  . ASN A 1 99  ? -13.535 1.196   1.494   1.00 20.08 ? 1205 ASN A CB  1 
ATOM   772 C  CG  . ASN A 1 99  ? -13.932 1.240   0.024   1.00 24.20 ? 1205 ASN A CG  1 
ATOM   773 O  OD1 . ASN A 1 99  ? -13.319 0.587   -0.804  1.00 23.65 ? 1205 ASN A OD1 1 
ATOM   774 N  ND2 . ASN A 1 99  ? -15.017 1.957   -0.290  1.00 24.12 ? 1205 ASN A ND2 1 
ATOM   775 N  N   . LYS A 1 100 ? -13.823 -1.876  2.347   1.00 17.20 ? 1206 LYS A N   1 
ATOM   776 C  CA  . LYS A 1 100 ? -13.812 -3.277  1.927   1.00 17.63 ? 1206 LYS A CA  1 
ATOM   777 C  C   . LYS A 1 100 ? -14.998 -4.038  2.502   1.00 20.21 ? 1206 LYS A C   1 
ATOM   778 O  O   . LYS A 1 100 ? -15.683 -4.748  1.788   1.00 18.94 ? 1206 LYS A O   1 
ATOM   779 C  CB  . LYS A 1 100 ? -12.519 -3.966  2.324   1.00 16.94 ? 1206 LYS A CB  1 
ATOM   780 C  CG  . LYS A 1 100 ? -12.349 -5.390  1.839   1.00 16.52 ? 1206 LYS A CG  1 
ATOM   781 C  CD  . LYS A 1 100 ? -10.924 -5.875  1.990   1.00 15.65 ? 1206 LYS A CD  1 
ATOM   782 C  CE  . LYS A 1 100 ? -10.680 -7.287  1.461   1.00 16.33 ? 1206 LYS A CE  1 
ATOM   783 N  NZ  . LYS A 1 100 ? -10.417 -7.381  0.002   1.00 18.24 ? 1206 LYS A NZ  1 
ATOM   784 N  N   . PHE A 1 101 ? -15.221 -3.899  3.816   1.00 21.92 ? 1207 PHE A N   1 
ATOM   785 C  CA  . PHE A 1 101 ? -16.227 -4.706  4.541   1.00 23.47 ? 1207 PHE A CA  1 
ATOM   786 C  C   . PHE A 1 101 ? -17.375 -3.817  4.977   1.00 28.07 ? 1207 PHE A C   1 
ATOM   787 O  O   . PHE A 1 101 ? -18.533 -4.283  4.984   1.00 36.16 ? 1207 PHE A O   1 
ATOM   788 C  CB  . PHE A 1 101 ? -15.591 -5.366  5.768   1.00 23.46 ? 1207 PHE A CB  1 
ATOM   789 C  CG  . PHE A 1 101 ? -14.399 -6.228  5.453   1.00 22.43 ? 1207 PHE A CG  1 
ATOM   790 C  CD1 . PHE A 1 101 ? -14.561 -7.456  4.819   1.00 23.20 ? 1207 PHE A CD1 1 
ATOM   791 C  CD2 . PHE A 1 101 ? -13.090 -5.795  5.728   1.00 24.08 ? 1207 PHE A CD2 1 
ATOM   792 C  CE1 . PHE A 1 101 ? -13.453 -8.259  4.520   1.00 23.17 ? 1207 PHE A CE1 1 
ATOM   793 C  CE2 . PHE A 1 101 ? -11.982 -6.603  5.439   1.00 23.48 ? 1207 PHE A CE2 1 
ATOM   794 C  CZ  . PHE A 1 101 ? -12.161 -7.828  4.823   1.00 24.95 ? 1207 PHE A CZ  1 
HETATM 795 ZN ZN  . ZN  B 2 .   ? 4.030   5.961   -4.248  1.00 12.31 ? 1301 ZN  A ZN  1 
HETATM 796 ZN ZN  . ZN  C 2 .   ? -0.401  -4.118  -12.807 1.00 14.21 ? 1302 ZN  A ZN  1 
HETATM 797 ZN ZN  . ZN  D 2 .   ? 10.900  0.339   6.488   1.00 13.43 ? 1303 ZN  A ZN  1 
HETATM 798 X  UNK . UNX E 3 .   ? -0.549  -10.850 0.673   1.00 30.64 ? 1304 UNX A UNK 1 
HETATM 799 X  UNK . UNX F 3 .   ? -7.951  -3.552  -18.198 1.00 25.68 ? 1305 UNX A UNK 1 
HETATM 800 X  UNK . UNX G 3 .   ? 5.106   2.448   -12.070 1.00 30.82 ? 1306 UNX A UNK 1 
HETATM 801 X  UNK . UNX H 3 .   ? -6.474  -6.052  -17.263 1.00 36.06 ? 1307 UNX A UNK 1 
HETATM 802 X  UNK . UNX I 3 .   ? 1.681   -8.999  -3.579  1.00 26.38 ? 1308 UNX A UNK 1 
HETATM 803 O  O1  . EY7 J 4 .   ? 3.811   -7.774  -3.895  1.00 16.58 ? 1309 EY7 A O1  1 
HETATM 804 O  O2  . EY7 J 4 .   ? 4.759   -5.816  -4.480  1.00 15.13 ? 1309 EY7 A O2  1 
HETATM 805 C  C3  . EY7 J 4 .   ? 4.535   -7.220  -1.198  1.00 16.84 ? 1309 EY7 A C3  1 
HETATM 806 C  C5  . EY7 J 4 .   ? 4.312   -6.553  -3.651  1.00 14.48 ? 1309 EY7 A C5  1 
HETATM 807 C  C7  . EY7 J 4 .   ? 8.849   -7.739  -3.318  1.00 23.83 ? 1309 EY7 A C7  1 
HETATM 808 C  C8  . EY7 J 4 .   ? 10.060  -8.370  -3.426  1.00 26.28 ? 1309 EY7 A C8  1 
HETATM 809 C  C9  . EY7 J 4 .   ? 10.385  -9.434  -2.587  1.00 25.20 ? 1309 EY7 A C9  1 
HETATM 810 C  C4  . EY7 J 4 .   ? 4.264   -6.130  -2.213  1.00 15.80 ? 1309 EY7 A C4  1 
HETATM 811 C  C2  . EY7 J 4 .   ? 5.867   -7.914  -1.322  1.00 16.78 ? 1309 EY7 A C2  1 
HETATM 812 N  N   . EY7 J 4 .   ? 6.716   -7.503  -2.238  1.00 18.11 ? 1309 EY7 A N   1 
HETATM 813 C  C6  . EY7 J 4 .   ? 7.919   -8.151  -2.338  1.00 21.68 ? 1309 EY7 A C6  1 
HETATM 814 C  C11 . EY7 J 4 .   ? 8.250   -9.230  -1.476  1.00 21.97 ? 1309 EY7 A C11 1 
HETATM 815 C  C10 . EY7 J 4 .   ? 9.507   -9.865  -1.626  1.00 24.39 ? 1309 EY7 A C10 1 
HETATM 816 N  N1  . EY7 J 4 .   ? 7.382   -9.657  -0.500  1.00 20.44 ? 1309 EY7 A N1  1 
HETATM 817 C  C1  . EY7 J 4 .   ? 6.249   -9.022  -0.422  1.00 19.22 ? 1309 EY7 A C1  1 
HETATM 818 O  O   . EY7 J 4 .   ? 5.294   -9.274  0.503   1.00 20.18 ? 1309 EY7 A O   1 
HETATM 819 C  C   . EY7 J 4 .   ? 5.436   -10.462 1.301   1.00 21.16 ? 1309 EY7 A C   1 
HETATM 820 O  O   . HOH K 5 .   ? -14.005 13.655  2.219   1.00 30.36 ? 1401 HOH A O   1 
HETATM 821 O  O   . HOH K 5 .   ? 3.634   -0.265  16.938  1.00 26.69 ? 1402 HOH A O   1 
HETATM 822 O  O   . HOH K 5 .   ? 11.254  0.465   -11.337 1.00 25.09 ? 1403 HOH A O   1 
HETATM 823 O  O   . HOH K 5 .   ? -10.075 -3.845  -14.771 1.00 21.09 ? 1404 HOH A O   1 
HETATM 824 O  O   . HOH K 5 .   ? -5.701  -13.308 -7.699  1.00 24.39 ? 1405 HOH A O   1 
HETATM 825 O  O   . HOH K 5 .   ? -0.817  -9.443  -2.638  1.00 32.42 ? 1406 HOH A O   1 
HETATM 826 O  O   . HOH K 5 .   ? -7.689  8.011   -2.771  1.00 28.82 ? 1407 HOH A O   1 
HETATM 827 O  O   . HOH K 5 .   ? -2.676  -7.088  -2.155  1.00 18.97 ? 1408 HOH A O   1 
HETATM 828 O  O   . HOH K 5 .   ? -5.286  2.859   -10.386 1.00 17.67 ? 1409 HOH A O   1 
HETATM 829 O  O   . HOH K 5 .   ? 5.909   -9.710  -11.086 1.00 40.42 ? 1410 HOH A O   1 
HETATM 830 O  O   . HOH K 5 .   ? -16.400 -1.340  -6.859  1.00 21.95 ? 1411 HOH A O   1 
HETATM 831 O  O   . HOH K 5 .   ? -7.758  3.605   -3.665  1.00 14.03 ? 1412 HOH A O   1 
HETATM 832 O  O   . HOH K 5 .   ? -3.392  6.301   12.427  1.00 27.05 ? 1413 HOH A O   1 
HETATM 833 O  O   . HOH K 5 .   ? 5.049   4.700   1.484   1.00 12.88 ? 1414 HOH A O   1 
HETATM 834 O  O   . HOH K 5 .   ? 4.417   -5.526  -7.167  1.00 12.79 ? 1415 HOH A O   1 
HETATM 835 O  O   . HOH K 5 .   ? -2.875  5.999   8.880   1.00 20.76 ? 1416 HOH A O   1 
HETATM 836 O  O   . HOH K 5 .   ? -8.171  -3.486  -6.120  1.00 15.63 ? 1417 HOH A O   1 
HETATM 837 O  O   . HOH K 5 .   ? -3.526  -7.734  8.030   1.00 26.48 ? 1418 HOH A O   1 
HETATM 838 O  O   . HOH K 5 .   ? 1.204   11.651  7.457   1.00 28.62 ? 1419 HOH A O   1 
HETATM 839 O  O   . HOH K 5 .   ? -2.514  -5.837  9.476   1.00 19.94 ? 1420 HOH A O   1 
HETATM 840 O  O   . HOH K 5 .   ? 0.922   -4.798  8.486   1.00 13.84 ? 1421 HOH A O   1 
HETATM 841 O  O   . HOH K 5 .   ? -5.225  6.478   -6.837  1.00 27.19 ? 1422 HOH A O   1 
HETATM 842 O  O   . HOH K 5 .   ? -9.879  -9.929  -0.923  1.00 24.02 ? 1423 HOH A O   1 
HETATM 843 O  O   . HOH K 5 .   ? -10.690 -5.541  -4.255  1.00 20.00 ? 1424 HOH A O   1 
HETATM 844 O  O   . HOH K 5 .   ? 13.494  5.900   -7.655  1.00 19.55 ? 1425 HOH A O   1 
HETATM 845 O  O   . HOH K 5 .   ? -13.772 4.018   3.808   1.00 23.29 ? 1426 HOH A O   1 
HETATM 846 O  O   . HOH K 5 .   ? -6.772  14.675  3.488   1.00 31.39 ? 1427 HOH A O   1 
HETATM 847 O  O   . HOH K 5 .   ? -0.782  10.435  -6.634  1.00 21.44 ? 1428 HOH A O   1 
HETATM 848 O  O   . HOH K 5 .   ? 7.529   -8.431  15.761  1.00 30.47 ? 1429 HOH A O   1 
HETATM 849 O  O   . HOH K 5 .   ? -14.903 -0.105  -3.046  1.00 33.84 ? 1430 HOH A O   1 
HETATM 850 O  O   . HOH K 5 .   ? 15.127  -3.960  0.159   1.00 33.55 ? 1431 HOH A O   1 
HETATM 851 O  O   . HOH K 5 .   ? -7.485  15.346  1.031   1.00 24.34 ? 1432 HOH A O   1 
HETATM 852 O  O   . HOH K 5 .   ? -15.476 -2.170  -1.642  1.00 19.20 ? 1433 HOH A O   1 
HETATM 853 O  O   . HOH K 5 .   ? -6.090  5.842   -3.478  1.00 18.55 ? 1434 HOH A O   1 
HETATM 854 O  O   . HOH K 5 .   ? -3.062  -4.868  -19.279 1.00 28.20 ? 1435 HOH A O   1 
HETATM 855 O  O   . HOH K 5 .   ? 8.329   -5.523  -10.876 1.00 29.17 ? 1436 HOH A O   1 
HETATM 856 O  O   . HOH K 5 .   ? 6.486   4.591   18.188  1.00 30.24 ? 1437 HOH A O   1 
HETATM 857 O  O   . HOH K 5 .   ? 0.948   -10.373 -5.559  1.00 17.39 ? 1438 HOH A O   1 
HETATM 858 O  O   . HOH K 5 .   ? 4.702   -12.762 -11.222 1.00 28.34 ? 1439 HOH A O   1 
HETATM 859 O  O   . HOH K 5 .   ? -10.471 -5.517  -7.079  1.00 21.03 ? 1440 HOH A O   1 
HETATM 860 O  O   . HOH K 5 .   ? 2.166   1.710   17.534  1.00 25.35 ? 1441 HOH A O   1 
HETATM 861 O  O   . HOH K 5 .   ? 11.213  8.356   -2.200  1.00 24.80 ? 1442 HOH A O   1 
HETATM 862 O  O   . HOH K 5 .   ? 11.764  -2.245  -7.911  1.00 28.56 ? 1443 HOH A O   1 
HETATM 863 O  O   . HOH K 5 .   ? 12.832  6.994   5.860   1.00 19.79 ? 1444 HOH A O   1 
HETATM 864 O  O   . HOH K 5 .   ? -3.254  4.578   -9.309  1.00 16.82 ? 1445 HOH A O   1 
HETATM 865 O  O   . HOH K 5 .   ? 9.648   6.189   10.951  1.00 18.16 ? 1446 HOH A O   1 
HETATM 866 O  O   . HOH K 5 .   ? -12.925 5.446   1.626   1.00 26.03 ? 1447 HOH A O   1 
HETATM 867 O  O   . HOH K 5 .   ? 8.702   -11.888 0.932   1.00 30.91 ? 1448 HOH A O   1 
HETATM 868 O  O   . HOH K 5 .   ? -13.178 0.457   -8.738  1.00 25.92 ? 1449 HOH A O   1 
HETATM 869 O  O   . HOH K 5 .   ? 12.275  7.496   10.883  1.00 30.30 ? 1450 HOH A O   1 
HETATM 870 O  O   . HOH K 5 .   ? -9.471  5.155   12.608  1.00 31.20 ? 1451 HOH A O   1 
HETATM 871 O  O   . HOH K 5 .   ? -10.533 9.767   4.193   1.00 33.70 ? 1452 HOH A O   1 
HETATM 872 O  O   . HOH K 5 .   ? -4.528  10.884  7.414   1.00 32.58 ? 1453 HOH A O   1 
HETATM 873 O  O   . HOH K 5 .   ? -1.553  5.266   -11.555 1.00 29.00 ? 1454 HOH A O   1 
HETATM 874 O  O   . HOH K 5 .   ? 7.658   -9.489  8.070   1.00 26.43 ? 1455 HOH A O   1 
HETATM 875 O  O   . HOH K 5 .   ? -8.485  -8.028  -14.026 1.00 20.43 ? 1456 HOH A O   1 
HETATM 876 O  O   . HOH K 5 .   ? 0.353   -11.985 -14.759 1.00 32.76 ? 1457 HOH A O   1 
HETATM 877 O  O   . HOH K 5 .   ? 10.915  -5.882  -0.507  1.00 28.18 ? 1458 HOH A O   1 
HETATM 878 O  O   . HOH K 5 .   ? -3.996  9.689   -5.184  1.00 33.11 ? 1459 HOH A O   1 
HETATM 879 O  O   . HOH K 5 .   ? 1.303   -5.700  -17.676 1.00 27.42 ? 1460 HOH A O   1 
HETATM 880 O  O   . HOH K 5 .   ? 16.912  -0.346  3.918   1.00 29.06 ? 1461 HOH A O   1 
HETATM 881 O  O   . HOH K 5 .   ? -4.317  7.046   -9.196  1.00 30.17 ? 1462 HOH A O   1 
HETATM 882 O  O   . HOH K 5 .   ? -17.016 -0.062  -4.688  1.00 33.13 ? 1463 HOH A O   1 
HETATM 883 O  O   . HOH K 5 .   ? 10.555  -4.015  -10.815 1.00 39.37 ? 1464 HOH A O   1 
HETATM 884 O  O   . HOH K 5 .   ? 15.675  -0.877  6.509   1.00 22.41 ? 1465 HOH A O   1 
HETATM 885 O  O   . HOH K 5 .   ? -9.108  -11.007 -7.481  1.00 33.53 ? 1466 HOH A O   1 
HETATM 886 O  O   . HOH K 5 .   ? -6.484  3.691   -12.720 1.00 33.75 ? 1467 HOH A O   1 
HETATM 887 O  O   . HOH K 5 .   ? 0.584   -16.430 -12.951 1.00 21.51 ? 1468 HOH A O   1 
HETATM 888 O  O   . HOH K 5 .   ? 12.004  -2.072  -10.932 1.00 35.07 ? 1469 HOH A O   1 
# 
loop_
_pdbx_poly_seq_scheme.asym_id 
_pdbx_poly_seq_scheme.entity_id 
_pdbx_poly_seq_scheme.seq_id 
_pdbx_poly_seq_scheme.mon_id 
_pdbx_poly_seq_scheme.ndb_seq_num 
_pdbx_poly_seq_scheme.pdb_seq_num 
_pdbx_poly_seq_scheme.auth_seq_num 
_pdbx_poly_seq_scheme.pdb_mon_id 
_pdbx_poly_seq_scheme.auth_mon_id 
_pdbx_poly_seq_scheme.pdb_strand_id 
_pdbx_poly_seq_scheme.pdb_ins_code 
_pdbx_poly_seq_scheme.hetero 
A 1 1   GLY 1   1107 ?    ?   ?   A . n 
A 1 2   SER 2   1108 1108 SER SER A . n 
A 1 3   PRO 3   1109 1109 PRO PRO A . n 
A 1 4   LEU 4   1110 1110 LEU LEU A . n 
A 1 5   PRO 5   1111 1111 PRO PRO A . n 
A 1 6   TRP 6   1112 1112 TRP TRP A . n 
A 1 7   CYS 7   1113 1113 CYS CYS A . n 
A 1 8   PRO 8   1114 1114 PRO PRO A . n 
A 1 9   HIS 9   1115 1115 HIS HIS A . n 
A 1 10  LEU 10  1116 1116 LEU LEU A . n 
A 1 11  VAL 11  1117 1117 VAL VAL A . n 
A 1 12  ALA 12  1118 1118 ALA ALA A . n 
A 1 13  VAL 13  1119 1119 VAL VAL A . n 
A 1 14  CYS 14  1120 1120 CYS CYS A . n 
A 1 15  PRO 15  1121 1121 PRO PRO A . n 
A 1 16  ILE 16  1122 1122 ILE ILE A . n 
A 1 17  PRO 17  1123 1123 PRO PRO A . n 
A 1 18  ALA 18  1124 1124 ALA ALA A . n 
A 1 19  ALA 19  1125 1125 ALA ALA A . n 
A 1 20  GLY 20  1126 1126 GLY GLY A . n 
A 1 21  LEU 21  1127 1127 LEU LEU A . n 
A 1 22  ASP 22  1128 1128 ASP ASP A . n 
A 1 23  VAL 23  1129 1129 VAL VAL A . n 
A 1 24  THR 24  1130 1130 THR THR A . n 
A 1 25  GLN 25  1131 1131 GLN GLN A . n 
A 1 26  PRO 26  1132 1132 PRO PRO A . n 
A 1 27  CYS 27  1133 1133 CYS CYS A . n 
A 1 28  GLY 28  1134 1134 GLY GLY A . n 
A 1 29  ASP 29  1135 1135 ASP ASP A . n 
A 1 30  CYS 30  1136 1136 CYS CYS A . n 
A 1 31  GLY 31  1137 1137 GLY GLY A . n 
A 1 32  THR 32  1138 1138 THR THR A . n 
A 1 33  ILE 33  1139 1139 ILE ILE A . n 
A 1 34  GLN 34  1140 1140 GLN GLN A . n 
A 1 35  GLU 35  1141 1141 GLU GLU A . n 
A 1 36  ASN 36  1142 1142 ASN ASN A . n 
A 1 37  TRP 37  1143 1143 TRP TRP A . n 
A 1 38  VAL 38  1144 1144 VAL VAL A . n 
A 1 39  CYS 39  1145 1145 CYS CYS A . n 
A 1 40  LEU 40  1146 1146 LEU LEU A . n 
A 1 41  SER 41  1147 1147 SER SER A . n 
A 1 42  CYS 42  1148 1148 CYS CYS A . n 
A 1 43  TYR 43  1149 1149 TYR TYR A . n 
A 1 44  GLN 44  1150 1150 GLN GLN A . n 
A 1 45  VAL 45  1151 1151 VAL VAL A . n 
A 1 46  TYR 46  1152 1152 TYR TYR A . n 
A 1 47  CYS 47  1153 1153 CYS CYS A . n 
A 1 48  GLY 48  1154 1154 GLY GLY A . n 
A 1 49  ARG 49  1155 1155 ARG ARG A . n 
A 1 50  TYR 50  1156 1156 TYR TYR A . n 
A 1 51  ILE 51  1157 1157 ILE ILE A . n 
A 1 52  ASN 52  1158 1158 ASN ASN A . n 
A 1 53  GLY 53  1159 1159 GLY GLY A . n 
A 1 54  HIS 54  1160 1160 HIS HIS A . n 
A 1 55  MET 55  1161 1161 MET MET A . n 
A 1 56  LEU 56  1162 1162 LEU LEU A . n 
A 1 57  GLN 57  1163 1163 GLN GLN A . n 
A 1 58  HIS 58  1164 1164 HIS HIS A . n 
A 1 59  HIS 59  1165 1165 HIS HIS A . n 
A 1 60  GLY 60  1166 1166 GLY GLY A . n 
A 1 61  ASN 61  1167 1167 ASN ASN A . n 
A 1 62  SER 62  1168 1168 SER SER A . n 
A 1 63  GLY 63  1169 1169 GLY GLY A . n 
A 1 64  HIS 64  1170 1170 HIS HIS A . n 
A 1 65  PRO 65  1171 1171 PRO PRO A . n 
A 1 66  LEU 66  1172 1172 LEU LEU A . n 
A 1 67  VAL 67  1173 1173 VAL VAL A . n 
A 1 68  LEU 68  1174 1174 LEU LEU A . n 
A 1 69  SER 69  1175 1175 SER SER A . n 
A 1 70  TYR 70  1176 1176 TYR TYR A . n 
A 1 71  ILE 71  1177 1177 ILE ILE A . n 
A 1 72  ASP 72  1178 1178 ASP ASP A . n 
A 1 73  LEU 73  1179 1179 LEU LEU A . n 
A 1 74  SER 74  1180 1180 SER SER A . n 
A 1 75  ALA 75  1181 1181 ALA ALA A . n 
A 1 76  TRP 76  1182 1182 TRP TRP A . n 
A 1 77  CYS 77  1183 1183 CYS CYS A . n 
A 1 78  TYR 78  1184 1184 TYR TYR A . n 
A 1 79  TYR 79  1185 1185 TYR TYR A . n 
A 1 80  CYS 80  1186 1186 CYS CYS A . n 
A 1 81  GLN 81  1187 1187 GLN GLN A . n 
A 1 82  ALA 82  1188 1188 ALA ALA A . n 
A 1 83  TYR 83  1189 1189 TYR TYR A . n 
A 1 84  VAL 84  1190 1190 VAL VAL A . n 
A 1 85  HIS 85  1191 1191 HIS HIS A . n 
A 1 86  HIS 86  1192 1192 HIS HIS A . n 
A 1 87  GLN 87  1193 1193 GLN GLN A . n 
A 1 88  ALA 88  1194 1194 ALA ALA A . n 
A 1 89  LEU 89  1195 1195 LEU LEU A . n 
A 1 90  LEU 90  1196 1196 LEU LEU A . n 
A 1 91  ASP 91  1197 1197 ASP ASP A . n 
A 1 92  VAL 92  1198 1198 VAL VAL A . n 
A 1 93  LYS 93  1199 1199 LYS LYS A . n 
A 1 94  ASN 94  1200 1200 ASN ASN A . n 
A 1 95  ILE 95  1201 1201 ILE ILE A . n 
A 1 96  ALA 96  1202 1202 ALA ALA A . n 
A 1 97  HIS 97  1203 1203 HIS HIS A . n 
A 1 98  GLN 98  1204 1204 GLN GLN A . n 
A 1 99  ASN 99  1205 1205 ASN ASN A . n 
A 1 100 LYS 100 1206 1206 LYS LYS A . n 
A 1 101 PHE 101 1207 1207 PHE PHE A . n 
A 1 102 GLY 102 1208 ?    ?   ?   A . n 
A 1 103 GLU 103 1209 ?    ?   ?   A . n 
A 1 104 ASP 104 1210 ?    ?   ?   A . n 
A 1 105 MET 105 1211 ?    ?   ?   A . n 
A 1 106 PRO 106 1212 ?    ?   ?   A . n 
A 1 107 HIS 107 1213 ?    ?   ?   A . n 
# 
_pdbx_SG_project.id                    1 
_pdbx_SG_project.project_name          ? 
_pdbx_SG_project.full_name_of_center   'Structural Genomics Consortium' 
_pdbx_SG_project.initial_of_center     SGC 
# 
loop_
_pdbx_nonpoly_scheme.asym_id 
_pdbx_nonpoly_scheme.entity_id 
_pdbx_nonpoly_scheme.mon_id 
_pdbx_nonpoly_scheme.ndb_seq_num 
_pdbx_nonpoly_scheme.pdb_seq_num 
_pdbx_nonpoly_scheme.auth_seq_num 
_pdbx_nonpoly_scheme.pdb_mon_id 
_pdbx_nonpoly_scheme.auth_mon_id 
_pdbx_nonpoly_scheme.pdb_strand_id 
_pdbx_nonpoly_scheme.pdb_ins_code 
B 2 ZN  1  1301 1301 ZN  ZN  A . 
C 2 ZN  1  1302 1302 ZN  ZN  A . 
D 2 ZN  1  1303 1303 ZN  ZN  A . 
E 3 UNX 1  1304 1    UNX UNX A . 
F 3 UNX 1  1305 2    UNX UNX A . 
G 3 UNX 1  1306 3    UNX UNX A . 
H 3 UNX 1  1307 4    UNX UNX A . 
I 3 UNX 1  1308 5    UNX UNX A . 
J 4 EY7 1  1309 1    EY7 105 A . 
K 5 HOH 1  1401 23   HOH HOH A . 
K 5 HOH 2  1402 1415 HOH HOH A . 
K 5 HOH 3  1403 1407 HOH HOH A . 
K 5 HOH 4  1404 1410 HOH HOH A . 
K 5 HOH 5  1405 1403 HOH HOH A . 
K 5 HOH 6  1406 43   HOH HOH A . 
K 5 HOH 7  1407 38   HOH HOH A . 
K 5 HOH 8  1408 1412 HOH HOH A . 
K 5 HOH 9  1409 1420 HOH HOH A . 
K 5 HOH 10 1410 1423 HOH HOH A . 
K 5 HOH 11 1411 1413 HOH HOH A . 
K 5 HOH 12 1412 1421 HOH HOH A . 
K 5 HOH 13 1413 1435 HOH HOH A . 
K 5 HOH 14 1414 1425 HOH HOH A . 
K 5 HOH 15 1415 1409 HOH HOH A . 
K 5 HOH 16 1416 1459 HOH HOH A . 
K 5 HOH 17 1417 1418 HOH HOH A . 
K 5 HOH 18 1418 39   HOH HOH A . 
K 5 HOH 19 1419 64   HOH HOH A . 
K 5 HOH 20 1420 24   HOH HOH A . 
K 5 HOH 21 1421 17   HOH HOH A . 
K 5 HOH 22 1422 1446 HOH HOH A . 
K 5 HOH 23 1423 1406 HOH HOH A . 
K 5 HOH 24 1424 1439 HOH HOH A . 
K 5 HOH 25 1425 1443 HOH HOH A . 
K 5 HOH 26 1426 1424 HOH HOH A . 
K 5 HOH 27 1427 37   HOH HOH A . 
K 5 HOH 28 1428 1419 HOH HOH A . 
K 5 HOH 29 1429 1402 HOH HOH A . 
K 5 HOH 30 1430 1411 HOH HOH A . 
K 5 HOH 31 1431 45   HOH HOH A . 
K 5 HOH 32 1432 36   HOH HOH A . 
K 5 HOH 33 1433 1428 HOH HOH A . 
K 5 HOH 34 1434 1447 HOH HOH A . 
K 5 HOH 35 1435 40   HOH HOH A . 
K 5 HOH 36 1436 1416 HOH HOH A . 
K 5 HOH 37 1437 59   HOH HOH A . 
K 5 HOH 38 1438 41   HOH HOH A . 
K 5 HOH 39 1439 1430 HOH HOH A . 
K 5 HOH 40 1440 1444 HOH HOH A . 
K 5 HOH 41 1441 15   HOH HOH A . 
K 5 HOH 42 1442 1432 HOH HOH A . 
K 5 HOH 43 1443 1427 HOH HOH A . 
K 5 HOH 44 1444 1440 HOH HOH A . 
K 5 HOH 45 1445 1460 HOH HOH A . 
K 5 HOH 46 1446 1437 HOH HOH A . 
K 5 HOH 47 1447 1461 HOH HOH A . 
K 5 HOH 48 1448 65   HOH HOH A . 
K 5 HOH 49 1449 1441 HOH HOH A . 
K 5 HOH 50 1450 1455 HOH HOH A . 
K 5 HOH 51 1451 25   HOH HOH A . 
K 5 HOH 52 1452 1463 HOH HOH A . 
K 5 HOH 53 1453 1468 HOH HOH A . 
K 5 HOH 54 1454 1458 HOH HOH A . 
K 5 HOH 55 1455 1462 HOH HOH A . 
K 5 HOH 56 1456 1469 HOH HOH A . 
K 5 HOH 57 1457 22   HOH HOH A . 
K 5 HOH 58 1458 58   HOH HOH A . 
K 5 HOH 59 1459 60   HOH HOH A . 
K 5 HOH 60 1460 57   HOH HOH A . 
K 5 HOH 61 1461 1472 HOH HOH A . 
K 5 HOH 62 1462 63   HOH HOH A . 
K 5 HOH 63 1463 1476 HOH HOH A . 
K 5 HOH 64 1464 1474 HOH HOH A . 
K 5 HOH 65 1465 1478 HOH HOH A . 
K 5 HOH 66 1466 50   HOH HOH A . 
K 5 HOH 67 1467 1480 HOH HOH A . 
K 5 HOH 68 1468 18   HOH HOH A . 
K 5 HOH 69 1469 1466 HOH HOH A . 
# 
_pdbx_struct_assembly.id                   1 
_pdbx_struct_assembly.details              author_and_software_defined_assembly 
_pdbx_struct_assembly.method_details       PISA 
_pdbx_struct_assembly.oligomeric_details   monomeric 
_pdbx_struct_assembly.oligomeric_count     1 
# 
_pdbx_struct_assembly_gen.assembly_id       1 
_pdbx_struct_assembly_gen.oper_expression   1 
_pdbx_struct_assembly_gen.asym_id_list      A,B,C,D,E,F,G,H,I,J,K 
# 
loop_
_pdbx_struct_assembly_prop.biol_id 
_pdbx_struct_assembly_prop.type 
_pdbx_struct_assembly_prop.value 
_pdbx_struct_assembly_prop.details 
1 'ABSA (A^2)' 0    ? 
1 MORE         0    ? 
1 'SSA (A^2)'  5870 ? 
# 
_pdbx_struct_oper_list.id                   1 
_pdbx_struct_oper_list.type                 'identity operation' 
_pdbx_struct_oper_list.name                 1_555 
_pdbx_struct_oper_list.symmetry_operation   x,y,z 
_pdbx_struct_oper_list.matrix[1][1]         1.0000000000 
_pdbx_struct_oper_list.matrix[1][2]         0.0000000000 
_pdbx_struct_oper_list.matrix[1][3]         0.0000000000 
_pdbx_struct_oper_list.vector[1]            0.0000000000 
_pdbx_struct_oper_list.matrix[2][1]         0.0000000000 
_pdbx_struct_oper_list.matrix[2][2]         1.0000000000 
_pdbx_struct_oper_list.matrix[2][3]         0.0000000000 
_pdbx_struct_oper_list.vector[2]            0.0000000000 
_pdbx_struct_oper_list.matrix[3][1]         0.0000000000 
_pdbx_struct_oper_list.matrix[3][2]         0.0000000000 
_pdbx_struct_oper_list.matrix[3][3]         1.0000000000 
_pdbx_struct_oper_list.vector[3]            0.0000000000 
# 
loop_
_pdbx_struct_conn_angle.id 
_pdbx_struct_conn_angle.ptnr1_label_atom_id 
_pdbx_struct_conn_angle.ptnr1_label_alt_id 
_pdbx_struct_conn_angle.ptnr1_label_asym_id 
_pdbx_struct_conn_angle.ptnr1_label_comp_id 
_pdbx_struct_conn_angle.ptnr1_label_seq_id 
_pdbx_struct_conn_angle.ptnr1_auth_atom_id 
_pdbx_struct_conn_angle.ptnr1_auth_asym_id 
_pdbx_struct_conn_angle.ptnr1_auth_comp_id 
_pdbx_struct_conn_angle.ptnr1_auth_seq_id 
_pdbx_struct_conn_angle.ptnr1_PDB_ins_code 
_pdbx_struct_conn_angle.ptnr1_symmetry 
_pdbx_struct_conn_angle.ptnr2_label_atom_id 
_pdbx_struct_conn_angle.ptnr2_label_alt_id 
_pdbx_struct_conn_angle.ptnr2_label_asym_id 
_pdbx_struct_conn_angle.ptnr2_label_comp_id 
_pdbx_struct_conn_angle.ptnr2_label_seq_id 
_pdbx_struct_conn_angle.ptnr2_auth_atom_id 
_pdbx_struct_conn_angle.ptnr2_auth_asym_id 
_pdbx_struct_conn_angle.ptnr2_auth_comp_id 
_pdbx_struct_conn_angle.ptnr2_auth_seq_id 
_pdbx_struct_conn_angle.ptnr2_PDB_ins_code 
_pdbx_struct_conn_angle.ptnr2_symmetry 
_pdbx_struct_conn_angle.ptnr3_label_atom_id 
_pdbx_struct_conn_angle.ptnr3_label_alt_id 
_pdbx_struct_conn_angle.ptnr3_label_asym_id 
_pdbx_struct_conn_angle.ptnr3_label_comp_id 
_pdbx_struct_conn_angle.ptnr3_label_seq_id 
_pdbx_struct_conn_angle.ptnr3_auth_atom_id 
_pdbx_struct_conn_angle.ptnr3_auth_asym_id 
_pdbx_struct_conn_angle.ptnr3_auth_comp_id 
_pdbx_struct_conn_angle.ptnr3_auth_seq_id 
_pdbx_struct_conn_angle.ptnr3_PDB_ins_code 
_pdbx_struct_conn_angle.ptnr3_symmetry 
_pdbx_struct_conn_angle.value 
_pdbx_struct_conn_angle.value_esd 
1  SG  ? A CYS 7  ? A CYS 1113 ? 1_555 ZN ? D ZN . ? A ZN 1303 ? 1_555 ND1 ? A HIS 9  ? A HIS 1115 ? 1_555 111.5 ? 
2  SG  ? A CYS 7  ? A CYS 1113 ? 1_555 ZN ? D ZN . ? A ZN 1303 ? 1_555 SG  ? A CYS 77 ? A CYS 1183 ? 1_555 115.9 ? 
3  ND1 ? A HIS 9  ? A HIS 1115 ? 1_555 ZN ? D ZN . ? A ZN 1303 ? 1_555 SG  ? A CYS 77 ? A CYS 1183 ? 1_555 97.7  ? 
4  SG  ? A CYS 7  ? A CYS 1113 ? 1_555 ZN ? D ZN . ? A ZN 1303 ? 1_555 SG  ? A CYS 80 ? A CYS 1186 ? 1_555 113.6 ? 
5  ND1 ? A HIS 9  ? A HIS 1115 ? 1_555 ZN ? D ZN . ? A ZN 1303 ? 1_555 SG  ? A CYS 80 ? A CYS 1186 ? 1_555 104.0 ? 
6  SG  ? A CYS 77 ? A CYS 1183 ? 1_555 ZN ? D ZN . ? A ZN 1303 ? 1_555 SG  ? A CYS 80 ? A CYS 1186 ? 1_555 112.2 ? 
7  SG  ? A CYS 27 ? A CYS 1133 ? 1_555 ZN ? C ZN . ? A ZN 1302 ? 1_555 SG  ? A CYS 30 ? A CYS 1136 ? 1_555 109.9 ? 
8  SG  ? A CYS 27 ? A CYS 1133 ? 1_555 ZN ? C ZN . ? A ZN 1302 ? 1_555 SG  ? A CYS 47 ? A CYS 1153 ? 1_555 112.7 ? 
9  SG  ? A CYS 30 ? A CYS 1136 ? 1_555 ZN ? C ZN . ? A ZN 1302 ? 1_555 SG  ? A CYS 47 ? A CYS 1153 ? 1_555 115.2 ? 
10 SG  ? A CYS 27 ? A CYS 1133 ? 1_555 ZN ? C ZN . ? A ZN 1302 ? 1_555 ND1 ? A HIS 54 ? A HIS 1160 ? 1_555 106.6 ? 
11 SG  ? A CYS 30 ? A CYS 1136 ? 1_555 ZN ? C ZN . ? A ZN 1302 ? 1_555 ND1 ? A HIS 54 ? A HIS 1160 ? 1_555 109.9 ? 
12 SG  ? A CYS 47 ? A CYS 1153 ? 1_555 ZN ? C ZN . ? A ZN 1302 ? 1_555 ND1 ? A HIS 54 ? A HIS 1160 ? 1_555 101.8 ? 
13 SG  ? A CYS 39 ? A CYS 1145 ? 1_555 ZN ? B ZN . ? A ZN 1301 ? 1_555 SG  ? A CYS 42 ? A CYS 1148 ? 1_555 120.0 ? 
14 SG  ? A CYS 39 ? A CYS 1145 ? 1_555 ZN ? B ZN . ? A ZN 1301 ? 1_555 NE2 ? A HIS 58 ? A HIS 1164 ? 1_555 117.2 ? 
15 SG  ? A CYS 42 ? A CYS 1148 ? 1_555 ZN ? B ZN . ? A ZN 1301 ? 1_555 NE2 ? A HIS 58 ? A HIS 1164 ? 1_555 98.1  ? 
16 SG  ? A CYS 39 ? A CYS 1145 ? 1_555 ZN ? B ZN . ? A ZN 1301 ? 1_555 ND1 ? A HIS 64 ? A HIS 1170 ? 1_555 110.3 ? 
17 SG  ? A CYS 42 ? A CYS 1148 ? 1_555 ZN ? B ZN . ? A ZN 1301 ? 1_555 ND1 ? A HIS 64 ? A HIS 1170 ? 1_555 99.7  ? 
18 NE2 ? A HIS 58 ? A HIS 1164 ? 1_555 ZN ? B ZN . ? A ZN 1301 ? 1_555 ND1 ? A HIS 64 ? A HIS 1170 ? 1_555 109.7 ? 
# 
loop_
_pdbx_audit_revision_history.ordinal 
_pdbx_audit_revision_history.data_content_type 
_pdbx_audit_revision_history.major_revision 
_pdbx_audit_revision_history.minor_revision 
_pdbx_audit_revision_history.revision_date 
1 'Structure model' 1 0 2018-02-28 
2 'Structure model' 1 1 2018-05-16 
3 'Structure model' 1 2 2018-05-30 
4 'Structure model' 1 3 2023-10-04 
# 
_pdbx_audit_revision_details.ordinal             1 
_pdbx_audit_revision_details.revision_ordinal    1 
_pdbx_audit_revision_details.data_content_type   'Structure model' 
_pdbx_audit_revision_details.provider            repository 
_pdbx_audit_revision_details.type                'Initial release' 
_pdbx_audit_revision_details.description         ? 
_pdbx_audit_revision_details.details             ? 
# 
loop_
_pdbx_audit_revision_group.ordinal 
_pdbx_audit_revision_group.revision_ordinal 
_pdbx_audit_revision_group.data_content_type 
_pdbx_audit_revision_group.group 
1 2 'Structure model' 'Data collection'        
2 2 'Structure model' 'Database references'    
3 3 'Structure model' 'Data collection'        
4 3 'Structure model' 'Database references'    
5 4 'Structure model' 'Data collection'        
6 4 'Structure model' 'Database references'    
7 4 'Structure model' 'Refinement description' 
# 
loop_
_pdbx_audit_revision_category.ordinal 
_pdbx_audit_revision_category.revision_ordinal 
_pdbx_audit_revision_category.data_content_type 
_pdbx_audit_revision_category.category 
1 2 'Structure model' citation                      
2 2 'Structure model' citation_author               
3 3 'Structure model' citation                      
4 4 'Structure model' chem_comp_atom                
5 4 'Structure model' chem_comp_bond                
6 4 'Structure model' database_2                    
7 4 'Structure model' pdbx_initial_refinement_model 
# 
loop_
_pdbx_audit_revision_item.ordinal 
_pdbx_audit_revision_item.revision_ordinal 
_pdbx_audit_revision_item.data_content_type 
_pdbx_audit_revision_item.item 
1  2 'Structure model' '_citation.country'                   
2  2 'Structure model' '_citation.journal_abbrev'            
3  2 'Structure model' '_citation.journal_id_ASTM'           
4  2 'Structure model' '_citation.journal_id_CSD'            
5  2 'Structure model' '_citation.journal_id_ISSN'           
6  2 'Structure model' '_citation.pdbx_database_id_DOI'      
7  2 'Structure model' '_citation.pdbx_database_id_PubMed'   
8  2 'Structure model' '_citation.title'                     
9  2 'Structure model' '_citation.year'                      
10 3 'Structure model' '_citation.journal_volume'            
11 3 'Structure model' '_citation.page_first'                
12 3 'Structure model' '_citation.page_last'                 
13 4 'Structure model' '_database_2.pdbx_DOI'                
14 4 'Structure model' '_database_2.pdbx_database_accession' 
# 
loop_
_software.citation_id 
_software.classification 
_software.compiler_name 
_software.compiler_version 
_software.contact_author 
_software.contact_author_email 
_software.date 
_software.description 
_software.dependencies 
_software.hardware 
_software.language 
_software.location 
_software.mods 
_software.name 
_software.os 
_software.os_version 
_software.type 
_software.version 
_software.pdbx_ordinal 
? refinement        ? ? ? ? ? ? ? ? ? ? ? REFMAC      ? ? ? 5.8.0189 1 
? 'data scaling'    ? ? ? ? ? ? ? ? ? ? ? Aimless     ? ? ? 0.6.2    2 
? 'data extraction' ? ? ? ? ? ? ? ? ? ? ? PDB_EXTRACT ? ? ? 3.24     3 
? 'data reduction'  ? ? ? ? ? ? ? ? ? ? ? xia2        ? ? ? .        4 
# 
loop_
_pdbx_validate_torsion.id 
_pdbx_validate_torsion.PDB_model_num 
_pdbx_validate_torsion.auth_comp_id 
_pdbx_validate_torsion.auth_asym_id 
_pdbx_validate_torsion.auth_seq_id 
_pdbx_validate_torsion.PDB_ins_code 
_pdbx_validate_torsion.label_alt_id 
_pdbx_validate_torsion.phi 
_pdbx_validate_torsion.psi 
1 1 ASP A 1135 ? B -88.19  -71.90 
2 1 ILE A 1157 ? ? -100.16 -99.48 
# 
loop_
_pdbx_unobs_or_zero_occ_atoms.id 
_pdbx_unobs_or_zero_occ_atoms.PDB_model_num 
_pdbx_unobs_or_zero_occ_atoms.polymer_flag 
_pdbx_unobs_or_zero_occ_atoms.occupancy_flag 
_pdbx_unobs_or_zero_occ_atoms.auth_asym_id 
_pdbx_unobs_or_zero_occ_atoms.auth_comp_id 
_pdbx_unobs_or_zero_occ_atoms.auth_seq_id 
_pdbx_unobs_or_zero_occ_atoms.PDB_ins_code 
_pdbx_unobs_or_zero_occ_atoms.auth_atom_id 
_pdbx_unobs_or_zero_occ_atoms.label_alt_id 
_pdbx_unobs_or_zero_occ_atoms.label_asym_id 
_pdbx_unobs_or_zero_occ_atoms.label_comp_id 
_pdbx_unobs_or_zero_occ_atoms.label_seq_id 
_pdbx_unobs_or_zero_occ_atoms.label_atom_id 
1 1 Y 1 A LEU 1196 ? CG  ? A LEU 90 CG  
2 1 Y 1 A LEU 1196 ? CD1 ? A LEU 90 CD1 
3 1 Y 1 A LEU 1196 ? CD2 ? A LEU 90 CD2 
4 1 Y 1 A GLN 1204 ? CD  ? A GLN 98 CD  
5 1 Y 1 A GLN 1204 ? OE1 ? A GLN 98 OE1 
6 1 Y 1 A GLN 1204 ? NE2 ? A GLN 98 NE2 
# 
loop_
_pdbx_unobs_or_zero_occ_residues.id 
_pdbx_unobs_or_zero_occ_residues.PDB_model_num 
_pdbx_unobs_or_zero_occ_residues.polymer_flag 
_pdbx_unobs_or_zero_occ_residues.occupancy_flag 
_pdbx_unobs_or_zero_occ_residues.auth_asym_id 
_pdbx_unobs_or_zero_occ_residues.auth_comp_id 
_pdbx_unobs_or_zero_occ_residues.auth_seq_id 
_pdbx_unobs_or_zero_occ_residues.PDB_ins_code 
_pdbx_unobs_or_zero_occ_residues.label_asym_id 
_pdbx_unobs_or_zero_occ_residues.label_comp_id 
_pdbx_unobs_or_zero_occ_residues.label_seq_id 
1 1 Y 1 A GLY 1107 ? A GLY 1   
2 1 Y 1 A GLY 1208 ? A GLY 102 
3 1 Y 1 A GLU 1209 ? A GLU 103 
4 1 Y 1 A ASP 1210 ? A ASP 104 
5 1 Y 1 A MET 1211 ? A MET 105 
6 1 Y 1 A PRO 1212 ? A PRO 106 
7 1 Y 1 A HIS 1213 ? A HIS 107 
# 
loop_
_chem_comp_atom.comp_id 
_chem_comp_atom.atom_id 
_chem_comp_atom.type_symbol 
_chem_comp_atom.pdbx_aromatic_flag 
_chem_comp_atom.pdbx_stereo_config 
_chem_comp_atom.pdbx_ordinal 
ALA N    N  N N 1   
ALA CA   C  N S 2   
ALA C    C  N N 3   
ALA O    O  N N 4   
ALA CB   C  N N 5   
ALA OXT  O  N N 6   
ALA H    H  N N 7   
ALA H2   H  N N 8   
ALA HA   H  N N 9   
ALA HB1  H  N N 10  
ALA HB2  H  N N 11  
ALA HB3  H  N N 12  
ALA HXT  H  N N 13  
ARG N    N  N N 14  
ARG CA   C  N S 15  
ARG C    C  N N 16  
ARG O    O  N N 17  
ARG CB   C  N N 18  
ARG CG   C  N N 19  
ARG CD   C  N N 20  
ARG NE   N  N N 21  
ARG CZ   C  N N 22  
ARG NH1  N  N N 23  
ARG NH2  N  N N 24  
ARG OXT  O  N N 25  
ARG H    H  N N 26  
ARG H2   H  N N 27  
ARG HA   H  N N 28  
ARG HB2  H  N N 29  
ARG HB3  H  N N 30  
ARG HG2  H  N N 31  
ARG HG3  H  N N 32  
ARG HD2  H  N N 33  
ARG HD3  H  N N 34  
ARG HE   H  N N 35  
ARG HH11 H  N N 36  
ARG HH12 H  N N 37  
ARG HH21 H  N N 38  
ARG HH22 H  N N 39  
ARG HXT  H  N N 40  
ASN N    N  N N 41  
ASN CA   C  N S 42  
ASN C    C  N N 43  
ASN O    O  N N 44  
ASN CB   C  N N 45  
ASN CG   C  N N 46  
ASN OD1  O  N N 47  
ASN ND2  N  N N 48  
ASN OXT  O  N N 49  
ASN H    H  N N 50  
ASN H2   H  N N 51  
ASN HA   H  N N 52  
ASN HB2  H  N N 53  
ASN HB3  H  N N 54  
ASN HD21 H  N N 55  
ASN HD22 H  N N 56  
ASN HXT  H  N N 57  
ASP N    N  N N 58  
ASP CA   C  N S 59  
ASP C    C  N N 60  
ASP O    O  N N 61  
ASP CB   C  N N 62  
ASP CG   C  N N 63  
ASP OD1  O  N N 64  
ASP OD2  O  N N 65  
ASP OXT  O  N N 66  
ASP H    H  N N 67  
ASP H2   H  N N 68  
ASP HA   H  N N 69  
ASP HB2  H  N N 70  
ASP HB3  H  N N 71  
ASP HD2  H  N N 72  
ASP HXT  H  N N 73  
CYS N    N  N N 74  
CYS CA   C  N R 75  
CYS C    C  N N 76  
CYS O    O  N N 77  
CYS CB   C  N N 78  
CYS SG   S  N N 79  
CYS OXT  O  N N 80  
CYS H    H  N N 81  
CYS H2   H  N N 82  
CYS HA   H  N N 83  
CYS HB2  H  N N 84  
CYS HB3  H  N N 85  
CYS HG   H  N N 86  
CYS HXT  H  N N 87  
EY7 O1   O  N N 88  
EY7 O2   O  N N 89  
EY7 C3   C  N N 90  
EY7 C5   C  N N 91  
EY7 C7   C  Y N 92  
EY7 C8   C  Y N 93  
EY7 C9   C  Y N 94  
EY7 C4   C  N N 95  
EY7 C2   C  Y N 96  
EY7 N    N  Y N 97  
EY7 C6   C  Y N 98  
EY7 C11  C  Y N 99  
EY7 C10  C  Y N 100 
EY7 N1   N  Y N 101 
EY7 C1   C  Y N 102 
EY7 O    O  N N 103 
EY7 C    C  N N 104 
EY7 H1   H  N N 105 
EY7 H2   H  N N 106 
EY7 H3   H  N N 107 
EY7 H4   H  N N 108 
EY7 H5   H  N N 109 
EY7 H6   H  N N 110 
EY7 H7   H  N N 111 
EY7 H8   H  N N 112 
EY7 H9   H  N N 113 
EY7 H10  H  N N 114 
EY7 H11  H  N N 115 
EY7 H12  H  N N 116 
GLN N    N  N N 117 
GLN CA   C  N S 118 
GLN C    C  N N 119 
GLN O    O  N N 120 
GLN CB   C  N N 121 
GLN CG   C  N N 122 
GLN CD   C  N N 123 
GLN OE1  O  N N 124 
GLN NE2  N  N N 125 
GLN OXT  O  N N 126 
GLN H    H  N N 127 
GLN H2   H  N N 128 
GLN HA   H  N N 129 
GLN HB2  H  N N 130 
GLN HB3  H  N N 131 
GLN HG2  H  N N 132 
GLN HG3  H  N N 133 
GLN HE21 H  N N 134 
GLN HE22 H  N N 135 
GLN HXT  H  N N 136 
GLU N    N  N N 137 
GLU CA   C  N S 138 
GLU C    C  N N 139 
GLU O    O  N N 140 
GLU CB   C  N N 141 
GLU CG   C  N N 142 
GLU CD   C  N N 143 
GLU OE1  O  N N 144 
GLU OE2  O  N N 145 
GLU OXT  O  N N 146 
GLU H    H  N N 147 
GLU H2   H  N N 148 
GLU HA   H  N N 149 
GLU HB2  H  N N 150 
GLU HB3  H  N N 151 
GLU HG2  H  N N 152 
GLU HG3  H  N N 153 
GLU HE2  H  N N 154 
GLU HXT  H  N N 155 
GLY N    N  N N 156 
GLY CA   C  N N 157 
GLY C    C  N N 158 
GLY O    O  N N 159 
GLY OXT  O  N N 160 
GLY H    H  N N 161 
GLY H2   H  N N 162 
GLY HA2  H  N N 163 
GLY HA3  H  N N 164 
GLY HXT  H  N N 165 
HIS N    N  N N 166 
HIS CA   C  N S 167 
HIS C    C  N N 168 
HIS O    O  N N 169 
HIS CB   C  N N 170 
HIS CG   C  Y N 171 
HIS ND1  N  Y N 172 
HIS CD2  C  Y N 173 
HIS CE1  C  Y N 174 
HIS NE2  N  Y N 175 
HIS OXT  O  N N 176 
HIS H    H  N N 177 
HIS H2   H  N N 178 
HIS HA   H  N N 179 
HIS HB2  H  N N 180 
HIS HB3  H  N N 181 
HIS HD1  H  N N 182 
HIS HD2  H  N N 183 
HIS HE1  H  N N 184 
HIS HE2  H  N N 185 
HIS HXT  H  N N 186 
HOH O    O  N N 187 
HOH H1   H  N N 188 
HOH H2   H  N N 189 
ILE N    N  N N 190 
ILE CA   C  N S 191 
ILE C    C  N N 192 
ILE O    O  N N 193 
ILE CB   C  N S 194 
ILE CG1  C  N N 195 
ILE CG2  C  N N 196 
ILE CD1  C  N N 197 
ILE OXT  O  N N 198 
ILE H    H  N N 199 
ILE H2   H  N N 200 
ILE HA   H  N N 201 
ILE HB   H  N N 202 
ILE HG12 H  N N 203 
ILE HG13 H  N N 204 
ILE HG21 H  N N 205 
ILE HG22 H  N N 206 
ILE HG23 H  N N 207 
ILE HD11 H  N N 208 
ILE HD12 H  N N 209 
ILE HD13 H  N N 210 
ILE HXT  H  N N 211 
LEU N    N  N N 212 
LEU CA   C  N S 213 
LEU C    C  N N 214 
LEU O    O  N N 215 
LEU CB   C  N N 216 
LEU CG   C  N N 217 
LEU CD1  C  N N 218 
LEU CD2  C  N N 219 
LEU OXT  O  N N 220 
LEU H    H  N N 221 
LEU H2   H  N N 222 
LEU HA   H  N N 223 
LEU HB2  H  N N 224 
LEU HB3  H  N N 225 
LEU HG   H  N N 226 
LEU HD11 H  N N 227 
LEU HD12 H  N N 228 
LEU HD13 H  N N 229 
LEU HD21 H  N N 230 
LEU HD22 H  N N 231 
LEU HD23 H  N N 232 
LEU HXT  H  N N 233 
LYS N    N  N N 234 
LYS CA   C  N S 235 
LYS C    C  N N 236 
LYS O    O  N N 237 
LYS CB   C  N N 238 
LYS CG   C  N N 239 
LYS CD   C  N N 240 
LYS CE   C  N N 241 
LYS NZ   N  N N 242 
LYS OXT  O  N N 243 
LYS H    H  N N 244 
LYS H2   H  N N 245 
LYS HA   H  N N 246 
LYS HB2  H  N N 247 
LYS HB3  H  N N 248 
LYS HG2  H  N N 249 
LYS HG3  H  N N 250 
LYS HD2  H  N N 251 
LYS HD3  H  N N 252 
LYS HE2  H  N N 253 
LYS HE3  H  N N 254 
LYS HZ1  H  N N 255 
LYS HZ2  H  N N 256 
LYS HZ3  H  N N 257 
LYS HXT  H  N N 258 
MET N    N  N N 259 
MET CA   C  N S 260 
MET C    C  N N 261 
MET O    O  N N 262 
MET CB   C  N N 263 
MET CG   C  N N 264 
MET SD   S  N N 265 
MET CE   C  N N 266 
MET OXT  O  N N 267 
MET H    H  N N 268 
MET H2   H  N N 269 
MET HA   H  N N 270 
MET HB2  H  N N 271 
MET HB3  H  N N 272 
MET HG2  H  N N 273 
MET HG3  H  N N 274 
MET HE1  H  N N 275 
MET HE2  H  N N 276 
MET HE3  H  N N 277 
MET HXT  H  N N 278 
PHE N    N  N N 279 
PHE CA   C  N S 280 
PHE C    C  N N 281 
PHE O    O  N N 282 
PHE CB   C  N N 283 
PHE CG   C  Y N 284 
PHE CD1  C  Y N 285 
PHE CD2  C  Y N 286 
PHE CE1  C  Y N 287 
PHE CE2  C  Y N 288 
PHE CZ   C  Y N 289 
PHE OXT  O  N N 290 
PHE H    H  N N 291 
PHE H2   H  N N 292 
PHE HA   H  N N 293 
PHE HB2  H  N N 294 
PHE HB3  H  N N 295 
PHE HD1  H  N N 296 
PHE HD2  H  N N 297 
PHE HE1  H  N N 298 
PHE HE2  H  N N 299 
PHE HZ   H  N N 300 
PHE HXT  H  N N 301 
PRO N    N  N N 302 
PRO CA   C  N S 303 
PRO C    C  N N 304 
PRO O    O  N N 305 
PRO CB   C  N N 306 
PRO CG   C  N N 307 
PRO CD   C  N N 308 
PRO OXT  O  N N 309 
PRO H    H  N N 310 
PRO HA   H  N N 311 
PRO HB2  H  N N 312 
PRO HB3  H  N N 313 
PRO HG2  H  N N 314 
PRO HG3  H  N N 315 
PRO HD2  H  N N 316 
PRO HD3  H  N N 317 
PRO HXT  H  N N 318 
SER N    N  N N 319 
SER CA   C  N S 320 
SER C    C  N N 321 
SER O    O  N N 322 
SER CB   C  N N 323 
SER OG   O  N N 324 
SER OXT  O  N N 325 
SER H    H  N N 326 
SER H2   H  N N 327 
SER HA   H  N N 328 
SER HB2  H  N N 329 
SER HB3  H  N N 330 
SER HG   H  N N 331 
SER HXT  H  N N 332 
THR N    N  N N 333 
THR CA   C  N S 334 
THR C    C  N N 335 
THR O    O  N N 336 
THR CB   C  N R 337 
THR OG1  O  N N 338 
THR CG2  C  N N 339 
THR OXT  O  N N 340 
THR H    H  N N 341 
THR H2   H  N N 342 
THR HA   H  N N 343 
THR HB   H  N N 344 
THR HG1  H  N N 345 
THR HG21 H  N N 346 
THR HG22 H  N N 347 
THR HG23 H  N N 348 
THR HXT  H  N N 349 
TRP N    N  N N 350 
TRP CA   C  N S 351 
TRP C    C  N N 352 
TRP O    O  N N 353 
TRP CB   C  N N 354 
TRP CG   C  Y N 355 
TRP CD1  C  Y N 356 
TRP CD2  C  Y N 357 
TRP NE1  N  Y N 358 
TRP CE2  C  Y N 359 
TRP CE3  C  Y N 360 
TRP CZ2  C  Y N 361 
TRP CZ3  C  Y N 362 
TRP CH2  C  Y N 363 
TRP OXT  O  N N 364 
TRP H    H  N N 365 
TRP H2   H  N N 366 
TRP HA   H  N N 367 
TRP HB2  H  N N 368 
TRP HB3  H  N N 369 
TRP HD1  H  N N 370 
TRP HE1  H  N N 371 
TRP HE3  H  N N 372 
TRP HZ2  H  N N 373 
TRP HZ3  H  N N 374 
TRP HH2  H  N N 375 
TRP HXT  H  N N 376 
TYR N    N  N N 377 
TYR CA   C  N S 378 
TYR C    C  N N 379 
TYR O    O  N N 380 
TYR CB   C  N N 381 
TYR CG   C  Y N 382 
TYR CD1  C  Y N 383 
TYR CD2  C  Y N 384 
TYR CE1  C  Y N 385 
TYR CE2  C  Y N 386 
TYR CZ   C  Y N 387 
TYR OH   O  N N 388 
TYR OXT  O  N N 389 
TYR H    H  N N 390 
TYR H2   H  N N 391 
TYR HA   H  N N 392 
TYR HB2  H  N N 393 
TYR HB3  H  N N 394 
TYR HD1  H  N N 395 
TYR HD2  H  N N 396 
TYR HE1  H  N N 397 
TYR HE2  H  N N 398 
TYR HH   H  N N 399 
TYR HXT  H  N N 400 
VAL N    N  N N 401 
VAL CA   C  N S 402 
VAL C    C  N N 403 
VAL O    O  N N 404 
VAL CB   C  N N 405 
VAL CG1  C  N N 406 
VAL CG2  C  N N 407 
VAL OXT  O  N N 408 
VAL H    H  N N 409 
VAL H2   H  N N 410 
VAL HA   H  N N 411 
VAL HB   H  N N 412 
VAL HG11 H  N N 413 
VAL HG12 H  N N 414 
VAL HG13 H  N N 415 
VAL HG21 H  N N 416 
VAL HG22 H  N N 417 
VAL HG23 H  N N 418 
VAL HXT  H  N N 419 
ZN  ZN   ZN N N 420 
# 
loop_
_chem_comp_bond.comp_id 
_chem_comp_bond.atom_id_1 
_chem_comp_bond.atom_id_2 
_chem_comp_bond.value_order 
_chem_comp_bond.pdbx_aromatic_flag 
_chem_comp_bond.pdbx_stereo_config 
_chem_comp_bond.pdbx_ordinal 
ALA N   CA   sing N N 1   
ALA N   H    sing N N 2   
ALA N   H2   sing N N 3   
ALA CA  C    sing N N 4   
ALA CA  CB   sing N N 5   
ALA CA  HA   sing N N 6   
ALA C   O    doub N N 7   
ALA C   OXT  sing N N 8   
ALA CB  HB1  sing N N 9   
ALA CB  HB2  sing N N 10  
ALA CB  HB3  sing N N 11  
ALA OXT HXT  sing N N 12  
ARG N   CA   sing N N 13  
ARG N   H    sing N N 14  
ARG N   H2   sing N N 15  
ARG CA  C    sing N N 16  
ARG CA  CB   sing N N 17  
ARG CA  HA   sing N N 18  
ARG C   O    doub N N 19  
ARG C   OXT  sing N N 20  
ARG CB  CG   sing N N 21  
ARG CB  HB2  sing N N 22  
ARG CB  HB3  sing N N 23  
ARG CG  CD   sing N N 24  
ARG CG  HG2  sing N N 25  
ARG CG  HG3  sing N N 26  
ARG CD  NE   sing N N 27  
ARG CD  HD2  sing N N 28  
ARG CD  HD3  sing N N 29  
ARG NE  CZ   sing N N 30  
ARG NE  HE   sing N N 31  
ARG CZ  NH1  sing N N 32  
ARG CZ  NH2  doub N N 33  
ARG NH1 HH11 sing N N 34  
ARG NH1 HH12 sing N N 35  
ARG NH2 HH21 sing N N 36  
ARG NH2 HH22 sing N N 37  
ARG OXT HXT  sing N N 38  
ASN N   CA   sing N N 39  
ASN N   H    sing N N 40  
ASN N   H2   sing N N 41  
ASN CA  C    sing N N 42  
ASN CA  CB   sing N N 43  
ASN CA  HA   sing N N 44  
ASN C   O    doub N N 45  
ASN C   OXT  sing N N 46  
ASN CB  CG   sing N N 47  
ASN CB  HB2  sing N N 48  
ASN CB  HB3  sing N N 49  
ASN CG  OD1  doub N N 50  
ASN CG  ND2  sing N N 51  
ASN ND2 HD21 sing N N 52  
ASN ND2 HD22 sing N N 53  
ASN OXT HXT  sing N N 54  
ASP N   CA   sing N N 55  
ASP N   H    sing N N 56  
ASP N   H2   sing N N 57  
ASP CA  C    sing N N 58  
ASP CA  CB   sing N N 59  
ASP CA  HA   sing N N 60  
ASP C   O    doub N N 61  
ASP C   OXT  sing N N 62  
ASP CB  CG   sing N N 63  
ASP CB  HB2  sing N N 64  
ASP CB  HB3  sing N N 65  
ASP CG  OD1  doub N N 66  
ASP CG  OD2  sing N N 67  
ASP OD2 HD2  sing N N 68  
ASP OXT HXT  sing N N 69  
CYS N   CA   sing N N 70  
CYS N   H    sing N N 71  
CYS N   H2   sing N N 72  
CYS CA  C    sing N N 73  
CYS CA  CB   sing N N 74  
CYS CA  HA   sing N N 75  
CYS C   O    doub N N 76  
CYS C   OXT  sing N N 77  
CYS CB  SG   sing N N 78  
CYS CB  HB2  sing N N 79  
CYS CB  HB3  sing N N 80  
CYS SG  HG   sing N N 81  
CYS OXT HXT  sing N N 82  
EY7 C8  C9   doub Y N 83  
EY7 C8  C7   sing Y N 84  
EY7 C9  C10  sing Y N 85  
EY7 C7  C6   doub Y N 86  
EY7 C10 C11  doub Y N 87  
EY7 C6  C11  sing Y N 88  
EY7 C6  N    sing Y N 89  
EY7 C11 N1   sing Y N 90  
EY7 N   C2   doub Y N 91  
EY7 N1  C1   doub Y N 92  
EY7 C2  C1   sing Y N 93  
EY7 C2  C3   sing N N 94  
EY7 O2  C5   doub N N 95  
EY7 C1  O    sing N N 96  
EY7 C4  C5   sing N N 97  
EY7 C4  C3   sing N N 98  
EY7 C5  O1   sing N N 99  
EY7 O   C    sing N N 100 
EY7 O1  H1   sing N N 101 
EY7 C3  H2   sing N N 102 
EY7 C3  H3   sing N N 103 
EY7 C7  H4   sing N N 104 
EY7 C8  H5   sing N N 105 
EY7 C9  H6   sing N N 106 
EY7 C4  H7   sing N N 107 
EY7 C4  H8   sing N N 108 
EY7 C10 H9   sing N N 109 
EY7 C   H10  sing N N 110 
EY7 C   H11  sing N N 111 
EY7 C   H12  sing N N 112 
GLN N   CA   sing N N 113 
GLN N   H    sing N N 114 
GLN N   H2   sing N N 115 
GLN CA  C    sing N N 116 
GLN CA  CB   sing N N 117 
GLN CA  HA   sing N N 118 
GLN C   O    doub N N 119 
GLN C   OXT  sing N N 120 
GLN CB  CG   sing N N 121 
GLN CB  HB2  sing N N 122 
GLN CB  HB3  sing N N 123 
GLN CG  CD   sing N N 124 
GLN CG  HG2  sing N N 125 
GLN CG  HG3  sing N N 126 
GLN CD  OE1  doub N N 127 
GLN CD  NE2  sing N N 128 
GLN NE2 HE21 sing N N 129 
GLN NE2 HE22 sing N N 130 
GLN OXT HXT  sing N N 131 
GLU N   CA   sing N N 132 
GLU N   H    sing N N 133 
GLU N   H2   sing N N 134 
GLU CA  C    sing N N 135 
GLU CA  CB   sing N N 136 
GLU CA  HA   sing N N 137 
GLU C   O    doub N N 138 
GLU C   OXT  sing N N 139 
GLU CB  CG   sing N N 140 
GLU CB  HB2  sing N N 141 
GLU CB  HB3  sing N N 142 
GLU CG  CD   sing N N 143 
GLU CG  HG2  sing N N 144 
GLU CG  HG3  sing N N 145 
GLU CD  OE1  doub N N 146 
GLU CD  OE2  sing N N 147 
GLU OE2 HE2  sing N N 148 
GLU OXT HXT  sing N N 149 
GLY N   CA   sing N N 150 
GLY N   H    sing N N 151 
GLY N   H2   sing N N 152 
GLY CA  C    sing N N 153 
GLY CA  HA2  sing N N 154 
GLY CA  HA3  sing N N 155 
GLY C   O    doub N N 156 
GLY C   OXT  sing N N 157 
GLY OXT HXT  sing N N 158 
HIS N   CA   sing N N 159 
HIS N   H    sing N N 160 
HIS N   H2   sing N N 161 
HIS CA  C    sing N N 162 
HIS CA  CB   sing N N 163 
HIS CA  HA   sing N N 164 
HIS C   O    doub N N 165 
HIS C   OXT  sing N N 166 
HIS CB  CG   sing N N 167 
HIS CB  HB2  sing N N 168 
HIS CB  HB3  sing N N 169 
HIS CG  ND1  sing Y N 170 
HIS CG  CD2  doub Y N 171 
HIS ND1 CE1  doub Y N 172 
HIS ND1 HD1  sing N N 173 
HIS CD2 NE2  sing Y N 174 
HIS CD2 HD2  sing N N 175 
HIS CE1 NE2  sing Y N 176 
HIS CE1 HE1  sing N N 177 
HIS NE2 HE2  sing N N 178 
HIS OXT HXT  sing N N 179 
HOH O   H1   sing N N 180 
HOH O   H2   sing N N 181 
ILE N   CA   sing N N 182 
ILE N   H    sing N N 183 
ILE N   H2   sing N N 184 
ILE CA  C    sing N N 185 
ILE CA  CB   sing N N 186 
ILE CA  HA   sing N N 187 
ILE C   O    doub N N 188 
ILE C   OXT  sing N N 189 
ILE CB  CG1  sing N N 190 
ILE CB  CG2  sing N N 191 
ILE CB  HB   sing N N 192 
ILE CG1 CD1  sing N N 193 
ILE CG1 HG12 sing N N 194 
ILE CG1 HG13 sing N N 195 
ILE CG2 HG21 sing N N 196 
ILE CG2 HG22 sing N N 197 
ILE CG2 HG23 sing N N 198 
ILE CD1 HD11 sing N N 199 
ILE CD1 HD12 sing N N 200 
ILE CD1 HD13 sing N N 201 
ILE OXT HXT  sing N N 202 
LEU N   CA   sing N N 203 
LEU N   H    sing N N 204 
LEU N   H2   sing N N 205 
LEU CA  C    sing N N 206 
LEU CA  CB   sing N N 207 
LEU CA  HA   sing N N 208 
LEU C   O    doub N N 209 
LEU C   OXT  sing N N 210 
LEU CB  CG   sing N N 211 
LEU CB  HB2  sing N N 212 
LEU CB  HB3  sing N N 213 
LEU CG  CD1  sing N N 214 
LEU CG  CD2  sing N N 215 
LEU CG  HG   sing N N 216 
LEU CD1 HD11 sing N N 217 
LEU CD1 HD12 sing N N 218 
LEU CD1 HD13 sing N N 219 
LEU CD2 HD21 sing N N 220 
LEU CD2 HD22 sing N N 221 
LEU CD2 HD23 sing N N 222 
LEU OXT HXT  sing N N 223 
LYS N   CA   sing N N 224 
LYS N   H    sing N N 225 
LYS N   H2   sing N N 226 
LYS CA  C    sing N N 227 
LYS CA  CB   sing N N 228 
LYS CA  HA   sing N N 229 
LYS C   O    doub N N 230 
LYS C   OXT  sing N N 231 
LYS CB  CG   sing N N 232 
LYS CB  HB2  sing N N 233 
LYS CB  HB3  sing N N 234 
LYS CG  CD   sing N N 235 
LYS CG  HG2  sing N N 236 
LYS CG  HG3  sing N N 237 
LYS CD  CE   sing N N 238 
LYS CD  HD2  sing N N 239 
LYS CD  HD3  sing N N 240 
LYS CE  NZ   sing N N 241 
LYS CE  HE2  sing N N 242 
LYS CE  HE3  sing N N 243 
LYS NZ  HZ1  sing N N 244 
LYS NZ  HZ2  sing N N 245 
LYS NZ  HZ3  sing N N 246 
LYS OXT HXT  sing N N 247 
MET N   CA   sing N N 248 
MET N   H    sing N N 249 
MET N   H2   sing N N 250 
MET CA  C    sing N N 251 
MET CA  CB   sing N N 252 
MET CA  HA   sing N N 253 
MET C   O    doub N N 254 
MET C   OXT  sing N N 255 
MET CB  CG   sing N N 256 
MET CB  HB2  sing N N 257 
MET CB  HB3  sing N N 258 
MET CG  SD   sing N N 259 
MET CG  HG2  sing N N 260 
MET CG  HG3  sing N N 261 
MET SD  CE   sing N N 262 
MET CE  HE1  sing N N 263 
MET CE  HE2  sing N N 264 
MET CE  HE3  sing N N 265 
MET OXT HXT  sing N N 266 
PHE N   CA   sing N N 267 
PHE N   H    sing N N 268 
PHE N   H2   sing N N 269 
PHE CA  C    sing N N 270 
PHE CA  CB   sing N N 271 
PHE CA  HA   sing N N 272 
PHE C   O    doub N N 273 
PHE C   OXT  sing N N 274 
PHE CB  CG   sing N N 275 
PHE CB  HB2  sing N N 276 
PHE CB  HB3  sing N N 277 
PHE CG  CD1  doub Y N 278 
PHE CG  CD2  sing Y N 279 
PHE CD1 CE1  sing Y N 280 
PHE CD1 HD1  sing N N 281 
PHE CD2 CE2  doub Y N 282 
PHE CD2 HD2  sing N N 283 
PHE CE1 CZ   doub Y N 284 
PHE CE1 HE1  sing N N 285 
PHE CE2 CZ   sing Y N 286 
PHE CE2 HE2  sing N N 287 
PHE CZ  HZ   sing N N 288 
PHE OXT HXT  sing N N 289 
PRO N   CA   sing N N 290 
PRO N   CD   sing N N 291 
PRO N   H    sing N N 292 
PRO CA  C    sing N N 293 
PRO CA  CB   sing N N 294 
PRO CA  HA   sing N N 295 
PRO C   O    doub N N 296 
PRO C   OXT  sing N N 297 
PRO CB  CG   sing N N 298 
PRO CB  HB2  sing N N 299 
PRO CB  HB3  sing N N 300 
PRO CG  CD   sing N N 301 
PRO CG  HG2  sing N N 302 
PRO CG  HG3  sing N N 303 
PRO CD  HD2  sing N N 304 
PRO CD  HD3  sing N N 305 
PRO OXT HXT  sing N N 306 
SER N   CA   sing N N 307 
SER N   H    sing N N 308 
SER N   H2   sing N N 309 
SER CA  C    sing N N 310 
SER CA  CB   sing N N 311 
SER CA  HA   sing N N 312 
SER C   O    doub N N 313 
SER C   OXT  sing N N 314 
SER CB  OG   sing N N 315 
SER CB  HB2  sing N N 316 
SER CB  HB3  sing N N 317 
SER OG  HG   sing N N 318 
SER OXT HXT  sing N N 319 
THR N   CA   sing N N 320 
THR N   H    sing N N 321 
THR N   H2   sing N N 322 
THR CA  C    sing N N 323 
THR CA  CB   sing N N 324 
THR CA  HA   sing N N 325 
THR C   O    doub N N 326 
THR C   OXT  sing N N 327 
THR CB  OG1  sing N N 328 
THR CB  CG2  sing N N 329 
THR CB  HB   sing N N 330 
THR OG1 HG1  sing N N 331 
THR CG2 HG21 sing N N 332 
THR CG2 HG22 sing N N 333 
THR CG2 HG23 sing N N 334 
THR OXT HXT  sing N N 335 
TRP N   CA   sing N N 336 
TRP N   H    sing N N 337 
TRP N   H2   sing N N 338 
TRP CA  C    sing N N 339 
TRP CA  CB   sing N N 340 
TRP CA  HA   sing N N 341 
TRP C   O    doub N N 342 
TRP C   OXT  sing N N 343 
TRP CB  CG   sing N N 344 
TRP CB  HB2  sing N N 345 
TRP CB  HB3  sing N N 346 
TRP CG  CD1  doub Y N 347 
TRP CG  CD2  sing Y N 348 
TRP CD1 NE1  sing Y N 349 
TRP CD1 HD1  sing N N 350 
TRP CD2 CE2  doub Y N 351 
TRP CD2 CE3  sing Y N 352 
TRP NE1 CE2  sing Y N 353 
TRP NE1 HE1  sing N N 354 
TRP CE2 CZ2  sing Y N 355 
TRP CE3 CZ3  doub Y N 356 
TRP CE3 HE3  sing N N 357 
TRP CZ2 CH2  doub Y N 358 
TRP CZ2 HZ2  sing N N 359 
TRP CZ3 CH2  sing Y N 360 
TRP CZ3 HZ3  sing N N 361 
TRP CH2 HH2  sing N N 362 
TRP OXT HXT  sing N N 363 
TYR N   CA   sing N N 364 
TYR N   H    sing N N 365 
TYR N   H2   sing N N 366 
TYR CA  C    sing N N 367 
TYR CA  CB   sing N N 368 
TYR CA  HA   sing N N 369 
TYR C   O    doub N N 370 
TYR C   OXT  sing N N 371 
TYR CB  CG   sing N N 372 
TYR CB  HB2  sing N N 373 
TYR CB  HB3  sing N N 374 
TYR CG  CD1  doub Y N 375 
TYR CG  CD2  sing Y N 376 
TYR CD1 CE1  sing Y N 377 
TYR CD1 HD1  sing N N 378 
TYR CD2 CE2  doub Y N 379 
TYR CD2 HD2  sing N N 380 
TYR CE1 CZ   doub Y N 381 
TYR CE1 HE1  sing N N 382 
TYR CE2 CZ   sing Y N 383 
TYR CE2 HE2  sing N N 384 
TYR CZ  OH   sing N N 385 
TYR OH  HH   sing N N 386 
TYR OXT HXT  sing N N 387 
VAL N   CA   sing N N 388 
VAL N   H    sing N N 389 
VAL N   H2   sing N N 390 
VAL CA  C    sing N N 391 
VAL CA  CB   sing N N 392 
VAL CA  HA   sing N N 393 
VAL C   O    doub N N 394 
VAL C   OXT  sing N N 395 
VAL CB  CG1  sing N N 396 
VAL CB  CG2  sing N N 397 
VAL CB  HB   sing N N 398 
VAL CG1 HG11 sing N N 399 
VAL CG1 HG12 sing N N 400 
VAL CG1 HG13 sing N N 401 
VAL CG2 HG21 sing N N 402 
VAL CG2 HG22 sing N N 403 
VAL CG2 HG23 sing N N 404 
VAL OXT HXT  sing N N 405 
# 
loop_
_pdbx_entity_nonpoly.entity_id 
_pdbx_entity_nonpoly.name 
_pdbx_entity_nonpoly.comp_id 
2 'ZINC ION'                                   ZN  
3 'UNKNOWN ATOM OR ION'                        UNX 
4 '3-(3-methoxyquinoxalin-2-yl)propanoic acid' EY7 
5 water                                        HOH 
# 
_pdbx_initial_refinement_model.id               1 
_pdbx_initial_refinement_model.entity_id_list   ? 
_pdbx_initial_refinement_model.type             'experimental model' 
_pdbx_initial_refinement_model.source_name      PDB 
_pdbx_initial_refinement_model.accession_code   5KH3 
_pdbx_initial_refinement_model.details          'pdbid 5KH3' 
# 
_pdbx_struct_assembly_auth_evidence.id                     1 
_pdbx_struct_assembly_auth_evidence.assembly_id            1 
_pdbx_struct_assembly_auth_evidence.experimental_support   'gel filtration' 
_pdbx_struct_assembly_auth_evidence.details                ? 
# 
